data_4KPN
#
_entry.id   4KPN
#
_cell.length_a   125.850
_cell.length_b   126.080
_cell.length_c   253.640
_cell.angle_alpha   90.00
_cell.angle_beta   90.00
_cell.angle_gamma   90.00
#
_symmetry.space_group_name_H-M   'P 21 21 21'
#
loop_
_entity.id
_entity.type
_entity.pdbx_description
1 polymer 'Nucleoside N-ribohydrolase 1'
2 non-polymer 'CALCIUM ION'
3 water water
#
_entity_poly.entity_id   1
_entity_poly.type   'polypeptide(L)'
_entity_poly.pdbx_seq_one_letter_code
;MGSSHHHHHHSQDPAVPENVVGTIQSSPPKKVIIDTDPGIDDAMAIFFALKSPELDVIALTTIYGNVRTPTATVNALHLL
EFAGREDIPVSEGFRTSLRGELKERIADFVHGADGLGNTYPTLSDRKPIDTFAPDYLIQKVNEFPGEITIVALGPLTNLA
AAVECDPTFAKKVGQIIILGGAFQVNGNVNPAAEANIYGDPEAADIIFTCGADILVVGINITHQVYWTGKDLEDLGRSDS
KFGKYLYAASHFYATYHREAYDIDAIYLHDPATMVAAVDPSLMTYATGAVRVQKDGICKGLTLFNNSNKVWHDPTDWCGI
PPVKVAVTVDRERVASLLKERLTAP
;
_entity_poly.pdbx_strand_id   A,B,C,D,E,F,G,H
#
loop_
_chem_comp.id
_chem_comp.type
_chem_comp.name
_chem_comp.formula
CA non-polymer 'CALCIUM ION' 'Ca 2'
#
# COMPACT_ATOMS: atom_id res chain seq x y z
N PRO A 28 38.97 -0.02 29.27
CA PRO A 28 39.74 0.26 28.05
C PRO A 28 40.64 -0.91 27.63
N PRO A 29 40.89 -1.16 26.32
CA PRO A 29 40.39 -0.45 25.13
C PRO A 29 39.02 -0.94 24.66
N LYS A 30 38.38 -0.18 23.74
CA LYS A 30 37.07 -0.57 23.20
C LYS A 30 37.14 -1.50 22.01
N LYS A 31 36.26 -2.53 22.01
CA LYS A 31 36.15 -3.54 20.95
C LYS A 31 35.51 -2.90 19.73
N VAL A 32 36.12 -3.08 18.55
CA VAL A 32 35.65 -2.47 17.30
C VAL A 32 35.55 -3.49 16.14
N ILE A 33 34.41 -3.47 15.42
CA ILE A 33 34.16 -4.25 14.20
C ILE A 33 34.03 -3.20 13.10
N ILE A 34 34.76 -3.37 11.98
CA ILE A 34 34.71 -2.39 10.90
C ILE A 34 34.10 -2.89 9.60
N ASP A 35 32.89 -2.37 9.26
CA ASP A 35 32.16 -2.69 8.03
C ASP A 35 32.78 -1.83 6.93
N THR A 36 33.63 -2.46 6.08
CA THR A 36 34.41 -1.76 5.07
C THR A 36 34.31 -2.26 3.63
N ASP A 37 34.66 -1.37 2.69
CA ASP A 37 34.74 -1.59 1.24
C ASP A 37 36.12 -1.03 0.78
N PRO A 38 37.26 -1.68 1.14
CA PRO A 38 38.57 -1.10 0.79
C PRO A 38 38.94 -1.09 -0.69
N GLY A 39 39.14 0.09 -1.29
CA GLY A 39 39.01 1.41 -0.67
C GLY A 39 40.30 1.97 -0.12
N ILE A 40 40.80 3.06 -0.73
CA ILE A 40 42.03 3.78 -0.33
C ILE A 40 41.81 4.46 1.01
N ASP A 41 40.72 5.23 1.13
CA ASP A 41 40.34 5.94 2.36
C ASP A 41 39.97 4.95 3.46
N ASP A 42 39.40 3.78 3.07
CA ASP A 42 39.04 2.70 3.99
C ASP A 42 40.32 2.10 4.58
N ALA A 43 41.34 1.87 3.72
CA ALA A 43 42.65 1.35 4.11
C ALA A 43 43.32 2.26 5.13
N MET A 44 43.19 3.60 4.93
CA MET A 44 43.72 4.64 5.82
C MET A 44 43.11 4.51 7.20
N ALA A 45 41.77 4.33 7.27
CA ALA A 45 41.00 4.18 8.49
C ALA A 45 41.35 2.87 9.20
N ILE A 46 41.49 1.76 8.43
CA ILE A 46 41.86 0.44 8.94
C ILE A 46 43.22 0.54 9.63
N PHE A 47 44.23 1.09 8.92
CA PHE A 47 45.58 1.28 9.42
C PHE A 47 45.65 2.17 10.66
N PHE A 48 44.89 3.28 10.67
CA PHE A 48 44.84 4.20 11.80
C PHE A 48 44.25 3.52 13.04
N ALA A 49 43.20 2.68 12.84
CA ALA A 49 42.55 1.93 13.92
C ALA A 49 43.54 0.93 14.53
N LEU A 50 44.38 0.32 13.67
CA LEU A 50 45.40 -0.65 14.06
C LEU A 50 46.59 0.01 14.74
N LYS A 51 46.75 1.33 14.57
CA LYS A 51 47.81 2.12 15.18
C LYS A 51 47.31 2.89 16.42
N SER A 52 46.00 2.81 16.72
CA SER A 52 45.37 3.47 17.87
C SER A 52 45.19 2.50 19.05
N PRO A 53 45.97 2.67 20.15
CA PRO A 53 45.86 1.75 21.31
C PRO A 53 44.51 1.73 22.03
N GLU A 54 43.72 2.82 21.91
CA GLU A 54 42.39 2.94 22.54
C GLU A 54 41.30 2.08 21.87
N LEU A 55 41.61 1.48 20.71
CA LEU A 55 40.70 0.60 19.98
C LEU A 55 41.30 -0.80 19.89
N ASP A 56 40.44 -1.82 19.97
CA ASP A 56 40.81 -3.22 19.80
C ASP A 56 39.99 -3.74 18.62
N VAL A 57 40.64 -3.87 17.45
CA VAL A 57 39.97 -4.34 16.23
C VAL A 57 39.73 -5.84 16.36
N ILE A 58 38.52 -6.20 16.83
CA ILE A 58 38.10 -7.57 17.07
C ILE A 58 37.83 -8.35 15.76
N ALA A 59 37.35 -7.64 14.71
CA ALA A 59 37.05 -8.22 13.38
C ALA A 59 36.81 -7.15 12.30
N LEU A 60 36.79 -7.57 11.02
CA LEU A 60 36.52 -6.74 9.85
C LEU A 60 35.44 -7.41 8.99
N THR A 61 34.38 -6.67 8.65
CA THR A 61 33.32 -7.21 7.79
C THR A 61 33.31 -6.49 6.45
N THR A 62 33.29 -7.25 5.35
CA THR A 62 33.32 -6.66 4.02
C THR A 62 31.96 -6.42 3.39
N ILE A 63 31.89 -5.39 2.53
CA ILE A 63 30.69 -4.97 1.80
C ILE A 63 31.11 -4.35 0.45
N TYR A 64 30.14 -4.20 -0.47
CA TYR A 64 30.33 -3.56 -1.77
C TYR A 64 30.45 -2.02 -1.58
N GLY A 65 30.57 -1.28 -2.68
CA GLY A 65 30.65 0.17 -2.64
C GLY A 65 31.71 0.69 -3.57
N ASN A 66 32.93 0.86 -3.04
CA ASN A 66 34.08 1.30 -3.82
C ASN A 66 34.48 0.16 -4.75
N VAL A 67 34.41 -1.07 -4.22
CA VAL A 67 34.73 -2.32 -4.90
C VAL A 67 33.62 -3.36 -4.72
N ARG A 68 33.64 -4.44 -5.50
CA ARG A 68 32.70 -5.56 -5.38
C ARG A 68 33.02 -6.28 -4.06
N THR A 69 32.01 -6.88 -3.42
CA THR A 69 32.20 -7.60 -2.14
C THR A 69 33.38 -8.60 -2.16
N PRO A 70 33.58 -9.47 -3.19
CA PRO A 70 34.74 -10.37 -3.19
C PRO A 70 36.08 -9.61 -3.21
N THR A 71 36.15 -8.49 -3.97
CA THR A 71 37.33 -7.63 -4.09
C THR A 71 37.64 -7.01 -2.73
N ALA A 72 36.60 -6.53 -2.02
CA ALA A 72 36.71 -5.92 -0.69
C ALA A 72 37.33 -6.90 0.30
N THR A 73 36.90 -8.19 0.25
CA THR A 73 37.39 -9.27 1.10
C THR A 73 38.88 -9.51 0.88
N VAL A 74 39.28 -9.66 -0.40
CA VAL A 74 40.63 -9.86 -0.87
C VAL A 74 41.54 -8.74 -0.34
N ASN A 75 41.10 -7.47 -0.52
CA ASN A 75 41.81 -6.27 -0.08
C ASN A 75 41.92 -6.21 1.44
N ALA A 76 40.82 -6.48 2.18
CA ALA A 76 40.78 -6.47 3.65
C ALA A 76 41.73 -7.51 4.24
N LEU A 77 41.77 -8.72 3.64
CA LEU A 77 42.66 -9.81 4.06
C LEU A 77 44.10 -9.38 3.84
N HIS A 78 44.38 -8.75 2.67
CA HIS A 78 45.70 -8.23 2.29
C HIS A 78 46.19 -7.13 3.23
N LEU A 79 45.31 -6.18 3.58
CA LEU A 79 45.65 -5.05 4.46
C LEU A 79 46.04 -5.52 5.85
N LEU A 80 45.33 -6.54 6.39
CA LEU A 80 45.62 -7.12 7.70
C LEU A 80 46.92 -7.92 7.69
N GLU A 81 47.28 -8.52 6.53
CA GLU A 81 48.52 -9.26 6.33
C GLU A 81 49.69 -8.28 6.40
N PHE A 82 49.55 -7.13 5.69
CA PHE A 82 50.53 -6.05 5.63
C PHE A 82 50.72 -5.45 7.03
N ALA A 83 49.61 -5.26 7.76
CA ALA A 83 49.61 -4.71 9.12
C ALA A 83 50.21 -5.70 10.14
N GLY A 84 50.28 -6.97 9.76
CA GLY A 84 50.80 -8.04 10.60
C GLY A 84 49.73 -8.69 11.46
N ARG A 85 48.61 -7.96 11.69
CA ARG A 85 47.47 -8.41 12.49
C ARG A 85 46.64 -9.44 11.72
N GLU A 86 47.25 -10.61 11.46
CA GLU A 86 46.64 -11.73 10.76
C GLU A 86 45.62 -12.49 11.64
N ASP A 87 45.66 -12.24 12.96
CA ASP A 87 44.78 -12.79 13.98
C ASP A 87 43.34 -12.31 13.78
N ILE A 88 43.17 -11.09 13.21
CA ILE A 88 41.87 -10.47 12.95
C ILE A 88 41.09 -11.22 11.86
N PRO A 89 39.88 -11.73 12.20
CA PRO A 89 39.06 -12.42 11.19
C PRO A 89 38.42 -11.47 10.17
N VAL A 90 38.21 -11.95 8.94
CA VAL A 90 37.56 -11.20 7.88
C VAL A 90 36.26 -11.94 7.55
N SER A 91 35.11 -11.28 7.74
CA SER A 91 33.80 -11.90 7.46
C SER A 91 33.14 -11.24 6.25
N GLU A 92 32.95 -12.02 5.15
CA GLU A 92 32.34 -11.49 3.93
C GLU A 92 30.83 -11.27 4.10
N GLY A 93 30.36 -10.14 3.58
CA GLY A 93 28.96 -9.75 3.65
C GLY A 93 28.22 -9.77 2.34
N PHE A 94 27.18 -8.95 2.24
CA PHE A 94 26.29 -8.83 1.08
C PHE A 94 27.01 -8.46 -0.20
N ARG A 95 26.73 -9.20 -1.28
CA ARG A 95 27.28 -8.99 -2.63
C ARG A 95 26.33 -8.09 -3.45
N THR A 96 25.09 -7.93 -2.96
CA THR A 96 24.01 -7.12 -3.55
C THR A 96 23.44 -6.22 -2.47
N SER A 97 22.48 -5.33 -2.83
CA SER A 97 21.80 -4.50 -1.85
C SER A 97 20.87 -5.41 -1.01
N LEU A 98 20.28 -4.87 0.08
CA LEU A 98 19.39 -5.63 0.95
C LEU A 98 18.24 -6.29 0.18
N ARG A 99 17.67 -5.55 -0.80
CA ARG A 99 16.57 -6.06 -1.62
C ARG A 99 17.03 -6.67 -2.96
N GLY A 100 18.20 -7.29 -2.94
CA GLY A 100 18.80 -7.98 -4.07
C GLY A 100 19.18 -7.17 -5.29
N GLU A 101 19.39 -5.86 -5.15
CA GLU A 101 19.81 -5.02 -6.28
C GLU A 101 21.29 -5.33 -6.54
N LEU A 102 21.60 -5.89 -7.73
CA LEU A 102 22.93 -6.32 -8.13
C LEU A 102 23.99 -5.24 -8.06
N LYS A 103 25.08 -5.53 -7.33
CA LYS A 103 26.18 -4.59 -7.14
C LYS A 103 27.45 -5.00 -7.89
N GLU A 104 27.27 -5.74 -8.99
CA GLU A 104 28.34 -6.14 -9.90
C GLU A 104 28.44 -4.99 -10.90
N ARG A 105 29.63 -4.77 -11.50
CA ARG A 105 29.89 -3.68 -12.45
C ARG A 105 29.75 -2.30 -11.76
N ILE A 106 30.83 -1.88 -11.06
CA ILE A 106 30.86 -0.61 -10.33
C ILE A 106 32.07 0.27 -10.64
N ALA A 107 31.85 1.60 -10.67
CA ALA A 107 32.80 2.67 -10.97
C ALA A 107 34.19 2.53 -10.35
N ASP A 108 35.24 2.68 -11.18
CA ASP A 108 36.63 2.56 -10.76
C ASP A 108 37.42 3.87 -10.88
N PHE A 109 36.75 4.98 -11.21
CA PHE A 109 37.40 6.28 -11.37
C PHE A 109 37.89 6.92 -10.07
N VAL A 110 37.43 6.41 -8.92
CA VAL A 110 37.81 6.94 -7.61
C VAL A 110 38.88 6.08 -6.87
N HIS A 111 38.71 4.74 -6.84
CA HIS A 111 39.64 3.84 -6.14
C HIS A 111 40.47 2.89 -7.02
N GLY A 112 40.24 2.91 -8.32
CA GLY A 112 40.97 2.07 -9.27
C GLY A 112 40.33 0.74 -9.53
N ALA A 113 40.89 -0.03 -10.47
CA ALA A 113 40.39 -1.35 -10.85
C ALA A 113 40.54 -2.35 -9.68
N ASP A 114 41.71 -2.35 -9.02
CA ASP A 114 42.01 -3.21 -7.88
C ASP A 114 41.32 -2.76 -6.59
N GLY A 115 40.97 -1.47 -6.53
CA GLY A 115 40.33 -0.85 -5.38
C GLY A 115 41.31 -0.22 -4.41
N LEU A 116 42.62 -0.40 -4.69
CA LEU A 116 43.70 0.15 -3.87
C LEU A 116 44.59 1.10 -4.69
N GLY A 117 43.94 1.99 -5.44
CA GLY A 117 44.58 3.01 -6.27
C GLY A 117 45.50 2.51 -7.36
N ASN A 118 45.12 1.38 -8.00
CA ASN A 118 45.86 0.71 -9.07
C ASN A 118 47.31 0.36 -8.73
N THR A 119 47.57 0.00 -7.45
CA THR A 119 48.87 -0.40 -6.95
C THR A 119 49.12 -1.88 -7.26
N TYR A 120 48.01 -2.65 -7.45
CA TYR A 120 47.98 -4.09 -7.74
C TYR A 120 48.88 -4.89 -6.79
N PRO A 121 48.45 -5.10 -5.52
CA PRO A 121 49.31 -5.81 -4.57
C PRO A 121 49.43 -7.30 -4.84
N THR A 122 50.52 -7.90 -4.35
CA THR A 122 50.82 -9.31 -4.53
C THR A 122 50.05 -10.23 -3.54
N LEU A 123 48.71 -10.22 -3.63
CA LEU A 123 47.80 -11.07 -2.83
C LEU A 123 47.95 -12.57 -3.31
N SER A 124 47.92 -13.66 -2.50
CA SER A 124 47.60 -14.13 -1.13
C SER A 124 46.53 -15.19 -1.25
N ASP A 125 46.66 -16.29 -0.49
CA ASP A 125 45.69 -17.40 -0.49
C ASP A 125 44.80 -17.42 0.77
N ARG A 126 45.01 -16.44 1.68
CA ARG A 126 44.24 -16.29 2.93
C ARG A 126 42.76 -16.12 2.60
N LYS A 127 41.90 -16.83 3.33
CA LYS A 127 40.46 -16.84 3.05
C LYS A 127 39.58 -16.29 4.19
N PRO A 128 38.37 -15.74 3.88
CA PRO A 128 37.50 -15.22 4.95
C PRO A 128 36.97 -16.31 5.89
N ILE A 129 36.55 -15.91 7.11
CA ILE A 129 36.09 -16.79 8.18
C ILE A 129 34.77 -17.57 7.97
N ASP A 130 34.41 -17.91 6.70
CA ASP A 130 33.23 -18.71 6.32
C ASP A 130 31.83 -18.33 6.88
N THR A 131 31.77 -17.55 7.97
CA THR A 131 30.54 -17.05 8.59
C THR A 131 30.15 -15.77 7.84
N PHE A 132 28.84 -15.61 7.55
CA PHE A 132 28.33 -14.42 6.84
C PHE A 132 28.35 -13.22 7.78
N ALA A 133 28.79 -12.05 7.27
CA ALA A 133 28.90 -10.80 8.04
C ALA A 133 27.70 -10.43 8.94
N PRO A 134 26.41 -10.40 8.47
CA PRO A 134 25.31 -10.08 9.39
C PRO A 134 25.15 -11.11 10.49
N ASP A 135 25.32 -12.40 10.15
CA ASP A 135 25.25 -13.54 11.07
C ASP A 135 26.36 -13.42 12.13
N TYR A 136 27.58 -13.05 11.70
CA TYR A 136 28.74 -12.84 12.55
C TYR A 136 28.56 -11.62 13.45
N LEU A 137 27.94 -10.55 12.92
CA LEU A 137 27.67 -9.31 13.65
C LEU A 137 26.76 -9.58 14.84
N ILE A 138 25.69 -10.38 14.64
CA ILE A 138 24.74 -10.78 15.69
C ILE A 138 25.48 -11.66 16.73
N GLN A 139 26.28 -12.63 16.24
CA GLN A 139 27.09 -13.53 17.07
C GLN A 139 28.00 -12.80 18.04
N LYS A 140 28.82 -11.87 17.52
CA LYS A 140 29.78 -11.10 18.31
C LYS A 140 29.15 -10.07 19.24
N VAL A 141 27.95 -9.56 18.89
CA VAL A 141 27.27 -8.59 19.74
C VAL A 141 26.57 -9.27 20.93
N ASN A 142 26.11 -10.52 20.76
CA ASN A 142 25.47 -11.30 21.83
C ASN A 142 26.57 -11.74 22.81
N GLU A 143 27.76 -12.05 22.25
CA GLU A 143 28.97 -12.46 22.97
C GLU A 143 29.44 -11.33 23.89
N PHE A 144 29.43 -10.07 23.40
CA PHE A 144 29.83 -8.89 24.16
C PHE A 144 28.76 -7.79 24.06
N PRO A 145 27.66 -7.87 24.87
CA PRO A 145 26.61 -6.84 24.75
C PRO A 145 27.02 -5.48 25.32
N GLY A 146 26.80 -4.44 24.51
CA GLY A 146 27.13 -3.06 24.83
C GLY A 146 28.61 -2.73 24.90
N GLU A 147 29.45 -3.62 24.31
CA GLU A 147 30.91 -3.47 24.27
C GLU A 147 31.42 -3.18 22.86
N ILE A 148 30.80 -3.84 21.86
CA ILE A 148 31.16 -3.73 20.45
C ILE A 148 30.73 -2.38 19.85
N THR A 149 31.67 -1.72 19.15
CA THR A 149 31.45 -0.44 18.47
C THR A 149 31.62 -0.73 16.97
N ILE A 150 30.53 -0.70 16.20
CA ILE A 150 30.61 -0.96 14.77
C ILE A 150 30.86 0.33 14.00
N VAL A 151 32.00 0.40 13.29
CA VAL A 151 32.34 1.56 12.48
C VAL A 151 31.99 1.21 11.02
N ALA A 152 30.85 1.74 10.54
CA ALA A 152 30.36 1.52 9.18
C ALA A 152 31.02 2.50 8.23
N LEU A 153 31.95 1.99 7.41
CA LEU A 153 32.74 2.76 6.44
C LEU A 153 32.25 2.53 5.01
N GLY A 154 31.15 1.79 4.88
CA GLY A 154 30.51 1.47 3.60
C GLY A 154 29.01 1.41 3.73
N PRO A 155 28.27 0.95 2.68
CA PRO A 155 26.80 0.86 2.78
C PRO A 155 26.32 0.02 3.96
N LEU A 156 25.23 0.45 4.59
CA LEU A 156 24.68 -0.15 5.80
C LEU A 156 23.92 -1.49 5.63
N THR A 157 24.09 -2.16 4.47
CA THR A 157 23.45 -3.43 4.11
C THR A 157 23.66 -4.55 5.13
N ASN A 158 24.93 -4.81 5.53
CA ASN A 158 25.27 -5.84 6.50
C ASN A 158 24.62 -5.62 7.85
N LEU A 159 24.62 -4.35 8.29
CA LEU A 159 24.04 -3.93 9.56
C LEU A 159 22.52 -4.02 9.57
N ALA A 160 21.87 -3.60 8.47
CA ALA A 160 20.42 -3.62 8.31
C ALA A 160 19.87 -5.04 8.29
N ALA A 161 20.63 -5.97 7.67
CA ALA A 161 20.28 -7.39 7.59
C ALA A 161 20.30 -8.00 8.99
N ALA A 162 21.29 -7.59 9.83
CA ALA A 162 21.46 -8.01 11.21
C ALA A 162 20.29 -7.50 12.07
N VAL A 163 19.82 -6.27 11.79
CA VAL A 163 18.69 -5.62 12.48
C VAL A 163 17.38 -6.33 12.10
N GLU A 164 17.20 -6.63 10.79
CA GLU A 164 16.03 -7.32 10.27
C GLU A 164 15.95 -8.76 10.78
N CYS A 165 17.11 -9.41 10.95
CA CYS A 165 17.24 -10.78 11.43
C CYS A 165 16.93 -10.87 12.94
N ASP A 166 17.73 -10.17 13.76
CA ASP A 166 17.55 -10.12 15.21
C ASP A 166 17.07 -8.72 15.65
N PRO A 167 15.83 -8.60 16.16
CA PRO A 167 15.34 -7.26 16.56
C PRO A 167 16.01 -6.68 17.81
N THR A 168 16.66 -7.54 18.62
CA THR A 168 17.38 -7.15 19.84
C THR A 168 18.82 -6.67 19.58
N PHE A 169 19.28 -6.77 18.32
CA PHE A 169 20.62 -6.36 17.87
C PHE A 169 20.90 -4.89 18.14
N ALA A 170 19.95 -4.00 17.77
CA ALA A 170 20.05 -2.54 17.93
C ALA A 170 20.35 -2.11 19.37
N LYS A 171 19.67 -2.73 20.35
CA LYS A 171 19.89 -2.39 21.75
C LYS A 171 21.11 -3.11 22.35
N LYS A 172 21.61 -4.16 21.67
CA LYS A 172 22.77 -4.92 22.12
C LYS A 172 24.10 -4.31 21.68
N VAL A 173 24.12 -3.54 20.57
CA VAL A 173 25.33 -2.88 20.07
C VAL A 173 25.73 -1.72 20.97
N GLY A 174 27.04 -1.58 21.21
CA GLY A 174 27.59 -0.50 22.03
C GLY A 174 27.34 0.84 21.39
N GLN A 175 27.78 1.00 20.13
CA GLN A 175 27.61 2.21 19.33
C GLN A 175 27.83 1.88 17.86
N ILE A 176 27.13 2.61 16.96
CA ILE A 176 27.30 2.48 15.52
C ILE A 176 27.78 3.85 14.99
N ILE A 177 29.04 3.89 14.52
CA ILE A 177 29.61 5.11 13.96
C ILE A 177 29.52 4.97 12.44
N ILE A 178 28.65 5.79 11.83
CA ILE A 178 28.39 5.73 10.39
C ILE A 178 29.05 6.86 9.61
N LEU A 179 29.79 6.48 8.57
CA LEU A 179 30.31 7.43 7.59
C LEU A 179 29.25 7.36 6.50
N GLY A 180 28.52 8.44 6.35
CA GLY A 180 27.46 8.52 5.36
C GLY A 180 26.55 9.71 5.53
N GLY A 181 25.95 10.10 4.42
CA GLY A 181 25.02 11.21 4.35
C GLY A 181 25.64 12.56 4.08
N ALA A 182 24.79 13.49 3.62
CA ALA A 182 25.11 14.88 3.33
C ALA A 182 24.03 15.67 4.03
N PHE A 183 24.36 16.22 5.21
CA PHE A 183 23.41 16.95 6.03
C PHE A 183 23.45 18.44 5.75
N GLN A 184 22.42 18.93 5.03
CA GLN A 184 22.25 20.33 4.62
C GLN A 184 23.46 20.80 3.80
N VAL A 185 23.90 19.93 2.88
CA VAL A 185 25.03 20.11 1.96
C VAL A 185 24.81 19.18 0.75
N ASN A 186 25.44 19.48 -0.41
CA ASN A 186 25.32 18.67 -1.61
C ASN A 186 26.05 17.33 -1.45
N GLY A 187 25.55 16.30 -2.12
CA GLY A 187 26.13 14.96 -2.08
C GLY A 187 27.36 14.81 -2.97
N ASN A 188 28.03 13.64 -2.88
CA ASN A 188 29.22 13.34 -3.68
C ASN A 188 28.97 12.42 -4.88
N VAL A 189 27.92 11.60 -4.84
CA VAL A 189 27.53 10.70 -5.94
C VAL A 189 26.79 11.52 -6.98
N ASN A 190 25.77 12.26 -6.51
CA ASN A 190 24.94 13.17 -7.28
C ASN A 190 24.71 14.37 -6.35
N PRO A 191 24.20 15.53 -6.82
CA PRO A 191 24.01 16.67 -5.91
C PRO A 191 23.17 16.41 -4.64
N ALA A 192 22.33 15.36 -4.64
CA ALA A 192 21.48 15.02 -3.51
C ALA A 192 22.03 13.98 -2.53
N ALA A 193 22.74 12.95 -3.04
CA ALA A 193 23.18 11.85 -2.19
C ALA A 193 24.67 11.60 -2.04
N GLU A 194 25.02 11.00 -0.89
CA GLU A 194 26.35 10.55 -0.49
C GLU A 194 26.46 9.06 -0.86
N ALA A 195 27.65 8.64 -1.34
CA ALA A 195 28.01 7.29 -1.76
C ALA A 195 27.42 6.12 -0.97
N ASN A 196 27.83 5.94 0.30
CA ASN A 196 27.41 4.85 1.18
C ASN A 196 25.90 4.74 1.36
N ILE A 197 25.22 5.89 1.49
CA ILE A 197 23.76 5.91 1.64
C ILE A 197 23.08 5.63 0.28
N TYR A 198 23.62 6.18 -0.83
CA TYR A 198 23.11 5.95 -2.18
C TYR A 198 23.22 4.47 -2.57
N GLY A 199 24.23 3.78 -2.03
CA GLY A 199 24.49 2.36 -2.24
C GLY A 199 23.31 1.50 -1.84
N ASP A 200 22.72 1.79 -0.66
CA ASP A 200 21.53 1.10 -0.15
C ASP A 200 20.68 2.05 0.69
N PRO A 201 19.74 2.79 0.05
CA PRO A 201 18.89 3.73 0.82
C PRO A 201 17.90 3.04 1.76
N GLU A 202 17.46 1.81 1.39
CA GLU A 202 16.52 1.00 2.18
C GLU A 202 17.19 0.58 3.49
N ALA A 203 18.46 0.09 3.39
CA ALA A 203 19.28 -0.33 4.51
C ALA A 203 19.64 0.82 5.43
N ALA A 204 19.90 2.01 4.85
CA ALA A 204 20.26 3.22 5.59
C ALA A 204 19.10 3.66 6.46
N ASP A 205 17.88 3.72 5.87
CA ASP A 205 16.66 4.09 6.59
C ASP A 205 16.35 3.11 7.73
N ILE A 206 16.65 1.81 7.54
CA ILE A 206 16.47 0.77 8.56
C ILE A 206 17.34 1.08 9.79
N ILE A 207 18.62 1.41 9.55
CA ILE A 207 19.62 1.73 10.57
C ILE A 207 19.31 3.03 11.32
N PHE A 208 19.02 4.12 10.59
CA PHE A 208 18.69 5.41 11.20
C PHE A 208 17.41 5.40 12.07
N THR A 209 16.57 4.34 11.89
CA THR A 209 15.31 4.13 12.59
C THR A 209 15.40 2.99 13.62
N CYS A 210 16.43 2.11 13.51
CA CYS A 210 16.61 0.95 14.41
C CYS A 210 16.65 1.23 15.92
N GLY A 211 17.06 2.44 16.31
CA GLY A 211 17.10 2.86 17.71
C GLY A 211 18.36 2.58 18.49
N ALA A 212 19.46 2.23 17.80
CA ALA A 212 20.76 1.96 18.42
C ALA A 212 21.49 3.27 18.74
N ASP A 213 22.62 3.19 19.50
CA ASP A 213 23.46 4.35 19.80
C ASP A 213 24.17 4.67 18.49
N ILE A 214 23.69 5.70 17.78
CA ILE A 214 24.23 6.04 16.47
C ILE A 214 24.91 7.41 16.43
N LEU A 215 26.10 7.43 15.81
CA LEU A 215 26.91 8.62 15.61
C LEU A 215 27.13 8.76 14.10
N VAL A 216 26.51 9.78 13.47
CA VAL A 216 26.58 9.99 12.02
C VAL A 216 27.61 11.05 11.66
N VAL A 217 28.57 10.65 10.83
CA VAL A 217 29.64 11.51 10.33
C VAL A 217 29.36 11.66 8.82
N GLY A 218 28.76 12.78 8.45
CA GLY A 218 28.40 13.07 7.06
C GLY A 218 29.48 13.80 6.31
N ILE A 219 29.32 13.88 4.96
CA ILE A 219 30.28 14.58 4.09
C ILE A 219 30.35 16.08 4.37
N ASN A 220 29.34 16.62 5.08
CA ASN A 220 29.28 18.00 5.54
C ASN A 220 30.44 18.29 6.48
N ILE A 221 30.89 17.27 7.24
CA ILE A 221 32.02 17.39 8.15
C ILE A 221 33.32 16.78 7.60
N THR A 222 33.24 15.75 6.75
CA THR A 222 34.45 15.12 6.18
C THR A 222 35.09 15.99 5.11
N HIS A 223 34.32 16.89 4.48
CA HIS A 223 34.84 17.83 3.48
C HIS A 223 35.67 18.94 4.12
N GLN A 224 35.62 19.03 5.45
CA GLN A 224 36.38 19.97 6.27
C GLN A 224 37.74 19.37 6.63
N VAL A 225 37.81 18.02 6.68
CA VAL A 225 39.03 17.26 7.00
C VAL A 225 39.68 16.78 5.69
N TYR A 226 40.78 17.44 5.29
CA TYR A 226 41.50 17.13 4.06
C TYR A 226 43.02 17.17 4.22
N TRP A 227 43.73 16.49 3.31
CA TRP A 227 45.18 16.41 3.28
C TRP A 227 45.67 16.94 1.94
N THR A 228 46.56 17.94 1.97
CA THR A 228 47.14 18.52 0.76
C THR A 228 48.18 17.57 0.15
N GLY A 229 48.67 17.91 -1.05
CA GLY A 229 49.71 17.14 -1.74
C GLY A 229 50.97 17.02 -0.90
N LYS A 230 51.28 18.09 -0.13
CA LYS A 230 52.42 18.16 0.78
C LYS A 230 52.23 17.24 1.98
N ASP A 231 50.98 17.12 2.48
CA ASP A 231 50.64 16.23 3.60
C ASP A 231 50.89 14.78 3.20
N LEU A 232 50.52 14.43 1.96
CA LEU A 232 50.72 13.12 1.34
C LEU A 232 52.20 12.85 1.14
N GLU A 233 52.95 13.89 0.68
CA GLU A 233 54.39 13.87 0.46
C GLU A 233 55.11 13.59 1.79
N ASP A 234 54.64 14.21 2.89
CA ASP A 234 55.18 14.04 4.25
C ASP A 234 54.98 12.61 4.73
N LEU A 235 53.85 12.00 4.34
CA LEU A 235 53.49 10.62 4.66
C LEU A 235 54.36 9.63 3.87
N GLY A 236 54.73 10.02 2.65
CA GLY A 236 55.58 9.22 1.77
C GLY A 236 57.04 9.24 2.19
N ARG A 237 57.50 10.43 2.63
CA ARG A 237 58.87 10.66 3.09
C ARG A 237 59.13 10.01 4.46
N SER A 238 58.07 9.86 5.28
CA SER A 238 58.11 9.26 6.63
C SER A 238 58.64 7.83 6.63
N ASP A 239 59.29 7.42 7.73
CA ASP A 239 59.85 6.09 7.90
C ASP A 239 58.83 5.11 8.51
N SER A 240 57.58 5.20 8.06
CA SER A 240 56.46 4.37 8.51
C SER A 240 56.01 3.44 7.39
N LYS A 241 55.85 2.14 7.72
CA LYS A 241 55.43 1.07 6.82
C LYS A 241 54.07 1.42 6.18
N PHE A 242 53.13 1.89 7.01
CA PHE A 242 51.76 2.26 6.62
C PHE A 242 51.71 3.56 5.84
N GLY A 243 52.42 4.58 6.32
CA GLY A 243 52.50 5.90 5.68
C GLY A 243 52.99 5.83 4.25
N LYS A 244 54.07 5.05 4.03
CA LYS A 244 54.65 4.82 2.71
C LYS A 244 53.68 4.07 1.80
N TYR A 245 52.97 3.05 2.36
CA TYR A 245 51.97 2.24 1.65
C TYR A 245 50.80 3.11 1.18
N LEU A 246 50.23 3.89 2.11
CA LEU A 246 49.09 4.76 1.84
C LEU A 246 49.40 5.84 0.82
N TYR A 247 50.65 6.33 0.80
CA TYR A 247 51.10 7.33 -0.16
C TYR A 247 51.04 6.81 -1.60
N ALA A 248 51.42 5.53 -1.79
CA ALA A 248 51.40 4.84 -3.08
C ALA A 248 49.99 4.69 -3.63
N ALA A 249 49.03 4.30 -2.75
CA ALA A 249 47.62 4.13 -3.10
C ALA A 249 46.93 5.48 -3.33
N SER A 250 47.39 6.54 -2.61
CA SER A 250 46.87 7.89 -2.67
C SER A 250 46.95 8.58 -4.02
N HIS A 251 47.98 8.27 -4.82
CA HIS A 251 48.21 8.87 -6.15
C HIS A 251 46.98 8.89 -7.06
N PHE A 252 46.26 7.75 -7.16
CA PHE A 252 45.05 7.64 -7.97
C PHE A 252 43.88 8.43 -7.36
N TYR A 253 43.75 8.38 -6.03
CA TYR A 253 42.72 9.08 -5.26
C TYR A 253 42.93 10.61 -5.37
N ALA A 254 44.20 11.06 -5.45
CA ALA A 254 44.60 12.46 -5.58
C ALA A 254 44.25 13.00 -6.95
N THR A 255 44.48 12.19 -8.02
CA THR A 255 44.18 12.55 -9.41
C THR A 255 42.67 12.72 -9.61
N TYR A 256 41.84 11.96 -8.86
CA TYR A 256 40.38 12.05 -8.91
C TYR A 256 39.91 13.39 -8.36
N HIS A 257 40.36 13.76 -7.14
CA HIS A 257 40.03 15.01 -6.46
C HIS A 257 40.46 16.23 -7.29
N ARG A 258 41.58 16.11 -8.02
CA ARG A 258 42.15 17.15 -8.87
C ARG A 258 41.31 17.39 -10.13
N GLU A 259 40.57 16.37 -10.59
CA GLU A 259 39.73 16.51 -11.80
C GLU A 259 38.24 16.68 -11.49
N ALA A 260 37.77 16.14 -10.35
CA ALA A 260 36.37 16.23 -9.92
C ALA A 260 36.10 17.50 -9.12
N TYR A 261 36.92 17.81 -8.10
CA TYR A 261 36.77 18.97 -7.23
C TYR A 261 37.74 20.11 -7.58
N ASP A 262 38.78 19.82 -8.39
CA ASP A 262 39.86 20.74 -8.79
C ASP A 262 40.57 21.36 -7.58
N ILE A 263 41.14 20.47 -6.74
CA ILE A 263 41.85 20.76 -5.50
C ILE A 263 43.11 19.89 -5.39
N ASP A 264 44.20 20.45 -4.83
CA ASP A 264 45.45 19.70 -4.61
C ASP A 264 45.40 19.11 -3.19
N ALA A 265 44.30 18.39 -2.89
CA ALA A 265 44.04 17.77 -1.61
C ALA A 265 43.03 16.64 -1.72
N ILE A 266 43.06 15.69 -0.77
CA ILE A 266 42.11 14.57 -0.72
C ILE A 266 41.27 14.62 0.55
N TYR A 267 39.95 14.41 0.41
CA TYR A 267 39.04 14.42 1.56
C TYR A 267 39.19 13.12 2.33
N LEU A 268 39.47 13.23 3.63
CA LEU A 268 39.66 12.09 4.52
C LEU A 268 38.30 11.68 5.09
N HIS A 269 37.51 10.93 4.29
CA HIS A 269 36.16 10.50 4.67
C HIS A 269 36.19 9.45 5.77
N ASP A 270 36.58 8.22 5.41
CA ASP A 270 36.67 7.06 6.30
C ASP A 270 37.64 7.27 7.48
N PRO A 271 38.87 7.84 7.33
CA PRO A 271 39.73 8.01 8.50
C PRO A 271 39.23 9.03 9.55
N ALA A 272 38.45 10.05 9.13
CA ALA A 272 37.87 11.04 10.05
C ALA A 272 36.80 10.39 10.93
N THR A 273 36.07 9.41 10.37
CA THR A 273 35.03 8.63 11.05
C THR A 273 35.72 7.76 12.12
N MET A 274 36.92 7.24 11.81
CA MET A 274 37.71 6.43 12.73
C MET A 274 38.21 7.27 13.91
N VAL A 275 38.45 8.57 13.68
CA VAL A 275 38.88 9.53 14.71
C VAL A 275 37.77 9.68 15.76
N ALA A 276 36.49 9.71 15.33
CA ALA A 276 35.33 9.80 16.22
C ALA A 276 35.27 8.59 17.17
N ALA A 277 35.73 7.41 16.72
CA ALA A 277 35.80 6.20 17.53
C ALA A 277 36.92 6.32 18.57
N VAL A 278 38.06 6.93 18.16
CA VAL A 278 39.25 7.17 18.99
C VAL A 278 38.94 8.26 20.04
N ASP A 279 38.60 9.48 19.58
CA ASP A 279 38.29 10.63 20.43
C ASP A 279 37.05 11.37 19.89
N PRO A 280 35.86 11.13 20.47
CA PRO A 280 34.64 11.82 19.95
C PRO A 280 34.55 13.29 20.31
N SER A 281 35.40 13.77 21.24
CA SER A 281 35.45 15.15 21.70
C SER A 281 35.83 16.14 20.59
N LEU A 282 36.50 15.64 19.54
CA LEU A 282 36.94 16.43 18.39
C LEU A 282 35.79 16.86 17.47
N MET A 283 34.54 16.43 17.79
CA MET A 283 33.33 16.76 17.05
C MET A 283 32.17 17.17 17.95
N THR A 284 31.32 18.08 17.45
CA THR A 284 30.11 18.56 18.13
C THR A 284 28.92 17.86 17.48
N TYR A 285 28.01 17.32 18.29
CA TYR A 285 26.87 16.58 17.77
C TYR A 285 25.52 17.21 18.07
N ALA A 286 24.54 16.97 17.17
CA ALA A 286 23.15 17.42 17.29
C ALA A 286 22.29 16.18 17.32
N THR A 287 21.37 16.10 18.31
CA THR A 287 20.47 14.96 18.47
C THR A 287 19.13 15.21 17.78
N GLY A 288 18.69 14.23 17.00
CA GLY A 288 17.44 14.28 16.25
C GLY A 288 17.24 13.08 15.34
N ALA A 289 16.08 13.06 14.65
CA ALA A 289 15.70 11.96 13.74
C ALA A 289 16.25 12.13 12.34
N VAL A 290 16.70 11.02 11.72
CA VAL A 290 17.25 10.98 10.36
C VAL A 290 16.43 10.00 9.52
N ARG A 291 15.97 10.47 8.34
CA ARG A 291 15.23 9.64 7.39
C ARG A 291 15.91 9.70 6.02
N VAL A 292 15.81 8.60 5.26
CA VAL A 292 16.43 8.48 3.93
C VAL A 292 15.39 8.32 2.83
N GLN A 293 15.48 9.16 1.78
CA GLN A 293 14.61 9.08 0.59
C GLN A 293 15.08 7.88 -0.25
N LYS A 294 14.22 6.88 -0.45
CA LYS A 294 14.59 5.66 -1.19
C LYS A 294 14.43 5.70 -2.72
N ASP A 295 13.55 6.57 -3.24
CA ASP A 295 13.27 6.68 -4.68
C ASP A 295 13.70 8.05 -5.20
N GLY A 296 14.34 8.07 -6.38
CA GLY A 296 14.87 9.26 -7.05
C GLY A 296 13.82 10.32 -7.36
N ILE A 297 14.19 11.55 -7.77
CA ILE A 297 15.48 12.18 -8.08
C ILE A 297 16.43 12.22 -6.87
N CYS A 298 15.88 12.45 -5.67
CA CYS A 298 16.65 12.56 -4.43
C CYS A 298 16.89 11.23 -3.69
N LYS A 299 17.07 10.12 -4.45
CA LYS A 299 17.37 8.80 -3.89
C LYS A 299 18.68 8.91 -3.12
N GLY A 300 18.67 8.41 -1.87
CA GLY A 300 19.82 8.41 -0.98
C GLY A 300 20.03 9.68 -0.18
N LEU A 301 19.06 10.61 -0.19
CA LEU A 301 19.17 11.86 0.55
C LEU A 301 18.92 11.60 2.04
N THR A 302 19.80 12.12 2.89
CA THR A 302 19.67 12.00 4.35
C THR A 302 19.11 13.30 4.90
N LEU A 303 17.94 13.22 5.55
CA LEU A 303 17.35 14.40 6.13
C LEU A 303 17.25 14.33 7.64
N PHE A 304 17.88 15.30 8.31
CA PHE A 304 17.94 15.40 9.76
C PHE A 304 16.96 16.43 10.30
N ASN A 305 16.21 16.04 11.34
CA ASN A 305 15.26 16.91 12.03
C ASN A 305 15.80 17.23 13.42
N ASN A 306 16.28 18.47 13.59
CA ASN A 306 16.91 19.06 14.80
C ASN A 306 16.40 18.68 16.20
N SER A 307 15.16 18.14 16.31
CA SER A 307 14.46 17.70 17.53
C SER A 307 14.88 18.32 18.95
N ASN A 308 14.50 19.55 19.38
CA ASN A 308 13.81 20.68 18.74
C ASN A 308 12.38 20.42 18.21
N LYS A 309 12.05 21.12 17.11
CA LYS A 309 10.84 21.22 16.29
C LYS A 309 9.47 20.67 16.71
N VAL A 310 8.55 21.61 16.97
CA VAL A 310 7.14 21.34 17.28
C VAL A 310 6.38 21.27 15.94
N TRP A 311 5.73 20.12 15.69
CA TRP A 311 5.06 19.86 14.43
C TRP A 311 3.55 19.72 14.57
N HIS A 312 2.81 20.75 14.13
CA HIS A 312 1.35 20.78 14.12
C HIS A 312 0.87 19.85 12.98
N ASP A 313 0.76 18.54 13.32
CA ASP A 313 0.42 17.34 12.51
C ASP A 313 1.67 16.45 12.41
N PRO A 314 1.60 15.16 12.82
CA PRO A 314 2.81 14.31 12.77
C PRO A 314 3.45 14.13 11.41
N THR A 315 4.80 14.14 11.39
CA THR A 315 5.62 14.00 10.19
C THR A 315 6.29 12.63 10.18
N ASP A 316 7.02 12.30 9.09
CA ASP A 316 7.73 11.03 8.97
C ASP A 316 9.01 10.99 9.83
N TRP A 317 9.27 12.08 10.58
CA TRP A 317 10.39 12.22 11.50
C TRP A 317 9.91 12.14 12.95
N CYS A 318 8.57 12.26 13.15
CA CYS A 318 7.90 12.20 14.44
C CYS A 318 7.84 10.76 14.92
N GLY A 319 8.25 10.52 16.17
CA GLY A 319 8.26 9.20 16.78
C GLY A 319 9.38 8.29 16.31
N ILE A 320 10.40 8.87 15.67
CA ILE A 320 11.58 8.16 15.17
C ILE A 320 12.70 8.30 16.22
N PRO A 321 13.40 7.18 16.59
CA PRO A 321 14.48 7.29 17.59
C PRO A 321 15.57 8.29 17.20
N PRO A 322 15.95 9.21 18.12
CA PRO A 322 16.97 10.20 17.76
C PRO A 322 18.38 9.62 17.67
N VAL A 323 19.23 10.25 16.82
CA VAL A 323 20.62 9.86 16.60
C VAL A 323 21.52 11.09 16.70
N LYS A 324 22.81 10.89 17.03
CA LYS A 324 23.78 11.98 17.14
C LYS A 324 24.39 12.24 15.77
N VAL A 325 24.26 13.48 15.26
CA VAL A 325 24.78 13.86 13.95
C VAL A 325 25.89 14.90 14.14
N ALA A 326 27.11 14.61 13.63
CA ALA A 326 28.25 15.51 13.72
C ALA A 326 27.99 16.82 12.95
N VAL A 327 28.12 17.96 13.65
CA VAL A 327 27.88 19.30 13.13
C VAL A 327 29.19 20.05 12.86
N THR A 328 30.12 20.07 13.85
CA THR A 328 31.41 20.75 13.69
C THR A 328 32.59 19.84 14.02
N VAL A 329 33.74 20.09 13.34
CA VAL A 329 35.00 19.35 13.50
C VAL A 329 36.13 20.27 13.91
N ASP A 330 37.16 19.70 14.56
CA ASP A 330 38.39 20.39 14.92
C ASP A 330 39.39 19.93 13.86
N ARG A 331 39.14 20.32 12.58
CA ARG A 331 39.91 19.93 11.39
C ARG A 331 41.42 19.84 11.56
N GLU A 332 42.03 20.77 12.33
CA GLU A 332 43.45 20.78 12.60
C GLU A 332 43.86 19.59 13.45
N ARG A 333 43.13 19.33 14.57
CA ARG A 333 43.39 18.22 15.48
C ARG A 333 43.09 16.85 14.89
N VAL A 334 42.11 16.76 13.97
CA VAL A 334 41.74 15.51 13.31
C VAL A 334 42.84 15.12 12.32
N ALA A 335 43.27 16.08 11.46
CA ALA A 335 44.32 15.87 10.47
C ALA A 335 45.71 15.69 11.10
N SER A 336 45.93 16.23 12.31
CA SER A 336 47.22 16.08 13.00
C SER A 336 47.35 14.68 13.61
N LEU A 337 46.22 14.14 14.17
CA LEU A 337 46.14 12.80 14.76
C LEU A 337 46.29 11.76 13.65
N LEU A 338 45.65 12.01 12.50
CA LEU A 338 45.76 11.18 11.30
C LEU A 338 47.01 11.68 10.58
N LYS A 339 48.19 11.39 11.14
CA LYS A 339 49.50 11.79 10.62
C LYS A 339 50.51 11.36 11.64
N GLU A 340 50.40 11.86 12.89
CA GLU A 340 51.30 11.46 13.98
C GLU A 340 51.23 9.94 14.22
N ARG A 341 50.09 9.32 13.92
CA ARG A 341 49.84 7.89 14.04
C ARG A 341 50.33 7.14 12.80
N LEU A 342 50.11 7.73 11.60
CA LEU A 342 50.48 7.13 10.31
C LEU A 342 51.91 7.43 9.85
N THR A 343 52.64 8.30 10.58
CA THR A 343 54.03 8.71 10.32
C THR A 343 54.99 8.01 11.31
N ALA A 344 54.48 7.69 12.52
CA ALA A 344 55.22 7.02 13.59
C ALA A 344 55.80 5.66 13.15
N PRO A 345 57.10 5.40 13.42
CA PRO A 345 57.69 4.11 13.02
C PRO A 345 57.54 3.04 14.09
N PRO B 28 11.86 52.59 -16.80
CA PRO B 28 11.19 52.45 -15.51
C PRO B 28 9.76 53.03 -15.54
N PRO B 29 8.77 52.49 -14.77
CA PRO B 29 8.84 51.34 -13.86
C PRO B 29 8.63 49.99 -14.54
N LYS B 30 8.92 48.88 -13.84
CA LYS B 30 8.76 47.52 -14.38
C LYS B 30 7.36 46.95 -14.18
N LYS B 31 6.84 46.29 -15.24
CA LYS B 31 5.51 45.65 -15.25
C LYS B 31 5.58 44.38 -14.41
N VAL B 32 4.61 44.21 -13.50
CA VAL B 32 4.57 43.07 -12.58
C VAL B 32 3.19 42.39 -12.51
N ILE B 33 3.18 41.04 -12.61
CA ILE B 33 2.00 40.18 -12.44
C ILE B 33 2.28 39.37 -11.17
N ILE B 34 1.33 39.33 -10.23
CA ILE B 34 1.55 38.60 -8.98
C ILE B 34 0.66 37.38 -8.77
N ASP B 35 1.27 36.17 -8.82
CA ASP B 35 0.59 34.89 -8.61
C ASP B 35 0.48 34.70 -7.09
N THR B 36 -0.72 34.95 -6.54
CA THR B 36 -0.95 34.96 -5.11
C THR B 36 -2.09 34.07 -4.55
N ASP B 37 -1.99 33.76 -3.26
CA ASP B 37 -2.96 33.01 -2.45
C ASP B 37 -3.20 33.83 -1.15
N PRO B 38 -3.87 35.00 -1.21
CA PRO B 38 -4.02 35.84 -0.01
C PRO B 38 -4.91 35.29 1.09
N GLY B 39 -4.36 35.04 2.30
CA GLY B 39 -2.95 35.21 2.66
C GLY B 39 -2.61 36.54 3.27
N ILE B 40 -2.23 36.53 4.57
CA ILE B 40 -1.84 37.70 5.36
C ILE B 40 -0.52 38.26 4.83
N ASP B 41 0.50 37.39 4.69
CA ASP B 41 1.82 37.73 4.18
C ASP B 41 1.75 38.13 2.70
N ASP B 42 0.80 37.52 1.96
CA ASP B 42 0.53 37.82 0.56
C ASP B 42 -0.03 39.24 0.44
N ALA B 43 -0.97 39.61 1.33
CA ALA B 43 -1.60 40.93 1.40
C ALA B 43 -0.54 42.00 1.65
N MET B 44 0.44 41.70 2.54
CA MET B 44 1.56 42.57 2.87
C MET B 44 2.38 42.88 1.63
N ALA B 45 2.71 41.83 0.83
CA ALA B 45 3.47 41.91 -0.40
C ALA B 45 2.72 42.70 -1.46
N ILE B 46 1.39 42.44 -1.62
CA ILE B 46 0.50 43.11 -2.56
C ILE B 46 0.51 44.61 -2.27
N PHE B 47 0.26 44.99 -1.00
CA PHE B 47 0.25 46.38 -0.53
C PHE B 47 1.58 47.09 -0.73
N PHE B 48 2.69 46.41 -0.42
CA PHE B 48 4.04 46.95 -0.57
C PHE B 48 4.35 47.23 -2.06
N ALA B 49 3.92 46.33 -2.96
CA ALA B 49 4.09 46.46 -4.41
C ALA B 49 3.31 47.67 -4.92
N LEU B 50 2.11 47.90 -4.35
CA LEU B 50 1.24 49.01 -4.68
C LEU B 50 1.75 50.34 -4.14
N LYS B 51 2.66 50.28 -3.14
CA LYS B 51 3.27 51.46 -2.51
C LYS B 51 4.69 51.72 -3.07
N SER B 52 5.20 50.82 -3.93
CA SER B 52 6.51 50.94 -4.54
C SER B 52 6.44 51.53 -5.96
N PRO B 53 6.91 52.79 -6.15
CA PRO B 53 6.85 53.43 -7.48
C PRO B 53 7.63 52.74 -8.60
N GLU B 54 8.67 51.94 -8.25
CA GLU B 54 9.51 51.21 -9.22
C GLU B 54 8.80 50.00 -9.87
N LEU B 55 7.62 49.63 -9.35
CA LEU B 55 6.83 48.53 -9.90
C LEU B 55 5.49 49.06 -10.40
N ASP B 56 4.99 48.47 -11.51
CA ASP B 56 3.69 48.76 -12.07
C ASP B 56 2.91 47.46 -12.07
N VAL B 57 1.98 47.31 -11.09
CA VAL B 57 1.17 46.10 -10.95
C VAL B 57 0.14 46.07 -12.07
N ILE B 58 0.49 45.37 -13.16
CA ILE B 58 -0.34 45.25 -14.36
C ILE B 58 -1.56 44.33 -14.14
N ALA B 59 -1.41 43.28 -13.28
CA ALA B 59 -2.47 42.30 -12.95
C ALA B 59 -2.12 41.43 -11.75
N LEU B 60 -3.12 40.69 -11.21
CA LEU B 60 -3.01 39.74 -10.10
C LEU B 60 -3.65 38.42 -10.50
N THR B 61 -2.92 37.30 -10.36
CA THR B 61 -3.46 35.97 -10.67
C THR B 61 -3.60 35.16 -9.39
N THR B 62 -4.77 34.54 -9.19
CA THR B 62 -5.03 33.76 -7.98
C THR B 62 -4.75 32.28 -8.11
N ILE B 63 -4.37 31.66 -6.98
CA ILE B 63 -4.04 30.24 -6.85
C ILE B 63 -4.39 29.75 -5.43
N TYR B 64 -4.46 28.43 -5.23
CA TYR B 64 -4.71 27.78 -3.95
C TYR B 64 -3.44 27.90 -3.06
N GLY B 65 -3.48 27.32 -1.86
CA GLY B 65 -2.34 27.32 -0.95
C GLY B 65 -2.76 27.62 0.46
N ASN B 66 -2.71 28.91 0.83
CA ASN B 66 -3.14 29.38 2.14
C ASN B 66 -4.67 29.25 2.22
N VAL B 67 -5.34 29.58 1.10
CA VAL B 67 -6.78 29.52 0.91
C VAL B 67 -7.14 28.78 -0.39
N ARG B 68 -8.42 28.41 -0.55
CA ARG B 68 -8.92 27.78 -1.78
C ARG B 68 -8.91 28.84 -2.88
N THR B 69 -8.71 28.43 -4.15
CA THR B 69 -8.67 29.35 -5.28
C THR B 69 -9.84 30.36 -5.31
N PRO B 70 -11.14 29.96 -5.10
CA PRO B 70 -12.21 30.97 -5.08
C PRO B 70 -12.06 32.01 -3.95
N THR B 71 -11.59 31.55 -2.76
CA THR B 71 -11.35 32.41 -1.58
C THR B 71 -10.24 33.42 -1.90
N ALA B 72 -9.16 32.95 -2.55
CA ALA B 72 -8.01 33.77 -2.95
C ALA B 72 -8.45 34.90 -3.87
N THR B 73 -9.35 34.60 -4.83
CA THR B 73 -9.92 35.56 -5.79
C THR B 73 -10.70 36.65 -5.07
N VAL B 74 -11.60 36.24 -4.16
CA VAL B 74 -12.44 37.10 -3.33
C VAL B 74 -11.56 38.07 -2.54
N ASN B 75 -10.52 37.53 -1.87
CA ASN B 75 -9.57 38.29 -1.06
C ASN B 75 -8.74 39.26 -1.91
N ALA B 76 -8.23 38.80 -3.08
CA ALA B 76 -7.43 39.61 -4.00
C ALA B 76 -8.23 40.79 -4.56
N LEU B 77 -9.52 40.56 -4.89
CA LEU B 77 -10.43 41.59 -5.40
C LEU B 77 -10.65 42.62 -4.29
N HIS B 78 -10.86 42.14 -3.04
CA HIS B 78 -11.07 42.97 -1.85
C HIS B 78 -9.86 43.84 -1.52
N LEU B 79 -8.64 43.27 -1.59
CA LEU B 79 -7.40 43.98 -1.29
C LEU B 79 -7.17 45.14 -2.26
N LEU B 80 -7.46 44.92 -3.55
CA LEU B 80 -7.32 45.93 -4.59
C LEU B 80 -8.37 47.05 -4.44
N GLU B 81 -9.56 46.71 -3.90
CA GLU B 81 -10.64 47.66 -3.63
C GLU B 81 -10.20 48.58 -2.51
N PHE B 82 -9.62 48.00 -1.43
CA PHE B 82 -9.10 48.70 -0.27
C PHE B 82 -7.95 49.63 -0.67
N ALA B 83 -7.07 49.13 -1.55
CA ALA B 83 -5.92 49.89 -2.07
C ALA B 83 -6.35 51.01 -3.01
N GLY B 84 -7.58 50.92 -3.52
CA GLY B 84 -8.14 51.89 -4.45
C GLY B 84 -7.86 51.56 -5.89
N ARG B 85 -6.81 50.75 -6.13
CA ARG B 85 -6.39 50.29 -7.45
C ARG B 85 -7.34 49.22 -8.01
N GLU B 86 -8.59 49.64 -8.28
CA GLU B 86 -9.65 48.81 -8.83
C GLU B 86 -9.46 48.54 -10.33
N ASP B 87 -8.57 49.32 -10.97
CA ASP B 87 -8.19 49.21 -12.37
C ASP B 87 -7.45 47.90 -12.64
N ILE B 88 -6.78 47.35 -11.62
CA ILE B 88 -6.01 46.11 -11.72
C ILE B 88 -6.91 44.89 -11.87
N PRO B 89 -6.75 44.13 -12.98
CA PRO B 89 -7.58 42.93 -13.18
C PRO B 89 -7.16 41.76 -12.28
N VAL B 90 -8.13 40.91 -11.92
CA VAL B 90 -7.88 39.71 -11.10
C VAL B 90 -8.24 38.52 -11.99
N SER B 91 -7.27 37.66 -12.27
CA SER B 91 -7.47 36.48 -13.12
C SER B 91 -7.40 35.19 -12.28
N GLU B 92 -8.52 34.46 -12.16
CA GLU B 92 -8.57 33.21 -11.39
C GLU B 92 -7.82 32.09 -12.08
N GLY B 93 -7.06 31.32 -11.29
CA GLY B 93 -6.27 30.21 -11.78
C GLY B 93 -6.77 28.85 -11.34
N PHE B 94 -5.83 27.88 -11.28
CA PHE B 94 -6.07 26.49 -10.92
C PHE B 94 -6.68 26.30 -9.54
N ARG B 95 -7.74 25.49 -9.47
CA ARG B 95 -8.46 25.15 -8.24
C ARG B 95 -7.90 23.85 -7.65
N THR B 96 -7.12 23.10 -8.46
CA THR B 96 -6.46 21.84 -8.12
C THR B 96 -4.99 21.93 -8.52
N SER B 97 -4.20 20.90 -8.21
CA SER B 97 -2.79 20.86 -8.63
C SER B 97 -2.77 20.65 -10.17
N LEU B 98 -1.59 20.76 -10.80
CA LEU B 98 -1.44 20.59 -12.25
C LEU B 98 -2.00 19.24 -12.71
N ARG B 99 -1.75 18.17 -11.94
CA ARG B 99 -2.23 16.83 -12.27
C ARG B 99 -3.56 16.45 -11.58
N GLY B 100 -4.41 17.47 -11.41
CA GLY B 100 -5.76 17.35 -10.85
C GLY B 100 -5.89 16.90 -9.41
N GLU B 101 -4.84 17.09 -8.58
CA GLU B 101 -4.92 16.72 -7.16
C GLU B 101 -5.78 17.79 -6.47
N LEU B 102 -6.94 17.38 -5.93
CA LEU B 102 -7.92 18.26 -5.30
C LEU B 102 -7.36 19.10 -4.15
N LYS B 103 -7.54 20.43 -4.26
CA LYS B 103 -7.07 21.38 -3.27
C LYS B 103 -8.19 22.02 -2.45
N GLU B 104 -9.30 21.28 -2.30
CA GLU B 104 -10.44 21.66 -1.47
C GLU B 104 -10.12 21.10 -0.08
N ARG B 105 -10.62 21.75 0.98
CA ARG B 105 -10.36 21.38 2.39
C ARG B 105 -8.88 21.56 2.75
N ILE B 106 -8.49 22.80 3.09
CA ILE B 106 -7.10 23.15 3.44
C ILE B 106 -6.95 23.91 4.75
N ALA B 107 -5.84 23.63 5.48
CA ALA B 107 -5.45 24.18 6.78
C ALA B 107 -5.68 25.67 6.98
N ASP B 108 -6.35 26.04 8.10
CA ASP B 108 -6.65 27.43 8.44
C ASP B 108 -5.93 27.93 9.72
N PHE B 109 -5.02 27.12 10.28
CA PHE B 109 -4.30 27.46 11.50
C PHE B 109 -3.25 28.57 11.34
N VAL B 110 -2.89 28.89 10.09
CA VAL B 110 -1.90 29.91 9.78
C VAL B 110 -2.50 31.27 9.32
N HIS B 111 -3.50 31.24 8.41
CA HIS B 111 -4.12 32.44 7.86
C HIS B 111 -5.60 32.70 8.24
N GLY B 112 -6.22 31.76 8.95
CA GLY B 112 -7.60 31.87 9.39
C GLY B 112 -8.59 31.27 8.42
N ALA B 113 -9.87 31.24 8.82
CA ALA B 113 -10.97 30.70 8.00
C ALA B 113 -11.16 31.55 6.73
N ASP B 114 -11.19 32.88 6.88
CA ASP B 114 -11.36 33.83 5.78
C ASP B 114 -10.09 33.97 4.92
N GLY B 115 -8.95 33.64 5.50
CA GLY B 115 -7.64 33.74 4.86
C GLY B 115 -6.93 35.05 5.11
N LEU B 116 -7.63 35.98 5.80
CA LEU B 116 -7.09 37.29 6.14
C LEU B 116 -7.06 37.50 7.68
N GLY B 117 -6.55 36.49 8.38
CA GLY B 117 -6.39 36.48 9.83
C GLY B 117 -7.65 36.63 10.64
N ASN B 118 -8.77 36.03 10.17
CA ASN B 118 -10.09 36.06 10.80
C ASN B 118 -10.64 37.47 11.08
N THR B 119 -10.32 38.42 10.17
CA THR B 119 -10.78 39.81 10.23
C THR B 119 -12.19 39.93 9.64
N TYR B 120 -12.56 38.96 8.75
CA TYR B 120 -13.84 38.84 8.05
C TYR B 120 -14.24 40.17 7.39
N PRO B 121 -13.60 40.56 6.26
CA PRO B 121 -13.95 41.84 5.64
C PRO B 121 -15.30 41.84 4.94
N THR B 122 -15.89 43.04 4.78
CA THR B 122 -17.18 43.23 4.12
C THR B 122 -17.02 43.26 2.59
N LEU B 123 -16.70 42.08 2.03
CA LEU B 123 -16.48 41.86 0.60
C LEU B 123 -17.67 42.11 -0.23
N SER B 124 -17.41 42.61 -1.45
CA SER B 124 -18.29 43.12 -2.46
C SER B 124 -18.74 42.12 -3.54
N ASP B 125 -19.29 42.65 -4.65
CA ASP B 125 -19.82 41.91 -5.79
C ASP B 125 -18.87 41.88 -7.00
N ARG B 126 -17.69 42.58 -6.90
CA ARG B 126 -16.65 42.66 -7.93
C ARG B 126 -16.22 41.24 -8.32
N LYS B 127 -16.12 40.98 -9.63
CA LYS B 127 -15.81 39.65 -10.16
C LYS B 127 -14.49 39.56 -10.95
N PRO B 128 -13.84 38.37 -11.01
CA PRO B 128 -12.59 38.25 -11.78
C PRO B 128 -12.79 38.41 -13.29
N ILE B 129 -11.70 38.77 -14.01
CA ILE B 129 -11.67 39.05 -15.44
C ILE B 129 -11.98 37.89 -16.41
N ASP B 130 -12.80 36.89 -16.01
CA ASP B 130 -13.26 35.75 -16.84
C ASP B 130 -12.21 34.92 -17.64
N THR B 131 -11.00 35.47 -17.88
CA THR B 131 -9.89 34.81 -18.55
C THR B 131 -9.15 33.96 -17.49
N PHE B 132 -8.76 32.73 -17.85
CA PHE B 132 -8.04 31.84 -16.94
C PHE B 132 -6.61 32.32 -16.77
N ALA B 133 -6.09 32.30 -15.52
CA ALA B 133 -4.74 32.76 -15.18
C ALA B 133 -3.59 32.28 -16.09
N PRO B 134 -3.42 30.97 -16.41
CA PRO B 134 -2.32 30.58 -17.33
C PRO B 134 -2.51 31.15 -18.73
N ASP B 135 -3.76 31.16 -19.23
CA ASP B 135 -4.14 31.71 -20.53
C ASP B 135 -3.83 33.21 -20.57
N TYR B 136 -4.17 33.94 -19.49
CA TYR B 136 -3.91 35.36 -19.33
C TYR B 136 -2.41 35.66 -19.24
N LEU B 137 -1.66 34.78 -18.55
CA LEU B 137 -0.21 34.90 -18.38
C LEU B 137 0.50 34.86 -19.73
N ILE B 138 0.09 33.92 -20.61
CA ILE B 138 0.64 33.78 -21.97
C ILE B 138 0.26 35.03 -22.79
N GLN B 139 -1.01 35.47 -22.69
CA GLN B 139 -1.54 36.66 -23.38
C GLN B 139 -0.73 37.92 -23.09
N LYS B 140 -0.54 38.24 -21.79
CA LYS B 140 0.20 39.41 -21.36
C LYS B 140 1.70 39.37 -21.61
N VAL B 141 2.28 38.16 -21.65
CA VAL B 141 3.72 38.05 -21.92
C VAL B 141 4.04 38.19 -23.42
N ASN B 142 3.11 37.79 -24.31
CA ASN B 142 3.27 37.94 -25.75
C ASN B 142 3.10 39.41 -26.10
N GLU B 143 2.19 40.09 -25.37
CA GLU B 143 1.87 41.51 -25.48
C GLU B 143 3.10 42.37 -25.13
N PHE B 144 3.84 41.98 -24.07
CA PHE B 144 5.04 42.69 -23.61
C PHE B 144 6.19 41.68 -23.39
N PRO B 145 6.90 41.25 -24.46
CA PRO B 145 7.99 40.27 -24.28
C PRO B 145 9.22 40.87 -23.60
N GLY B 146 9.68 40.16 -22.56
CA GLY B 146 10.85 40.53 -21.76
C GLY B 146 10.64 41.75 -20.86
N GLU B 147 9.37 42.14 -20.64
CA GLU B 147 9.01 43.29 -19.81
C GLU B 147 8.33 42.88 -18.51
N ILE B 148 7.47 41.83 -18.58
CA ILE B 148 6.69 41.30 -17.47
C ILE B 148 7.55 40.53 -16.49
N THR B 149 7.42 40.84 -15.19
CA THR B 149 8.13 40.18 -14.09
C THR B 149 7.05 39.48 -13.25
N ILE B 150 7.00 38.14 -13.29
CA ILE B 150 6.00 37.41 -12.52
C ILE B 150 6.54 37.09 -11.13
N VAL B 151 5.86 37.59 -10.09
CA VAL B 151 6.23 37.33 -8.70
C VAL B 151 5.29 36.23 -8.18
N ALA B 152 5.82 34.99 -8.11
CA ALA B 152 5.07 33.82 -7.63
C ALA B 152 5.14 33.75 -6.10
N LEU B 153 4.01 34.06 -5.46
CA LEU B 153 3.86 34.09 -4.01
C LEU B 153 3.07 32.88 -3.49
N GLY B 154 2.76 31.96 -4.39
CA GLY B 154 2.04 30.72 -4.10
C GLY B 154 2.54 29.57 -4.95
N PRO B 155 1.85 28.39 -4.94
CA PRO B 155 2.29 27.26 -5.77
C PRO B 155 2.41 27.61 -7.26
N LEU B 156 3.44 27.06 -7.92
CA LEU B 156 3.77 27.36 -9.31
C LEU B 156 2.86 26.73 -10.40
N THR B 157 1.67 26.23 -10.01
CA THR B 157 0.68 25.58 -10.88
C THR B 157 0.27 26.41 -12.11
N ASN B 158 -0.11 27.69 -11.89
CA ASN B 158 -0.53 28.59 -12.96
C ASN B 158 0.58 28.84 -13.97
N LEU B 159 1.81 29.00 -13.47
CA LEU B 159 2.99 29.26 -14.28
C LEU B 159 3.41 28.02 -15.08
N ALA B 160 3.35 26.83 -14.46
CA ALA B 160 3.71 25.56 -15.09
C ALA B 160 2.75 25.20 -16.21
N ALA B 161 1.46 25.50 -16.03
CA ALA B 161 0.41 25.27 -17.02
C ALA B 161 0.67 26.13 -18.25
N ALA B 162 1.12 27.39 -18.04
CA ALA B 162 1.47 28.35 -19.09
C ALA B 162 2.69 27.85 -19.87
N VAL B 163 3.67 27.24 -19.17
CA VAL B 163 4.89 26.68 -19.75
C VAL B 163 4.55 25.45 -20.59
N GLU B 164 3.70 24.55 -20.05
CA GLU B 164 3.24 23.33 -20.72
C GLU B 164 2.41 23.65 -21.96
N CYS B 165 1.60 24.73 -21.89
CA CYS B 165 0.74 25.19 -22.97
C CYS B 165 1.57 25.81 -24.11
N ASP B 166 2.30 26.91 -23.81
CA ASP B 166 3.15 27.60 -24.77
C ASP B 166 4.63 27.38 -24.42
N PRO B 167 5.40 26.65 -25.26
CA PRO B 167 6.83 26.41 -24.93
C PRO B 167 7.72 27.65 -25.03
N THR B 168 7.26 28.70 -25.74
CA THR B 168 8.00 29.96 -25.91
C THR B 168 7.78 30.95 -24.77
N PHE B 169 6.88 30.61 -23.82
CA PHE B 169 6.53 31.42 -22.64
C PHE B 169 7.75 31.72 -21.76
N ALA B 170 8.55 30.67 -21.44
CA ALA B 170 9.75 30.76 -20.60
C ALA B 170 10.76 31.80 -21.08
N LYS B 171 11.03 31.83 -22.40
CA LYS B 171 11.97 32.81 -22.94
C LYS B 171 11.35 34.19 -23.17
N LYS B 172 10.00 34.27 -23.17
CA LYS B 172 9.27 35.53 -23.34
C LYS B 172 9.11 36.32 -22.04
N VAL B 173 9.10 35.64 -20.87
CA VAL B 173 8.98 36.30 -19.56
C VAL B 173 10.25 37.07 -19.22
N GLY B 174 10.08 38.27 -18.65
CA GLY B 174 11.19 39.11 -18.23
C GLY B 174 12.00 38.44 -17.13
N GLN B 175 11.30 38.08 -16.03
CA GLN B 175 11.87 37.39 -14.87
C GLN B 175 10.77 36.75 -14.05
N ILE B 176 11.08 35.63 -13.38
CA ILE B 176 10.17 34.94 -12.48
C ILE B 176 10.79 34.94 -11.09
N ILE B 177 10.19 35.69 -10.15
CA ILE B 177 10.66 35.74 -8.77
C ILE B 177 9.79 34.81 -7.96
N ILE B 178 10.37 33.70 -7.48
CA ILE B 178 9.65 32.66 -6.75
C ILE B 178 9.92 32.68 -5.26
N LEU B 179 8.84 32.69 -4.48
CA LEU B 179 8.91 32.49 -3.04
C LEU B 179 8.61 30.99 -2.92
N GLY B 180 9.62 30.24 -2.52
CA GLY B 180 9.48 28.80 -2.37
C GLY B 180 10.80 28.09 -2.20
N GLY B 181 10.71 26.93 -1.55
CA GLY B 181 11.85 26.07 -1.31
C GLY B 181 12.58 26.32 -0.01
N ALA B 182 13.35 25.30 0.43
CA ALA B 182 14.20 25.31 1.61
C ALA B 182 15.53 24.78 1.12
N PHE B 183 16.47 25.70 0.88
CA PHE B 183 17.78 25.37 0.34
C PHE B 183 18.80 25.14 1.43
N GLN B 184 19.13 23.85 1.66
CA GLN B 184 20.06 23.34 2.67
C GLN B 184 19.66 23.80 4.08
N VAL B 185 18.34 23.71 4.35
CA VAL B 185 17.66 24.07 5.59
C VAL B 185 16.35 23.25 5.68
N ASN B 186 15.81 23.06 6.89
CA ASN B 186 14.57 22.32 7.07
C ASN B 186 13.36 23.09 6.53
N GLY B 187 12.34 22.36 6.07
CA GLY B 187 11.12 22.94 5.53
C GLY B 187 10.15 23.43 6.59
N ASN B 188 9.07 24.11 6.16
CA ASN B 188 8.04 24.63 7.06
C ASN B 188 6.77 23.77 7.14
N VAL B 189 6.45 23.01 6.09
CA VAL B 189 5.29 22.11 6.04
C VAL B 189 5.65 20.84 6.82
N ASN B 190 6.79 20.24 6.47
CA ASN B 190 7.38 19.06 7.08
C ASN B 190 8.89 19.32 7.10
N PRO B 191 9.74 18.53 7.83
CA PRO B 191 11.18 18.84 7.85
C PRO B 191 11.88 18.95 6.51
N ALA B 192 11.30 18.35 5.45
CA ALA B 192 11.90 18.36 4.11
C ALA B 192 11.41 19.44 3.15
N ALA B 193 10.10 19.77 3.20
CA ALA B 193 9.51 20.71 2.23
C ALA B 193 8.93 22.01 2.73
N GLU B 194 8.95 23.02 1.82
CA GLU B 194 8.37 24.35 1.97
C GLU B 194 6.97 24.32 1.34
N ALA B 195 6.02 25.03 1.97
CA ALA B 195 4.61 25.16 1.58
C ALA B 195 4.27 25.24 0.08
N ASN B 196 4.68 26.33 -0.62
CA ASN B 196 4.41 26.57 -2.03
C ASN B 196 4.89 25.45 -2.96
N ILE B 197 6.08 24.88 -2.67
CA ILE B 197 6.64 23.79 -3.46
C ILE B 197 5.92 22.48 -3.14
N TYR B 198 5.60 22.24 -1.84
CA TYR B 198 4.87 21.04 -1.41
C TYR B 198 3.46 21.00 -2.01
N GLY B 199 2.89 22.19 -2.26
CA GLY B 199 1.57 22.36 -2.88
C GLY B 199 1.47 21.69 -4.24
N ASP B 200 2.51 21.87 -5.08
CA ASP B 200 2.61 21.24 -6.40
C ASP B 200 4.08 20.99 -6.77
N PRO B 201 4.62 19.81 -6.38
CA PRO B 201 6.03 19.51 -6.70
C PRO B 201 6.29 19.30 -8.19
N GLU B 202 5.28 18.81 -8.93
CA GLU B 202 5.35 18.56 -10.38
C GLU B 202 5.49 19.90 -11.11
N ALA B 203 4.66 20.89 -10.72
CA ALA B 203 4.65 22.24 -11.28
C ALA B 203 5.93 22.99 -10.96
N ALA B 204 6.48 22.78 -9.75
CA ALA B 204 7.70 23.43 -9.30
C ALA B 204 8.88 22.96 -10.15
N ASP B 205 9.00 21.63 -10.36
CA ASP B 205 10.06 21.02 -11.16
C ASP B 205 9.99 21.49 -12.63
N ILE B 206 8.76 21.73 -13.15
CA ILE B 206 8.54 22.23 -14.51
C ILE B 206 9.15 23.62 -14.67
N ILE B 207 8.89 24.50 -13.69
CA ILE B 207 9.36 25.88 -13.64
C ILE B 207 10.88 25.97 -13.47
N PHE B 208 11.45 25.25 -12.49
CA PHE B 208 12.89 25.26 -12.25
C PHE B 208 13.73 24.72 -13.42
N THR B 209 13.08 24.01 -14.36
CA THR B 209 13.68 23.41 -15.55
C THR B 209 13.29 24.16 -16.86
N CYS B 210 12.21 24.98 -16.82
CA CYS B 210 11.71 25.72 -17.99
C CYS B 210 12.71 26.61 -18.74
N GLY B 211 13.74 27.09 -18.05
CA GLY B 211 14.80 27.90 -18.65
C GLY B 211 14.61 29.41 -18.65
N ALA B 212 13.63 29.91 -17.90
CA ALA B 212 13.34 31.33 -17.79
C ALA B 212 14.31 32.02 -16.82
N ASP B 213 14.31 33.37 -16.79
CA ASP B 213 15.12 34.16 -15.85
C ASP B 213 14.44 33.97 -14.50
N ILE B 214 15.01 33.10 -13.67
CA ILE B 214 14.41 32.77 -12.38
C ILE B 214 15.24 33.22 -11.18
N LEU B 215 14.57 33.83 -10.20
CA LEU B 215 15.14 34.30 -8.95
C LEU B 215 14.38 33.58 -7.82
N VAL B 216 15.06 32.65 -7.12
CA VAL B 216 14.44 31.86 -6.05
C VAL B 216 14.75 32.42 -4.67
N VAL B 217 13.70 32.73 -3.93
CA VAL B 217 13.78 33.24 -2.56
C VAL B 217 13.19 32.14 -1.68
N GLY B 218 14.08 31.37 -1.06
CA GLY B 218 13.68 30.26 -0.20
C GLY B 218 13.52 30.65 1.25
N ILE B 219 12.92 29.74 2.06
CA ILE B 219 12.73 29.96 3.50
C ILE B 219 14.03 30.08 4.29
N ASN B 220 15.15 29.63 3.67
CA ASN B 220 16.50 29.76 4.22
C ASN B 220 16.86 31.24 4.37
N ILE B 221 16.32 32.10 3.48
CA ILE B 221 16.54 33.54 3.55
C ILE B 221 15.36 34.33 4.15
N THR B 222 14.11 33.83 4.00
CA THR B 222 12.93 34.53 4.55
C THR B 222 12.87 34.38 6.07
N HIS B 223 13.48 33.34 6.64
CA HIS B 223 13.52 33.12 8.08
C HIS B 223 14.48 34.10 8.77
N GLN B 224 15.28 34.83 7.98
CA GLN B 224 16.20 35.86 8.43
C GLN B 224 15.49 37.21 8.48
N VAL B 225 14.43 37.38 7.65
CA VAL B 225 13.62 38.60 7.57
C VAL B 225 12.36 38.42 8.41
N TYR B 226 12.33 39.05 9.59
CA TYR B 226 11.20 38.96 10.53
C TYR B 226 10.84 40.28 11.18
N TRP B 227 9.60 40.39 11.66
CA TRP B 227 9.06 41.56 12.34
C TRP B 227 8.62 41.15 13.73
N THR B 228 9.14 41.83 14.77
CA THR B 228 8.78 41.58 16.16
C THR B 228 7.39 42.15 16.46
N GLY B 229 6.86 41.84 17.65
CA GLY B 229 5.57 42.34 18.11
C GLY B 229 5.53 43.86 18.12
N LYS B 230 6.68 44.49 18.45
CA LYS B 230 6.88 45.94 18.48
C LYS B 230 6.86 46.52 17.09
N ASP B 231 7.41 45.80 16.08
CA ASP B 231 7.41 46.22 14.68
C ASP B 231 5.97 46.29 14.15
N LEU B 232 5.15 45.29 14.53
CA LEU B 232 3.73 45.19 14.20
C LEU B 232 2.97 46.32 14.91
N GLU B 233 3.31 46.59 16.18
CA GLU B 233 2.74 47.64 17.01
C GLU B 233 2.99 49.01 16.36
N ASP B 234 4.21 49.21 15.83
CA ASP B 234 4.63 50.44 15.14
C ASP B 234 3.81 50.66 13.87
N LEU B 235 3.46 49.55 13.19
CA LEU B 235 2.66 49.53 11.97
C LEU B 235 1.19 49.85 12.28
N GLY B 236 0.73 49.42 13.47
CA GLY B 236 -0.63 49.66 13.93
C GLY B 236 -0.83 51.09 14.41
N ARG B 237 0.21 51.65 15.08
CA ARG B 237 0.20 53.01 15.60
C ARG B 237 0.31 54.05 14.48
N SER B 238 0.96 53.66 13.35
CA SER B 238 1.18 54.51 12.17
C SER B 238 -0.11 55.03 11.55
N ASP B 239 -0.05 56.23 10.94
CA ASP B 239 -1.21 56.86 10.30
C ASP B 239 -1.34 56.45 8.81
N SER B 240 -1.11 55.16 8.53
CA SER B 240 -1.18 54.56 7.20
C SER B 240 -2.37 53.61 7.11
N LYS B 241 -3.16 53.75 6.02
CA LYS B 241 -4.36 52.94 5.72
C LYS B 241 -4.01 51.46 5.67
N PHE B 242 -2.90 51.14 4.98
CA PHE B 242 -2.39 49.78 4.79
C PHE B 242 -1.76 49.20 6.06
N GLY B 243 -0.92 49.99 6.72
CA GLY B 243 -0.24 49.61 7.96
C GLY B 243 -1.20 49.19 9.05
N LYS B 244 -2.27 49.98 9.24
CA LYS B 244 -3.32 49.73 10.22
C LYS B 244 -4.12 48.47 9.85
N TYR B 245 -4.40 48.28 8.53
CA TYR B 245 -5.11 47.10 8.00
C TYR B 245 -4.31 45.83 8.26
N LEU B 246 -3.01 45.84 7.88
CA LEU B 246 -2.12 44.69 8.01
C LEU B 246 -1.90 44.29 9.46
N TYR B 247 -1.90 45.28 10.39
CA TYR B 247 -1.76 45.03 11.82
C TYR B 247 -2.92 44.20 12.35
N ALA B 248 -4.16 44.48 11.89
CA ALA B 248 -5.38 43.77 12.26
C ALA B 248 -5.34 42.29 11.82
N ALA B 249 -4.90 42.04 10.57
CA ALA B 249 -4.76 40.71 10.00
C ALA B 249 -3.61 39.94 10.65
N SER B 250 -2.55 40.65 11.06
CA SER B 250 -1.33 40.10 11.66
C SER B 250 -1.53 39.34 12.96
N HIS B 251 -2.53 39.74 13.78
CA HIS B 251 -2.82 39.14 15.08
C HIS B 251 -2.90 37.61 15.07
N PHE B 252 -3.64 37.03 14.11
CA PHE B 252 -3.79 35.57 13.96
C PHE B 252 -2.47 34.93 13.50
N TYR B 253 -1.76 35.59 12.57
CA TYR B 253 -0.48 35.14 12.02
C TYR B 253 0.61 35.15 13.12
N ALA B 254 0.53 36.12 14.05
CA ALA B 254 1.45 36.28 15.18
C ALA B 254 1.25 35.17 16.21
N THR B 255 -0.02 34.81 16.50
CA THR B 255 -0.38 33.75 17.45
C THR B 255 0.11 32.39 16.95
N TYR B 256 0.16 32.18 15.61
CA TYR B 256 0.64 30.95 14.99
C TYR B 256 2.15 30.79 15.22
N HIS B 257 2.94 31.83 14.90
CA HIS B 257 4.40 31.87 15.08
C HIS B 257 4.79 31.67 16.54
N ARG B 258 3.97 32.18 17.47
CA ARG B 258 4.17 32.08 18.91
C ARG B 258 3.96 30.66 19.45
N GLU B 259 3.13 29.85 18.77
CA GLU B 259 2.86 28.46 19.18
C GLU B 259 3.60 27.41 18.36
N ALA B 260 3.93 27.72 17.09
CA ALA B 260 4.65 26.81 16.21
C ALA B 260 6.17 26.96 16.31
N TYR B 261 6.68 28.21 16.27
CA TYR B 261 8.12 28.50 16.35
C TYR B 261 8.55 29.02 17.74
N ASP B 262 7.57 29.42 18.58
CA ASP B 262 7.76 30.00 19.92
C ASP B 262 8.67 31.25 19.88
N ILE B 263 8.22 32.25 19.12
CA ILE B 263 8.89 33.53 18.88
C ILE B 263 7.87 34.68 18.89
N ASP B 264 8.27 35.86 19.42
CA ASP B 264 7.42 37.05 19.43
C ASP B 264 7.70 37.86 18.15
N ALA B 265 7.63 37.18 16.99
CA ALA B 265 7.89 37.74 15.67
C ALA B 265 7.25 36.92 14.56
N ILE B 266 7.01 37.54 13.41
CA ILE B 266 6.45 36.87 12.22
C ILE B 266 7.43 36.91 11.06
N TYR B 267 7.60 35.77 10.38
CA TYR B 267 8.50 35.69 9.24
C TYR B 267 7.84 36.33 8.03
N LEU B 268 8.53 37.28 7.42
CA LEU B 268 8.04 38.02 6.27
C LEU B 268 8.44 37.27 5.00
N HIS B 269 7.68 36.22 4.65
CA HIS B 269 7.96 35.37 3.50
C HIS B 269 7.69 36.09 2.18
N ASP B 270 6.40 36.29 1.85
CA ASP B 270 5.93 36.95 0.62
C ASP B 270 6.42 38.40 0.49
N PRO B 271 6.41 39.27 1.54
CA PRO B 271 6.89 40.65 1.33
C PRO B 271 8.39 40.79 1.06
N ALA B 272 9.23 39.84 1.56
CA ALA B 272 10.68 39.84 1.31
C ALA B 272 10.98 39.51 -0.15
N THR B 273 10.13 38.66 -0.76
CA THR B 273 10.19 38.26 -2.17
C THR B 273 9.87 39.48 -3.04
N MET B 274 8.91 40.32 -2.57
CA MET B 274 8.52 41.55 -3.26
C MET B 274 9.65 42.58 -3.24
N VAL B 275 10.48 42.56 -2.18
CA VAL B 275 11.64 43.45 -2.02
C VAL B 275 12.66 43.14 -3.13
N ALA B 276 12.86 41.85 -3.47
CA ALA B 276 13.76 41.41 -4.53
C ALA B 276 13.35 41.99 -5.89
N ALA B 277 12.03 42.17 -6.10
CA ALA B 277 11.47 42.78 -7.32
C ALA B 277 11.78 44.28 -7.34
N VAL B 278 11.68 44.93 -6.17
CA VAL B 278 11.94 46.36 -5.96
C VAL B 278 13.45 46.65 -6.09
N ASP B 279 14.27 46.03 -5.21
CA ASP B 279 15.72 46.19 -5.18
C ASP B 279 16.41 44.83 -4.99
N PRO B 280 16.91 44.20 -6.09
CA PRO B 280 17.56 42.89 -5.94
C PRO B 280 18.94 42.92 -5.29
N SER B 281 19.55 44.13 -5.17
CA SER B 281 20.87 44.35 -4.58
C SER B 281 20.93 43.95 -3.10
N LEU B 282 19.77 43.92 -2.42
CA LEU B 282 19.65 43.57 -1.01
C LEU B 282 19.87 42.07 -0.73
N MET B 283 20.07 41.27 -1.80
CA MET B 283 20.31 39.83 -1.74
C MET B 283 21.48 39.38 -2.61
N THR B 284 22.20 38.34 -2.16
CA THR B 284 23.32 37.72 -2.87
C THR B 284 22.79 36.42 -3.49
N TYR B 285 23.09 36.20 -4.77
CA TYR B 285 22.59 35.03 -5.46
C TYR B 285 23.67 34.07 -5.93
N ALA B 286 23.31 32.77 -5.99
CA ALA B 286 24.16 31.68 -6.47
C ALA B 286 23.46 31.08 -7.68
N THR B 287 24.21 30.93 -8.78
CA THR B 287 23.68 30.38 -10.03
C THR B 287 23.93 28.88 -10.08
N GLY B 288 22.89 28.13 -10.44
CA GLY B 288 22.94 26.68 -10.55
C GLY B 288 21.59 26.05 -10.84
N ALA B 289 21.56 24.72 -10.99
CA ALA B 289 20.34 23.96 -11.29
C ALA B 289 19.56 23.56 -10.05
N VAL B 290 18.22 23.63 -10.14
CA VAL B 290 17.29 23.27 -9.06
C VAL B 290 16.34 22.18 -9.52
N ARG B 291 16.23 21.09 -8.74
CA ARG B 291 15.32 19.99 -9.01
C ARG B 291 14.43 19.75 -7.81
N VAL B 292 13.20 19.27 -8.04
CA VAL B 292 12.21 19.03 -6.97
C VAL B 292 11.82 17.55 -6.90
N GLN B 293 11.90 16.96 -5.68
CA GLN B 293 11.50 15.58 -5.41
C GLN B 293 9.96 15.54 -5.39
N LYS B 294 9.34 14.78 -6.30
CA LYS B 294 7.87 14.74 -6.39
C LYS B 294 7.15 13.71 -5.50
N ASP B 295 7.84 12.63 -5.09
CA ASP B 295 7.26 11.57 -4.26
C ASP B 295 7.94 11.51 -2.90
N GLY B 296 7.13 11.34 -1.84
CA GLY B 296 7.56 11.31 -0.44
C GLY B 296 8.56 10.21 -0.10
N ILE B 297 9.18 10.20 1.10
CA ILE B 297 9.08 11.08 2.28
C ILE B 297 9.48 12.52 2.01
N CYS B 298 10.47 12.75 1.14
CA CYS B 298 10.98 14.07 0.81
C CYS B 298 10.23 14.79 -0.33
N LYS B 299 8.90 14.56 -0.44
CA LYS B 299 8.05 15.21 -1.45
C LYS B 299 8.13 16.72 -1.22
N GLY B 300 8.39 17.47 -2.29
CA GLY B 300 8.50 18.92 -2.28
C GLY B 300 9.85 19.48 -1.89
N LEU B 301 10.89 18.62 -1.81
CA LEU B 301 12.23 19.08 -1.47
C LEU B 301 12.88 19.75 -2.67
N THR B 302 13.47 20.93 -2.45
CA THR B 302 14.16 21.69 -3.49
C THR B 302 15.65 21.47 -3.33
N LEU B 303 16.29 20.90 -4.35
CA LEU B 303 17.72 20.68 -4.29
C LEU B 303 18.49 21.48 -5.32
N PHE B 304 19.40 22.34 -4.82
CA PHE B 304 20.22 23.23 -5.62
C PHE B 304 21.62 22.68 -5.80
N ASN B 305 22.11 22.71 -7.05
CA ASN B 305 23.45 22.29 -7.41
C ASN B 305 24.31 23.52 -7.76
N ASN B 306 25.14 23.93 -6.77
CA ASN B 306 26.15 24.99 -6.73
C ASN B 306 27.36 24.18 -6.21
N SER B 307 27.77 23.20 -6.98
CA SER B 307 28.85 22.34 -6.54
C SER B 307 29.63 22.18 -7.80
N ASN B 308 30.67 23.00 -7.92
CA ASN B 308 31.57 23.00 -9.07
C ASN B 308 32.46 21.75 -9.13
N LYS B 309 31.86 20.61 -8.76
CA LYS B 309 32.40 19.25 -8.76
C LYS B 309 32.04 18.64 -10.11
N VAL B 310 31.01 19.21 -10.79
CA VAL B 310 30.45 18.77 -12.06
C VAL B 310 31.38 17.85 -12.86
N TRP B 311 31.17 16.51 -12.96
CA TRP B 311 30.35 15.41 -12.42
C TRP B 311 30.75 14.25 -13.31
N HIS B 312 31.59 13.35 -12.78
CA HIS B 312 32.17 12.16 -13.44
C HIS B 312 31.29 11.24 -14.31
N ASP B 313 29.94 11.28 -14.15
CA ASP B 313 28.86 10.59 -14.85
C ASP B 313 27.67 11.56 -14.74
N PRO B 314 26.85 11.80 -15.79
CA PRO B 314 25.77 12.80 -15.69
C PRO B 314 24.72 12.54 -14.63
N THR B 315 24.30 13.63 -13.95
CA THR B 315 23.30 13.61 -12.87
C THR B 315 21.99 14.22 -13.38
N ASP B 316 20.94 14.20 -12.54
CA ASP B 316 19.65 14.78 -12.89
C ASP B 316 19.66 16.32 -12.81
N TRP B 317 20.82 16.91 -12.47
CA TRP B 317 21.05 18.35 -12.39
C TRP B 317 21.92 18.80 -13.58
N CYS B 318 22.52 17.83 -14.30
CA CYS B 318 23.35 18.04 -15.48
C CYS B 318 22.48 18.37 -16.68
N GLY B 319 22.84 19.46 -17.38
CA GLY B 319 22.14 19.94 -18.56
C GLY B 319 20.83 20.64 -18.28
N ILE B 320 20.60 21.01 -17.00
CA ILE B 320 19.39 21.71 -16.54
C ILE B 320 19.69 23.22 -16.54
N PRO B 321 18.80 24.07 -17.11
CA PRO B 321 19.08 25.51 -17.14
C PRO B 321 19.31 26.11 -15.75
N PRO B 322 20.39 26.89 -15.55
CA PRO B 322 20.67 27.44 -14.22
C PRO B 322 19.72 28.56 -13.81
N VAL B 323 19.50 28.70 -12.50
CA VAL B 323 18.63 29.72 -11.90
C VAL B 323 19.37 30.44 -10.78
N LYS B 324 18.97 31.70 -10.47
CA LYS B 324 19.60 32.47 -9.39
C LYS B 324 18.88 32.14 -8.08
N VAL B 325 19.63 31.67 -7.08
CA VAL B 325 19.07 31.29 -5.78
C VAL B 325 19.65 32.23 -4.71
N ALA B 326 18.77 32.93 -3.98
CA ALA B 326 19.16 33.86 -2.92
C ALA B 326 19.87 33.10 -1.78
N VAL B 327 21.10 33.55 -1.46
CA VAL B 327 21.96 32.96 -0.42
C VAL B 327 21.99 33.82 0.85
N THR B 328 22.24 35.14 0.70
CA THR B 328 22.27 36.06 1.85
C THR B 328 21.37 37.27 1.66
N VAL B 329 20.85 37.79 2.79
CA VAL B 329 19.95 38.95 2.87
C VAL B 329 20.54 40.06 3.72
N ASP B 330 20.12 41.31 3.47
CA ASP B 330 20.47 42.48 4.28
C ASP B 330 19.22 42.70 5.14
N ARG B 331 18.93 41.74 6.04
CA ARG B 331 17.75 41.69 6.92
C ARG B 331 17.29 43.03 7.50
N GLU B 332 18.24 43.91 7.87
CA GLU B 332 17.96 45.24 8.42
C GLU B 332 17.33 46.14 7.35
N ARG B 333 17.96 46.20 6.15
CA ARG B 333 17.50 47.01 5.03
C ARG B 333 16.20 46.52 4.40
N VAL B 334 15.94 45.19 4.45
CA VAL B 334 14.72 44.59 3.90
C VAL B 334 13.54 44.95 4.81
N ALA B 335 13.70 44.74 6.14
CA ALA B 335 12.69 45.05 7.14
C ALA B 335 12.45 46.56 7.31
N SER B 336 13.46 47.41 7.00
CA SER B 336 13.30 48.85 7.10
C SER B 336 12.48 49.39 5.92
N LEU B 337 12.71 48.83 4.70
CA LEU B 337 12.00 49.19 3.47
C LEU B 337 10.54 48.74 3.59
N LEU B 338 10.31 47.53 4.15
CA LEU B 338 8.99 46.99 4.44
C LEU B 338 8.61 47.57 5.79
N LYS B 339 8.33 48.88 5.84
CA LYS B 339 7.95 49.61 7.05
C LYS B 339 7.83 51.06 6.65
N GLU B 340 8.93 51.65 6.12
CA GLU B 340 8.92 53.04 5.64
C GLU B 340 7.86 53.23 4.54
N ARG B 341 7.57 52.15 3.78
CA ARG B 341 6.59 52.11 2.70
C ARG B 341 5.19 51.84 3.25
N LEU B 342 5.08 50.94 4.25
CA LEU B 342 3.81 50.53 4.86
C LEU B 342 3.36 51.43 6.03
N THR B 343 4.21 52.39 6.46
CA THR B 343 3.95 53.35 7.54
C THR B 343 3.64 54.75 6.96
N ALA B 344 4.18 55.04 5.76
CA ALA B 344 4.00 56.31 5.05
C ALA B 344 2.51 56.61 4.77
N PRO B 345 2.03 57.84 5.08
CA PRO B 345 0.62 58.17 4.83
C PRO B 345 0.39 58.72 3.43
N PRO C 28 -38.45 3.17 -6.78
CA PRO C 28 -38.59 4.20 -7.82
C PRO C 28 -39.00 5.56 -7.24
N PRO C 29 -38.55 6.72 -7.81
CA PRO C 29 -37.68 6.89 -8.98
C PRO C 29 -36.18 6.84 -8.64
N LYS C 30 -35.33 6.72 -9.67
CA LYS C 30 -33.87 6.67 -9.47
C LYS C 30 -33.21 8.04 -9.41
N LYS C 31 -32.28 8.20 -8.45
CA LYS C 31 -31.51 9.43 -8.24
C LYS C 31 -30.49 9.58 -9.36
N VAL C 32 -30.43 10.77 -9.98
CA VAL C 32 -29.53 11.03 -11.10
C VAL C 32 -28.72 12.33 -10.94
N ILE C 33 -27.41 12.27 -11.19
CA ILE C 33 -26.47 13.41 -11.23
C ILE C 33 -26.03 13.49 -12.69
N ILE C 34 -26.11 14.68 -13.32
CA ILE C 34 -25.72 14.83 -14.72
C ILE C 34 -24.50 15.69 -14.98
N ASP C 35 -23.38 15.05 -15.41
CA ASP C 35 -22.12 15.71 -15.75
C ASP C 35 -22.28 16.25 -17.16
N THR C 36 -22.50 17.58 -17.27
CA THR C 36 -22.84 18.23 -18.53
C THR C 36 -21.98 19.44 -18.95
N ASP C 37 -21.99 19.73 -20.26
CA ASP C 37 -21.35 20.87 -20.93
C ASP C 37 -22.42 21.52 -21.85
N PRO C 38 -23.47 22.19 -21.29
CA PRO C 38 -24.53 22.73 -22.15
C PRO C 38 -24.15 23.90 -23.07
N GLY C 39 -24.27 23.73 -24.39
CA GLY C 39 -24.67 22.51 -25.08
C GLY C 39 -26.15 22.43 -25.40
N ILE C 40 -26.48 22.47 -26.71
CA ILE C 40 -27.85 22.38 -27.23
C ILE C 40 -28.41 20.98 -26.98
N ASP C 41 -27.64 19.94 -27.37
CA ASP C 41 -28.00 18.52 -27.17
C ASP C 41 -28.03 18.17 -25.69
N ASP C 42 -27.17 18.83 -24.88
CA ASP C 42 -27.09 18.65 -23.44
C ASP C 42 -28.37 19.21 -22.81
N ALA C 43 -28.83 20.40 -23.27
CA ALA C 43 -30.05 21.05 -22.82
C ALA C 43 -31.27 20.17 -23.08
N MET C 44 -31.30 19.49 -24.24
CA MET C 44 -32.33 18.55 -24.65
C MET C 44 -32.44 17.41 -23.66
N ALA C 45 -31.27 16.82 -23.28
CA ALA C 45 -31.15 15.71 -22.32
C ALA C 45 -31.57 16.15 -20.93
N ILE C 46 -31.13 17.36 -20.49
CA ILE C 46 -31.47 17.95 -19.19
C ILE C 46 -32.99 18.08 -19.09
N PHE C 47 -33.63 18.71 -20.09
CA PHE C 47 -35.07 18.92 -20.16
C PHE C 47 -35.86 17.62 -20.17
N PHE C 48 -35.39 16.62 -20.94
CA PHE C 48 -36.03 15.31 -21.03
C PHE C 48 -35.98 14.58 -19.68
N ALA C 49 -34.85 14.68 -18.96
CA ALA C 49 -34.66 14.10 -17.63
C ALA C 49 -35.62 14.72 -16.64
N LEU C 50 -35.84 16.05 -16.76
CA LEU C 50 -36.74 16.83 -15.91
C LEU C 50 -38.21 16.55 -16.23
N LYS C 51 -38.49 15.99 -17.42
CA LYS C 51 -39.84 15.63 -17.86
C LYS C 51 -40.12 14.13 -17.69
N SER C 52 -39.10 13.35 -17.26
CA SER C 52 -39.22 11.91 -17.03
C SER C 52 -39.45 11.58 -15.54
N PRO C 53 -40.69 11.12 -15.17
CA PRO C 53 -40.96 10.82 -13.76
C PRO C 53 -40.14 9.69 -13.12
N GLU C 54 -39.57 8.79 -13.95
CA GLU C 54 -38.75 7.67 -13.48
C GLU C 54 -37.34 8.08 -13.00
N LEU C 55 -36.97 9.35 -13.22
CA LEU C 55 -35.69 9.91 -12.78
C LEU C 55 -35.93 11.05 -11.81
N ASP C 56 -35.04 11.16 -10.82
CA ASP C 56 -35.05 12.25 -9.85
C ASP C 56 -33.69 12.95 -9.98
N VAL C 57 -33.67 14.11 -10.65
CA VAL C 57 -32.45 14.88 -10.87
C VAL C 57 -32.04 15.52 -9.54
N ILE C 58 -31.16 14.82 -8.81
CA ILE C 58 -30.66 15.25 -7.51
C ILE C 58 -29.68 16.45 -7.60
N ALA C 59 -28.88 16.53 -8.70
CA ALA C 59 -27.89 17.59 -8.96
C ALA C 59 -27.36 17.59 -10.40
N LEU C 60 -26.67 18.68 -10.78
CA LEU C 60 -26.04 18.86 -12.10
C LEU C 60 -24.59 19.31 -11.89
N THR C 61 -23.63 18.61 -12.52
CA THR C 61 -22.22 18.99 -12.43
C THR C 61 -21.71 19.47 -13.77
N THR C 62 -21.03 20.62 -13.80
CA THR C 62 -20.54 21.21 -15.04
C THR C 62 -19.10 20.84 -15.39
N ILE C 63 -18.83 20.78 -16.70
CA ILE C 63 -17.52 20.46 -17.28
C ILE C 63 -17.35 21.19 -18.62
N TYR C 64 -16.11 21.26 -19.13
CA TYR C 64 -15.76 21.86 -20.42
C TYR C 64 -16.22 20.92 -21.56
N GLY C 65 -15.94 21.29 -22.80
CA GLY C 65 -16.29 20.48 -23.97
C GLY C 65 -16.88 21.32 -25.08
N ASN C 66 -18.21 21.45 -25.10
CA ASN C 66 -18.91 22.28 -26.06
C ASN C 66 -18.63 23.76 -25.74
N VAL C 67 -18.61 24.06 -24.44
CA VAL C 67 -18.34 25.38 -23.88
C VAL C 67 -17.29 25.28 -22.78
N ARG C 68 -16.75 26.44 -22.36
CA ARG C 68 -15.80 26.54 -21.25
C ARG C 68 -16.55 26.23 -19.96
N THR C 69 -15.87 25.66 -18.95
CA THR C 69 -16.52 25.32 -17.67
C THR C 69 -17.35 26.47 -17.06
N PRO C 70 -16.88 27.75 -17.00
CA PRO C 70 -17.73 28.81 -16.44
C PRO C 70 -19.00 29.04 -17.25
N THR C 71 -18.91 28.94 -18.60
CA THR C 71 -20.03 29.11 -19.54
C THR C 71 -21.05 27.99 -19.30
N ALA C 72 -20.57 26.74 -19.13
CA ALA C 72 -21.39 25.56 -18.86
C ALA C 72 -22.23 25.75 -17.59
N THR C 73 -21.60 26.32 -16.53
CA THR C 73 -22.24 26.59 -15.24
C THR C 73 -23.38 27.60 -15.39
N VAL C 74 -23.09 28.72 -16.08
CA VAL C 74 -24.02 29.81 -16.38
C VAL C 74 -25.24 29.25 -17.12
N ASN C 75 -25.01 28.44 -18.17
CA ASN C 75 -26.03 27.81 -18.98
C ASN C 75 -26.86 26.81 -18.18
N ALA C 76 -26.20 25.94 -17.37
CA ALA C 76 -26.87 24.93 -16.53
C ALA C 76 -27.78 25.58 -15.49
N LEU C 77 -27.32 26.69 -14.88
CA LEU C 77 -28.09 27.44 -13.90
C LEU C 77 -29.33 28.03 -14.59
N HIS C 78 -29.13 28.59 -15.80
CA HIS C 78 -30.18 29.18 -16.63
C HIS C 78 -31.25 28.16 -17.05
N LEU C 79 -30.81 26.95 -17.48
CA LEU C 79 -31.72 25.89 -17.93
C LEU C 79 -32.63 25.41 -16.81
N LEU C 80 -32.08 25.29 -15.57
CA LEU C 80 -32.84 24.88 -14.40
C LEU C 80 -33.83 25.97 -13.95
N GLU C 81 -33.49 27.25 -14.20
CA GLU C 81 -34.34 28.40 -13.90
C GLU C 81 -35.56 28.34 -14.82
N PHE C 82 -35.32 28.09 -16.12
CA PHE C 82 -36.32 27.98 -17.17
C PHE C 82 -37.24 26.80 -16.88
N ALA C 83 -36.66 25.68 -16.44
CA ALA C 83 -37.40 24.46 -16.09
C ALA C 83 -38.22 24.62 -14.81
N GLY C 84 -37.88 25.64 -14.02
CA GLY C 84 -38.54 25.93 -12.75
C GLY C 84 -37.89 25.22 -11.58
N ARG C 85 -37.17 24.11 -11.86
CA ARG C 85 -36.46 23.30 -10.88
C ARG C 85 -35.20 24.00 -10.37
N GLU C 86 -35.41 25.12 -9.66
CA GLU C 86 -34.34 25.95 -9.08
C GLU C 86 -33.74 25.29 -7.83
N ASP C 87 -34.45 24.29 -7.27
CA ASP C 87 -34.06 23.49 -6.11
C ASP C 87 -32.80 22.67 -6.40
N ILE C 88 -32.59 22.29 -7.67
CA ILE C 88 -31.46 21.48 -8.13
C ILE C 88 -30.15 22.25 -8.05
N PRO C 89 -29.17 21.75 -7.25
CA PRO C 89 -27.87 22.43 -7.16
C PRO C 89 -27.01 22.25 -8.41
N VAL C 90 -26.15 23.24 -8.69
CA VAL C 90 -25.22 23.22 -9.82
C VAL C 90 -23.82 23.24 -9.22
N SER C 91 -23.02 22.19 -9.45
CA SER C 91 -21.66 22.09 -8.92
C SER C 91 -20.63 22.22 -10.05
N GLU C 92 -19.83 23.30 -10.02
CA GLU C 92 -18.80 23.54 -11.05
C GLU C 92 -17.63 22.57 -10.90
N GLY C 93 -17.17 22.05 -12.04
CA GLY C 93 -16.07 21.10 -12.10
C GLY C 93 -14.81 21.65 -12.73
N PHE C 94 -14.01 20.74 -13.30
CA PHE C 94 -12.72 21.02 -13.92
C PHE C 94 -12.80 22.00 -15.08
N ARG C 95 -11.90 23.01 -15.07
CA ARG C 95 -11.77 24.04 -16.11
C ARG C 95 -10.74 23.62 -17.15
N THR C 96 -9.92 22.62 -16.80
CA THR C 96 -8.86 22.03 -17.62
C THR C 96 -9.02 20.51 -17.61
N SER C 97 -8.17 19.79 -18.39
CA SER C 97 -8.19 18.32 -18.38
C SER C 97 -7.63 17.85 -17.01
N LEU C 98 -7.72 16.53 -16.72
CA LEU C 98 -7.23 15.97 -15.46
C LEU C 98 -5.76 16.30 -15.21
N ARG C 99 -4.93 16.27 -16.27
CA ARG C 99 -3.50 16.59 -16.16
C ARG C 99 -3.18 18.04 -16.53
N GLY C 100 -4.10 18.94 -16.20
CA GLY C 100 -3.96 20.39 -16.40
C GLY C 100 -3.85 20.92 -17.81
N GLU C 101 -4.33 20.17 -18.82
CA GLU C 101 -4.30 20.64 -20.21
C GLU C 101 -5.40 21.69 -20.36
N LEU C 102 -5.01 22.94 -20.65
CA LEU C 102 -5.91 24.09 -20.76
C LEU C 102 -7.04 23.93 -21.76
N LYS C 103 -8.28 24.13 -21.27
CA LYS C 103 -9.48 24.00 -22.08
C LYS C 103 -10.16 25.35 -22.39
N GLU C 104 -9.35 26.42 -22.41
CA GLU C 104 -9.78 27.77 -22.78
C GLU C 104 -9.59 27.84 -24.29
N ARG C 105 -10.38 28.68 -24.98
CA ARG C 105 -10.35 28.81 -26.45
C ARG C 105 -10.81 27.52 -27.14
N ILE C 106 -12.14 27.34 -27.23
CA ILE C 106 -12.76 26.17 -27.84
C ILE C 106 -13.83 26.51 -28.86
N ALA C 107 -13.87 25.70 -29.94
CA ALA C 107 -14.75 25.79 -31.12
C ALA C 107 -16.22 26.13 -30.83
N ASP C 108 -16.75 27.12 -31.56
CA ASP C 108 -18.14 27.58 -31.42
C ASP C 108 -19.00 27.32 -32.68
N PHE C 109 -18.45 26.60 -33.68
CA PHE C 109 -19.18 26.31 -34.91
C PHE C 109 -20.31 25.28 -34.74
N VAL C 110 -20.35 24.58 -33.61
CA VAL C 110 -21.37 23.56 -33.32
C VAL C 110 -22.49 24.04 -32.39
N HIS C 111 -22.13 24.70 -31.27
CA HIS C 111 -23.11 25.17 -30.26
C HIS C 111 -23.28 26.69 -30.12
N GLY C 112 -22.47 27.47 -30.85
CA GLY C 112 -22.53 28.92 -30.83
C GLY C 112 -21.61 29.55 -29.81
N ALA C 113 -21.54 30.89 -29.81
CA ALA C 113 -20.72 31.67 -28.88
C ALA C 113 -21.21 31.51 -27.45
N ASP C 114 -22.53 31.62 -27.22
CA ASP C 114 -23.18 31.47 -25.92
C ASP C 114 -23.22 29.99 -25.44
N GLY C 115 -23.18 29.06 -26.40
CA GLY C 115 -23.27 27.64 -26.14
C GLY C 115 -24.66 27.08 -26.25
N LEU C 116 -25.64 27.99 -26.46
CA LEU C 116 -27.05 27.64 -26.59
C LEU C 116 -27.63 28.09 -27.95
N GLY C 117 -26.87 27.77 -29.01
CA GLY C 117 -27.22 28.06 -30.40
C GLY C 117 -27.43 29.52 -30.76
N ASN C 118 -26.60 30.41 -30.16
CA ASN C 118 -26.65 31.87 -30.35
C ASN C 118 -28.00 32.52 -30.07
N THR C 119 -28.75 31.99 -29.10
CA THR C 119 -30.05 32.49 -28.67
C THR C 119 -29.87 33.65 -27.69
N TYR C 120 -28.70 33.70 -27.02
CA TYR C 120 -28.29 34.70 -26.03
C TYR C 120 -29.37 34.93 -24.96
N PRO C 121 -29.53 33.98 -24.00
CA PRO C 121 -30.59 34.15 -22.99
C PRO C 121 -30.27 35.23 -21.96
N THR C 122 -31.34 35.78 -21.34
CA THR C 122 -31.21 36.83 -20.32
C THR C 122 -30.88 36.24 -18.95
N LEU C 123 -29.64 35.71 -18.84
CA LEU C 123 -29.11 35.06 -17.63
C LEU C 123 -29.02 35.96 -16.47
N SER C 124 -29.24 35.35 -15.30
CA SER C 124 -29.40 35.90 -13.97
C SER C 124 -28.14 35.97 -13.10
N ASP C 125 -28.33 36.14 -11.78
CA ASP C 125 -27.28 36.27 -10.79
C ASP C 125 -27.05 35.00 -9.96
N ARG C 126 -27.87 33.94 -10.22
CA ARG C 126 -27.82 32.63 -9.54
C ARG C 126 -26.41 32.05 -9.67
N LYS C 127 -25.86 31.55 -8.55
CA LYS C 127 -24.49 31.05 -8.50
C LYS C 127 -24.36 29.55 -8.16
N PRO C 128 -23.26 28.87 -8.60
CA PRO C 128 -23.11 27.44 -8.26
C PRO C 128 -22.89 27.19 -6.76
N ILE C 129 -23.18 25.95 -6.32
CA ILE C 129 -23.11 25.49 -4.93
C ILE C 129 -21.72 25.44 -4.24
N ASP C 130 -20.77 26.31 -4.64
CA ASP C 130 -19.43 26.44 -4.04
C ASP C 130 -18.54 25.18 -3.80
N THR C 131 -19.14 23.98 -3.77
CA THR C 131 -18.47 22.69 -3.62
C THR C 131 -18.01 22.27 -5.02
N PHE C 132 -16.77 21.76 -5.13
CA PHE C 132 -16.19 21.31 -6.39
C PHE C 132 -16.88 20.01 -6.83
N ALA C 133 -17.21 19.90 -8.14
CA ALA C 133 -17.89 18.74 -8.71
C ALA C 133 -17.35 17.35 -8.30
N PRO C 134 -16.02 17.03 -8.40
CA PRO C 134 -15.56 15.70 -7.96
C PRO C 134 -15.78 15.46 -6.46
N ASP C 135 -15.53 16.51 -5.65
CA ASP C 135 -15.69 16.50 -4.20
C ASP C 135 -17.18 16.26 -3.86
N TYR C 136 -18.10 16.92 -4.60
CA TYR C 136 -19.55 16.79 -4.45
C TYR C 136 -20.02 15.41 -4.88
N LEU C 137 -19.41 14.85 -5.95
CA LEU C 137 -19.74 13.52 -6.49
C LEU C 137 -19.47 12.45 -5.45
N ILE C 138 -18.32 12.52 -4.75
CA ILE C 138 -17.93 11.59 -3.69
C ILE C 138 -18.91 11.75 -2.52
N GLN C 139 -19.20 13.01 -2.13
CA GLN C 139 -20.14 13.36 -1.05
C GLN C 139 -21.51 12.72 -1.24
N LYS C 140 -22.13 12.93 -2.41
CA LYS C 140 -23.46 12.42 -2.72
C LYS C 140 -23.53 10.91 -2.91
N VAL C 141 -22.43 10.29 -3.35
CA VAL C 141 -22.41 8.84 -3.53
C VAL C 141 -22.25 8.07 -2.20
N ASN C 142 -21.55 8.68 -1.22
CA ASN C 142 -21.38 8.09 0.11
C ASN C 142 -22.69 8.23 0.86
N GLU C 143 -23.41 9.36 0.62
CA GLU C 143 -24.72 9.68 1.17
C GLU C 143 -25.77 8.65 0.73
N PHE C 144 -25.73 8.26 -0.56
CA PHE C 144 -26.66 7.27 -1.13
C PHE C 144 -25.87 6.18 -1.90
N PRO C 145 -25.29 5.17 -1.22
CA PRO C 145 -24.51 4.15 -1.92
C PRO C 145 -25.38 3.19 -2.75
N GLY C 146 -24.99 3.04 -4.02
CA GLY C 146 -25.67 2.19 -4.99
C GLY C 146 -27.03 2.69 -5.45
N GLU C 147 -27.31 3.99 -5.22
CA GLU C 147 -28.58 4.63 -5.58
C GLU C 147 -28.40 5.66 -6.70
N ILE C 148 -27.27 6.40 -6.66
CA ILE C 148 -26.93 7.48 -7.60
C ILE C 148 -26.50 6.90 -8.96
N THR C 149 -27.10 7.44 -10.03
CA THR C 149 -26.80 7.08 -11.42
C THR C 149 -26.20 8.33 -12.08
N ILE C 150 -24.89 8.31 -12.36
CA ILE C 150 -24.25 9.47 -13.00
C ILE C 150 -24.32 9.36 -14.52
N VAL C 151 -24.97 10.34 -15.16
CA VAL C 151 -25.09 10.40 -16.61
C VAL C 151 -24.04 11.40 -17.12
N ALA C 152 -22.92 10.86 -17.65
CA ALA C 152 -21.82 11.68 -18.17
C ALA C 152 -22.11 12.07 -19.63
N LEU C 153 -22.44 13.35 -19.82
CA LEU C 153 -22.79 13.94 -21.12
C LEU C 153 -21.65 14.80 -21.69
N GLY C 154 -20.51 14.78 -21.00
CA GLY C 154 -19.30 15.49 -21.39
C GLY C 154 -18.05 14.72 -21.03
N PRO C 155 -16.84 15.32 -21.14
CA PRO C 155 -15.61 14.60 -20.78
C PRO C 155 -15.62 14.05 -19.35
N LEU C 156 -15.05 12.86 -19.17
CA LEU C 156 -15.05 12.13 -17.89
C LEU C 156 -14.08 12.64 -16.79
N THR C 157 -13.56 13.88 -16.94
CA THR C 157 -12.61 14.53 -16.03
C THR C 157 -13.09 14.60 -14.58
N ASN C 158 -14.32 15.08 -14.35
CA ASN C 158 -14.90 15.20 -13.01
C ASN C 158 -15.03 13.85 -12.31
N LEU C 159 -15.45 12.83 -13.07
CA LEU C 159 -15.64 11.47 -12.57
C LEU C 159 -14.31 10.78 -12.27
N ALA C 160 -13.29 10.98 -13.14
CA ALA C 160 -11.96 10.38 -12.98
C ALA C 160 -11.23 10.95 -11.77
N ALA C 161 -11.43 12.26 -11.51
CA ALA C 161 -10.85 12.97 -10.35
C ALA C 161 -11.42 12.38 -9.06
N ALA C 162 -12.74 12.07 -9.06
CA ALA C 162 -13.46 11.45 -7.95
C ALA C 162 -12.94 10.04 -7.69
N VAL C 163 -12.61 9.28 -8.76
CA VAL C 163 -12.08 7.92 -8.72
C VAL C 163 -10.65 7.95 -8.15
N GLU C 164 -9.83 8.90 -8.64
CA GLU C 164 -8.45 9.09 -8.21
C GLU C 164 -8.36 9.53 -6.75
N CYS C 165 -9.34 10.34 -6.31
CA CYS C 165 -9.42 10.86 -4.95
C CYS C 165 -9.86 9.76 -3.97
N ASP C 166 -11.05 9.18 -4.17
CA ASP C 166 -11.60 8.11 -3.35
C ASP C 166 -11.63 6.80 -4.14
N PRO C 167 -10.82 5.78 -3.75
CA PRO C 167 -10.81 4.51 -4.51
C PRO C 167 -12.09 3.67 -4.37
N THR C 168 -12.89 3.94 -3.31
CA THR C 168 -14.14 3.23 -3.04
C THR C 168 -15.35 3.83 -3.78
N PHE C 169 -15.15 4.96 -4.50
CA PHE C 169 -16.17 5.67 -5.29
C PHE C 169 -16.79 4.78 -6.37
N ALA C 170 -15.95 4.05 -7.13
CA ALA C 170 -16.36 3.16 -8.22
C ALA C 170 -17.36 2.10 -7.79
N LYS C 171 -17.13 1.47 -6.63
CA LYS C 171 -18.04 0.44 -6.14
C LYS C 171 -19.26 1.01 -5.43
N LYS C 172 -19.19 2.29 -5.04
CA LYS C 172 -20.28 2.99 -4.36
C LYS C 172 -21.34 3.56 -5.31
N VAL C 173 -20.95 3.91 -6.57
CA VAL C 173 -21.87 4.44 -7.57
C VAL C 173 -22.85 3.36 -8.05
N GLY C 174 -24.11 3.75 -8.23
CA GLY C 174 -25.16 2.87 -8.71
C GLY C 174 -24.86 2.41 -10.12
N GLN C 175 -24.67 3.38 -11.03
CA GLN C 175 -24.36 3.16 -12.44
C GLN C 175 -23.80 4.45 -13.06
N ILE C 176 -22.92 4.30 -14.06
CA ILE C 176 -22.36 5.41 -14.81
C ILE C 176 -22.76 5.23 -16.28
N ILE C 177 -23.62 6.11 -16.78
CA ILE C 177 -24.05 6.08 -18.18
C ILE C 177 -23.23 7.12 -18.94
N ILE C 178 -22.32 6.65 -19.81
CA ILE C 178 -21.42 7.51 -20.55
C ILE C 178 -21.80 7.71 -22.00
N LEU C 179 -21.89 8.98 -22.42
CA LEU C 179 -22.04 9.34 -23.82
C LEU C 179 -20.59 9.59 -24.23
N GLY C 180 -20.07 8.71 -25.08
CA GLY C 180 -18.69 8.82 -25.53
C GLY C 180 -18.19 7.58 -26.23
N GLY C 181 -17.22 7.80 -27.10
CA GLY C 181 -16.57 6.75 -27.87
C GLY C 181 -17.20 6.46 -29.21
N ALA C 182 -16.41 5.82 -30.08
CA ALA C 182 -16.78 5.38 -31.41
C ALA C 182 -16.33 3.94 -31.47
N PHE C 183 -17.27 3.00 -31.29
CA PHE C 183 -16.98 1.57 -31.25
C PHE C 183 -17.12 0.94 -32.61
N GLN C 184 -15.97 0.62 -33.22
CA GLN C 184 -15.79 0.09 -34.56
C GLN C 184 -16.54 0.90 -35.63
N VAL C 185 -16.36 2.22 -35.52
CA VAL C 185 -16.90 3.27 -36.38
C VAL C 185 -15.96 4.48 -36.29
N ASN C 186 -15.95 5.36 -37.31
CA ASN C 186 -15.10 6.56 -37.31
C ASN C 186 -15.59 7.59 -36.29
N GLY C 187 -14.67 8.37 -35.76
CA GLY C 187 -14.97 9.41 -34.77
C GLY C 187 -15.55 10.67 -35.37
N ASN C 188 -15.99 11.60 -34.50
CA ASN C 188 -16.58 12.88 -34.91
C ASN C 188 -15.62 14.08 -34.81
N VAL C 189 -14.61 14.00 -33.92
CA VAL C 189 -13.59 15.06 -33.76
C VAL C 189 -12.55 14.91 -34.88
N ASN C 190 -12.03 13.69 -35.03
CA ASN C 190 -11.08 13.27 -36.05
C ASN C 190 -11.53 11.84 -36.45
N PRO C 191 -11.02 11.23 -37.55
CA PRO C 191 -11.50 9.89 -37.92
C PRO C 191 -11.39 8.81 -36.85
N ALA C 192 -10.52 9.00 -35.85
CA ALA C 192 -10.28 8.03 -34.78
C ALA C 192 -11.08 8.23 -33.50
N ALA C 193 -11.27 9.50 -33.08
CA ALA C 193 -11.90 9.81 -31.80
C ALA C 193 -13.20 10.57 -31.77
N GLU C 194 -13.98 10.32 -30.70
CA GLU C 194 -15.24 10.97 -30.35
C GLU C 194 -14.91 12.12 -29.37
N ALA C 195 -15.64 13.25 -29.51
CA ALA C 195 -15.51 14.48 -28.73
C ALA C 195 -15.19 14.36 -27.23
N ASN C 196 -16.13 13.80 -26.44
CA ASN C 196 -16.02 13.65 -24.99
C ASN C 196 -14.79 12.86 -24.55
N ILE C 197 -14.44 11.78 -25.28
CA ILE C 197 -13.27 10.96 -24.98
C ILE C 197 -11.99 11.68 -25.41
N TYR C 198 -12.01 12.37 -26.57
CA TYR C 198 -10.86 13.13 -27.07
C TYR C 198 -10.52 14.30 -26.14
N GLY C 199 -11.55 14.83 -25.46
CA GLY C 199 -11.43 15.91 -24.48
C GLY C 199 -10.46 15.58 -23.38
N ASP C 200 -10.56 14.34 -22.83
CA ASP C 200 -9.67 13.82 -21.79
C ASP C 200 -9.50 12.30 -21.92
N PRO C 201 -8.52 11.84 -22.73
CA PRO C 201 -8.32 10.38 -22.89
C PRO C 201 -7.80 9.69 -21.63
N GLU C 202 -7.03 10.41 -20.80
CA GLU C 202 -6.47 9.91 -19.53
C GLU C 202 -7.62 9.62 -18.57
N ALA C 203 -8.56 10.58 -18.45
CA ALA C 203 -9.74 10.48 -17.58
C ALA C 203 -10.69 9.38 -18.04
N ALA C 204 -10.82 9.20 -19.37
CA ALA C 204 -11.70 8.19 -19.96
C ALA C 204 -11.19 6.80 -19.62
N ASP C 205 -9.87 6.56 -19.80
CA ASP C 205 -9.22 5.29 -19.50
C ASP C 205 -9.32 4.95 -18.01
N ILE C 206 -9.28 5.96 -17.13
CA ILE C 206 -9.41 5.79 -15.68
C ILE C 206 -10.81 5.22 -15.36
N ILE C 207 -11.86 5.82 -15.97
CA ILE C 207 -13.26 5.42 -15.79
C ILE C 207 -13.57 4.04 -16.35
N PHE C 208 -13.16 3.75 -17.60
CA PHE C 208 -13.40 2.45 -18.23
C PHE C 208 -12.70 1.28 -17.51
N THR C 209 -11.71 1.59 -16.65
CA THR C 209 -10.93 0.63 -15.87
C THR C 209 -11.29 0.65 -14.37
N CYS C 210 -11.96 1.72 -13.88
CA CYS C 210 -12.34 1.88 -12.47
C CYS C 210 -13.13 0.73 -11.82
N GLY C 211 -13.89 -0.02 -12.63
CA GLY C 211 -14.65 -1.18 -12.17
C GLY C 211 -16.07 -0.93 -11.72
N ALA C 212 -16.63 0.24 -12.03
CA ALA C 212 -18.00 0.62 -11.68
C ALA C 212 -19.00 0.01 -12.67
N ASP C 213 -20.32 0.09 -12.36
CA ASP C 213 -21.39 -0.37 -13.25
C ASP C 213 -21.44 0.68 -14.36
N ILE C 214 -20.87 0.35 -15.51
CA ILE C 214 -20.78 1.30 -16.62
C ILE C 214 -21.59 0.88 -17.84
N LEU C 215 -22.32 1.84 -18.42
CA LEU C 215 -23.14 1.69 -19.61
C LEU C 215 -22.62 2.72 -20.63
N VAL C 216 -21.96 2.25 -21.71
CA VAL C 216 -21.37 3.12 -22.73
C VAL C 216 -22.26 3.26 -23.95
N VAL C 217 -22.63 4.50 -24.28
CA VAL C 217 -23.44 4.85 -25.43
C VAL C 217 -22.51 5.64 -26.37
N GLY C 218 -22.01 4.95 -27.38
CA GLY C 218 -21.09 5.54 -28.35
C GLY C 218 -21.78 6.16 -29.55
N ILE C 219 -21.02 6.95 -30.36
CA ILE C 219 -21.54 7.59 -31.58
C ILE C 219 -22.00 6.58 -32.63
N ASN C 220 -21.55 5.32 -32.50
CA ASN C 220 -21.96 4.19 -33.35
C ASN C 220 -23.47 3.96 -33.21
N ILE C 221 -24.03 4.26 -32.01
CA ILE C 221 -25.46 4.12 -31.76
C ILE C 221 -26.22 5.47 -31.79
N THR C 222 -25.56 6.59 -31.42
CA THR C 222 -26.23 7.90 -31.43
C THR C 222 -26.44 8.43 -32.85
N HIS C 223 -25.63 7.96 -33.82
CA HIS C 223 -25.75 8.35 -35.22
C HIS C 223 -26.98 7.69 -35.87
N GLN C 224 -27.59 6.73 -35.17
CA GLN C 224 -28.79 6.01 -35.59
C GLN C 224 -30.03 6.77 -35.09
N VAL C 225 -29.89 7.53 -33.99
CA VAL C 225 -30.96 8.33 -33.39
C VAL C 225 -30.82 9.79 -33.86
N TYR C 226 -31.70 10.20 -34.78
CA TYR C 226 -31.69 11.55 -35.35
C TYR C 226 -33.09 12.14 -35.51
N TRP C 227 -33.16 13.48 -35.58
CA TRP C 227 -34.39 14.24 -35.75
C TRP C 227 -34.28 15.07 -37.01
N THR C 228 -35.23 14.91 -37.94
CA THR C 228 -35.28 15.67 -39.19
C THR C 228 -35.74 17.11 -38.93
N GLY C 229 -35.67 17.96 -39.96
CA GLY C 229 -36.13 19.33 -39.89
C GLY C 229 -37.59 19.41 -39.50
N LYS C 230 -38.40 18.43 -39.98
CA LYS C 230 -39.83 18.31 -39.67
C LYS C 230 -40.06 17.94 -38.21
N ASP C 231 -39.18 17.09 -37.64
CA ASP C 231 -39.25 16.68 -36.23
C ASP C 231 -39.04 17.90 -35.32
N LEU C 232 -38.08 18.76 -35.71
CA LEU C 232 -37.75 20.02 -35.03
C LEU C 232 -38.92 21.00 -35.18
N GLU C 233 -39.52 21.05 -36.39
CA GLU C 233 -40.68 21.89 -36.72
C GLU C 233 -41.87 21.50 -35.84
N ASP C 234 -42.07 20.18 -35.63
CA ASP C 234 -43.14 19.61 -34.79
C ASP C 234 -42.96 20.02 -33.34
N LEU C 235 -41.70 20.11 -32.90
CA LEU C 235 -41.29 20.52 -31.55
C LEU C 235 -41.52 22.03 -31.36
N GLY C 236 -41.34 22.80 -32.43
CA GLY C 236 -41.53 24.25 -32.43
C GLY C 236 -43.00 24.63 -32.45
N ARG C 237 -43.81 23.86 -33.21
CA ARG C 237 -45.26 24.07 -33.34
C ARG C 237 -46.01 23.67 -32.07
N SER C 238 -45.45 22.70 -31.30
CA SER C 238 -46.00 22.18 -30.05
C SER C 238 -46.21 23.24 -28.99
N ASP C 239 -47.23 23.05 -28.13
CA ASP C 239 -47.55 23.99 -27.05
C ASP C 239 -46.80 23.65 -25.75
N SER C 240 -45.51 23.28 -25.89
CA SER C 240 -44.61 22.93 -24.79
C SER C 240 -43.54 23.99 -24.61
N LYS C 241 -43.34 24.44 -23.36
CA LYS C 241 -42.36 25.46 -22.96
C LYS C 241 -40.95 25.04 -23.39
N PHE C 242 -40.59 23.77 -23.16
CA PHE C 242 -39.29 23.17 -23.46
C PHE C 242 -39.10 22.93 -24.95
N GLY C 243 -40.13 22.37 -25.60
CA GLY C 243 -40.11 22.08 -27.03
C GLY C 243 -39.85 23.30 -27.88
N LYS C 244 -40.55 24.42 -27.55
CA LYS C 244 -40.42 25.70 -28.23
C LYS C 244 -39.02 26.29 -27.99
N TYR C 245 -38.49 26.15 -26.75
CA TYR C 245 -37.16 26.62 -26.35
C TYR C 245 -36.08 25.89 -27.13
N LEU C 246 -36.14 24.56 -27.15
CA LEU C 246 -35.17 23.69 -27.83
C LEU C 246 -35.15 23.92 -29.34
N TYR C 247 -36.31 24.23 -29.93
CA TYR C 247 -36.43 24.52 -31.36
C TYR C 247 -35.63 25.76 -31.74
N ALA C 248 -35.65 26.81 -30.89
CA ALA C 248 -34.92 28.07 -31.07
C ALA C 248 -33.40 27.85 -31.04
N ALA C 249 -32.92 27.04 -30.09
CA ALA C 249 -31.50 26.71 -29.94
C ALA C 249 -31.03 25.78 -31.06
N SER C 250 -31.93 24.92 -31.57
CA SER C 250 -31.68 23.92 -32.61
C SER C 250 -31.25 24.48 -33.95
N HIS C 251 -31.72 25.68 -34.32
CA HIS C 251 -31.41 26.34 -35.60
C HIS C 251 -29.92 26.36 -35.96
N PHE C 252 -29.05 26.74 -35.01
CA PHE C 252 -27.61 26.78 -35.19
C PHE C 252 -27.01 25.37 -35.30
N TYR C 253 -27.50 24.43 -34.47
CA TYR C 253 -27.08 23.03 -34.45
C TYR C 253 -27.46 22.32 -35.76
N ALA C 254 -28.61 22.71 -36.35
CA ALA C 254 -29.13 22.19 -37.61
C ALA C 254 -28.28 22.64 -38.80
N THR C 255 -27.86 23.93 -38.80
CA THR C 255 -27.00 24.51 -39.85
C THR C 255 -25.63 23.84 -39.88
N TYR C 256 -25.13 23.39 -38.69
CA TYR C 256 -23.85 22.69 -38.58
C TYR C 256 -23.91 21.32 -39.25
N HIS C 257 -24.94 20.50 -38.90
CA HIS C 257 -25.16 19.16 -39.46
C HIS C 257 -25.35 19.21 -40.97
N ARG C 258 -25.97 20.30 -41.48
CA ARG C 258 -26.24 20.54 -42.90
C ARG C 258 -24.96 20.84 -43.70
N GLU C 259 -23.92 21.39 -43.04
CA GLU C 259 -22.66 21.71 -43.70
C GLU C 259 -21.54 20.71 -43.42
N ALA C 260 -21.57 20.03 -42.26
CA ALA C 260 -20.57 19.04 -41.86
C ALA C 260 -20.91 17.63 -42.35
N TYR C 261 -22.17 17.18 -42.13
CA TYR C 261 -22.64 15.85 -42.51
C TYR C 261 -23.50 15.87 -43.78
N ASP C 262 -23.98 17.07 -44.20
CA ASP C 262 -24.86 17.32 -45.35
C ASP C 262 -26.17 16.50 -45.25
N ILE C 263 -26.90 16.75 -44.16
CA ILE C 263 -28.17 16.09 -43.80
C ILE C 263 -29.16 17.13 -43.22
N ASP C 264 -30.47 16.97 -43.51
CA ASP C 264 -31.50 17.86 -42.95
C ASP C 264 -32.03 17.22 -41.66
N ALA C 265 -31.11 16.89 -40.75
CA ALA C 265 -31.37 16.24 -39.47
C ALA C 265 -30.23 16.48 -38.48
N ILE C 266 -30.54 16.37 -37.17
CA ILE C 266 -29.55 16.52 -36.10
C ILE C 266 -29.41 15.24 -35.30
N TYR C 267 -28.17 14.82 -35.02
CA TYR C 267 -27.93 13.62 -34.23
C TYR C 267 -28.20 13.91 -32.76
N LEU C 268 -29.06 13.10 -32.15
CA LEU C 268 -29.45 13.24 -30.76
C LEU C 268 -28.47 12.44 -29.90
N HIS C 269 -27.28 13.02 -29.63
CA HIS C 269 -26.23 12.37 -28.86
C HIS C 269 -26.59 12.25 -27.39
N ASP C 270 -26.56 13.38 -26.67
CA ASP C 270 -26.86 13.49 -25.24
C ASP C 270 -28.28 13.02 -24.87
N PRO C 271 -29.38 13.40 -25.61
CA PRO C 271 -30.71 12.92 -25.21
C PRO C 271 -30.94 11.40 -25.35
N ALA C 272 -30.23 10.73 -26.28
CA ALA C 272 -30.35 9.27 -26.47
C ALA C 272 -29.72 8.53 -25.27
N THR C 273 -28.66 9.12 -24.70
CA THR C 273 -27.96 8.62 -23.52
C THR C 273 -28.89 8.71 -22.31
N MET C 274 -29.70 9.79 -22.24
CA MET C 274 -30.68 10.02 -21.19
C MET C 274 -31.82 8.99 -21.26
N VAL C 275 -32.14 8.51 -22.49
CA VAL C 275 -33.16 7.49 -22.72
C VAL C 275 -32.74 6.17 -22.08
N ALA C 276 -31.43 5.83 -22.14
CA ALA C 276 -30.86 4.61 -21.53
C ALA C 276 -31.06 4.63 -20.00
N ALA C 277 -31.03 5.84 -19.38
CA ALA C 277 -31.27 6.02 -17.95
C ALA C 277 -32.76 5.79 -17.62
N VAL C 278 -33.65 6.26 -18.53
CA VAL C 278 -35.11 6.14 -18.43
C VAL C 278 -35.53 4.68 -18.67
N ASP C 279 -35.23 4.13 -19.85
CA ASP C 279 -35.56 2.76 -20.23
C ASP C 279 -34.38 2.11 -20.95
N PRO C 280 -33.57 1.27 -20.24
CA PRO C 280 -32.41 0.64 -20.89
C PRO C 280 -32.75 -0.49 -21.86
N SER C 281 -34.01 -0.98 -21.83
CA SER C 281 -34.51 -2.04 -22.70
C SER C 281 -34.48 -1.68 -24.19
N LEU C 282 -34.48 -0.36 -24.49
CA LEU C 282 -34.45 0.16 -25.86
C LEU C 282 -33.09 -0.02 -26.55
N MET C 283 -32.09 -0.57 -25.83
CA MET C 283 -30.74 -0.83 -26.33
C MET C 283 -30.25 -2.22 -25.97
N THR C 284 -29.42 -2.81 -26.85
CA THR C 284 -28.80 -4.12 -26.65
C THR C 284 -27.34 -3.87 -26.27
N TYR C 285 -26.87 -4.54 -25.22
CA TYR C 285 -25.52 -4.33 -24.72
C TYR C 285 -24.62 -5.54 -24.83
N ALA C 286 -23.31 -5.29 -25.00
CA ALA C 286 -22.27 -6.30 -25.05
C ALA C 286 -21.32 -6.03 -23.88
N THR C 287 -21.02 -7.07 -23.08
CA THR C 287 -20.14 -6.95 -21.92
C THR C 287 -18.71 -7.28 -22.29
N GLY C 288 -17.78 -6.43 -21.89
CA GLY C 288 -16.35 -6.57 -22.15
C GLY C 288 -15.52 -5.39 -21.70
N ALA C 289 -14.19 -5.47 -21.90
CA ALA C 289 -13.25 -4.43 -21.51
C ALA C 289 -13.08 -3.33 -22.55
N VAL C 290 -12.97 -2.07 -22.09
CA VAL C 290 -12.76 -0.89 -22.94
C VAL C 290 -11.48 -0.17 -22.52
N ARG C 291 -10.61 0.11 -23.49
CA ARG C 291 -9.36 0.84 -23.27
C ARG C 291 -9.31 2.05 -24.19
N VAL C 292 -8.65 3.13 -23.74
CA VAL C 292 -8.53 4.38 -24.50
C VAL C 292 -7.08 4.69 -24.82
N GLN C 293 -6.78 4.94 -26.10
CA GLN C 293 -5.44 5.31 -26.55
C GLN C 293 -5.23 6.79 -26.16
N LYS C 294 -4.22 7.07 -25.30
CA LYS C 294 -3.98 8.44 -24.82
C LYS C 294 -3.09 9.33 -25.69
N ASP C 295 -2.22 8.73 -26.52
CA ASP C 295 -1.28 9.47 -27.38
C ASP C 295 -1.62 9.25 -28.85
N GLY C 296 -1.57 10.33 -29.65
CA GLY C 296 -1.89 10.34 -31.08
C GLY C 296 -1.01 9.43 -31.91
N ILE C 297 -1.31 9.16 -33.20
CA ILE C 297 -2.37 9.61 -34.12
C ILE C 297 -3.79 9.28 -33.62
N CYS C 298 -3.97 8.10 -33.01
CA CYS C 298 -5.25 7.61 -32.53
C CYS C 298 -5.61 8.03 -31.10
N LYS C 299 -5.20 9.24 -30.68
CA LYS C 299 -5.53 9.78 -29.35
C LYS C 299 -7.06 9.85 -29.22
N GLY C 300 -7.57 9.32 -28.11
CA GLY C 300 -9.00 9.30 -27.80
C GLY C 300 -9.79 8.15 -28.40
N LEU C 301 -9.12 7.16 -28.99
CA LEU C 301 -9.78 6.00 -29.58
C LEU C 301 -10.26 5.06 -28.48
N THR C 302 -11.53 4.63 -28.56
CA THR C 302 -12.12 3.69 -27.61
C THR C 302 -12.14 2.31 -28.24
N LEU C 303 -11.45 1.34 -27.61
CA LEU C 303 -11.44 -0.02 -28.15
C LEU C 303 -12.07 -1.01 -27.19
N PHE C 304 -13.10 -1.71 -27.68
CA PHE C 304 -13.87 -2.70 -26.93
C PHE C 304 -13.46 -4.13 -27.28
N ASN C 305 -13.27 -4.95 -26.25
CA ASN C 305 -12.93 -6.37 -26.39
C ASN C 305 -14.12 -7.21 -25.90
N ASN C 306 -14.85 -7.83 -26.85
CA ASN C 306 -16.05 -8.66 -26.65
C ASN C 306 -16.20 -9.62 -25.43
N SER C 307 -15.11 -9.84 -24.65
CA SER C 307 -15.00 -10.68 -23.44
C SER C 307 -14.95 -12.19 -23.65
N ASN C 308 -15.80 -12.72 -24.54
CA ASN C 308 -15.82 -14.14 -24.90
C ASN C 308 -14.58 -14.52 -25.76
N LYS C 309 -13.52 -13.68 -25.72
CA LYS C 309 -12.27 -13.86 -26.45
C LYS C 309 -11.17 -14.50 -25.60
N VAL C 310 -10.69 -15.67 -26.06
CA VAL C 310 -9.61 -16.43 -25.42
C VAL C 310 -8.30 -15.86 -25.92
N TRP C 311 -7.46 -15.33 -25.01
CA TRP C 311 -6.19 -14.71 -25.38
C TRP C 311 -5.00 -15.47 -24.82
N HIS C 312 -4.38 -16.33 -25.65
CA HIS C 312 -3.19 -17.08 -25.24
C HIS C 312 -2.02 -16.11 -25.38
N ASP C 313 -1.76 -15.40 -24.27
CA ASP C 313 -0.78 -14.33 -23.99
C ASP C 313 -1.55 -13.08 -23.62
N PRO C 314 -1.37 -12.56 -22.39
CA PRO C 314 -2.18 -11.41 -21.95
C PRO C 314 -2.06 -10.14 -22.78
N THR C 315 -3.21 -9.48 -22.99
CA THR C 315 -3.34 -8.23 -23.74
C THR C 315 -3.61 -7.10 -22.74
N ASP C 316 -3.66 -5.84 -23.22
CA ASP C 316 -3.95 -4.69 -22.37
C ASP C 316 -5.45 -4.59 -22.01
N TRP C 317 -6.24 -5.58 -22.47
CA TRP C 317 -7.67 -5.70 -22.21
C TRP C 317 -7.92 -6.84 -21.22
N CYS C 318 -6.89 -7.68 -20.98
CA CYS C 318 -6.91 -8.80 -20.05
C CYS C 318 -6.79 -8.31 -18.62
N GLY C 319 -7.69 -8.79 -17.76
CA GLY C 319 -7.75 -8.44 -16.35
C GLY C 319 -8.38 -7.08 -16.08
N ILE C 320 -9.04 -6.50 -17.09
CA ILE C 320 -9.69 -5.19 -17.01
C ILE C 320 -11.18 -5.42 -16.69
N PRO C 321 -11.75 -4.69 -15.68
CA PRO C 321 -13.17 -4.90 -15.35
C PRO C 321 -14.12 -4.68 -16.54
N PRO C 322 -15.06 -5.61 -16.79
CA PRO C 322 -15.95 -5.45 -17.95
C PRO C 322 -17.00 -4.37 -17.78
N VAL C 323 -17.44 -3.78 -18.90
CA VAL C 323 -18.46 -2.72 -18.98
C VAL C 323 -19.50 -3.07 -20.04
N LYS C 324 -20.73 -2.53 -19.90
CA LYS C 324 -21.80 -2.78 -20.89
C LYS C 324 -21.69 -1.71 -21.99
N VAL C 325 -21.55 -2.15 -23.25
CA VAL C 325 -21.44 -1.25 -24.39
C VAL C 325 -22.64 -1.44 -25.31
N ALA C 326 -23.38 -0.35 -25.57
CA ALA C 326 -24.57 -0.35 -26.43
C ALA C 326 -24.18 -0.72 -27.87
N VAL C 327 -24.83 -1.77 -28.41
CA VAL C 327 -24.59 -2.31 -29.75
C VAL C 327 -25.72 -1.92 -30.72
N THR C 328 -26.99 -2.14 -30.31
CA THR C 328 -28.14 -1.80 -31.15
C THR C 328 -29.17 -0.92 -30.43
N VAL C 329 -29.89 -0.09 -31.20
CA VAL C 329 -30.93 0.82 -30.71
C VAL C 329 -32.27 0.57 -31.38
N ASP C 330 -33.36 0.97 -30.71
CA ASP C 330 -34.71 0.94 -31.26
C ASP C 330 -35.00 2.39 -31.64
N ARG C 331 -34.23 2.90 -32.64
CA ARG C 331 -34.26 4.28 -33.14
C ARG C 331 -35.64 4.94 -33.20
N GLU C 332 -36.68 4.18 -33.61
CA GLU C 332 -38.05 4.67 -33.68
C GLU C 332 -38.61 4.98 -32.28
N ARG C 333 -38.46 4.03 -31.33
CA ARG C 333 -38.93 4.17 -29.96
C ARG C 333 -38.15 5.20 -29.14
N VAL C 334 -36.85 5.40 -29.46
CA VAL C 334 -36.01 6.38 -28.77
C VAL C 334 -36.43 7.79 -29.19
N ALA C 335 -36.57 8.02 -30.51
CA ALA C 335 -36.97 9.31 -31.08
C ALA C 335 -38.45 9.65 -30.78
N SER C 336 -39.31 8.63 -30.55
CA SER C 336 -40.72 8.86 -30.22
C SER C 336 -40.86 9.30 -28.76
N LEU C 337 -40.06 8.70 -27.85
CA LEU C 337 -40.04 9.03 -26.42
C LEU C 337 -39.46 10.44 -26.23
N LEU C 338 -38.40 10.77 -27.00
CA LEU C 338 -37.80 12.10 -27.04
C LEU C 338 -38.63 12.89 -28.03
N LYS C 339 -39.87 13.24 -27.65
CA LYS C 339 -40.82 13.98 -28.48
C LYS C 339 -42.11 14.02 -27.70
N GLU C 340 -42.68 12.85 -27.37
CA GLU C 340 -43.91 12.78 -26.57
C GLU C 340 -43.71 13.45 -25.20
N ARG C 341 -42.46 13.45 -24.69
CA ARG C 341 -42.07 14.08 -23.43
C ARG C 341 -41.77 15.57 -23.62
N LEU C 342 -41.12 15.93 -24.74
CA LEU C 342 -40.73 17.31 -25.06
C LEU C 342 -41.82 18.13 -25.80
N THR C 343 -42.94 17.48 -26.18
CA THR C 343 -44.08 18.09 -26.85
C THR C 343 -45.27 18.27 -25.90
N ALA C 344 -45.34 17.41 -24.86
CA ALA C 344 -46.38 17.41 -23.82
C ALA C 344 -46.44 18.76 -23.07
N PRO C 345 -47.64 19.35 -22.90
CA PRO C 345 -47.74 20.63 -22.18
C PRO C 345 -47.91 20.45 -20.68
N PRO D 28 -1.60 -8.72 -71.35
CA PRO D 28 -1.74 -9.86 -70.42
C PRO D 28 -0.67 -10.93 -70.64
N PRO D 29 -0.19 -11.67 -69.60
CA PRO D 29 -0.55 -11.59 -68.17
C PRO D 29 0.23 -10.54 -67.39
N LYS D 30 -0.22 -10.24 -66.15
CA LYS D 30 0.46 -9.26 -65.30
C LYS D 30 1.58 -9.86 -64.45
N LYS D 31 2.72 -9.15 -64.38
CA LYS D 31 3.90 -9.52 -63.62
C LYS D 31 3.63 -9.35 -62.13
N VAL D 32 3.94 -10.37 -61.32
CA VAL D 32 3.66 -10.36 -59.89
C VAL D 32 4.89 -10.79 -59.04
N ILE D 33 5.19 -10.01 -57.98
CA ILE D 33 6.22 -10.30 -56.97
C ILE D 33 5.43 -10.52 -55.67
N ILE D 34 5.69 -11.64 -54.96
CA ILE D 34 4.96 -11.94 -53.72
C ILE D 34 5.79 -11.91 -52.45
N ASP D 35 5.55 -10.88 -51.59
CA ASP D 35 6.22 -10.71 -50.30
C ASP D 35 5.51 -11.64 -49.31
N THR D 36 6.14 -12.78 -49.00
CA THR D 36 5.53 -13.84 -48.19
C THR D 36 6.31 -14.35 -46.97
N ASP D 37 5.57 -14.96 -46.02
CA ASP D 37 6.05 -15.61 -44.81
C ASP D 37 5.38 -17.02 -44.74
N PRO D 38 5.75 -17.98 -45.63
CA PRO D 38 5.06 -19.28 -45.64
C PRO D 38 5.27 -20.19 -44.44
N GLY D 39 4.20 -20.54 -43.70
CA GLY D 39 2.84 -20.08 -43.89
C GLY D 39 1.98 -21.00 -44.74
N ILE D 40 0.96 -21.63 -44.10
CA ILE D 40 0.00 -22.55 -44.74
C ILE D 40 -0.90 -21.76 -45.71
N ASP D 41 -1.48 -20.65 -45.24
CA ASP D 41 -2.34 -19.75 -46.03
C ASP D 41 -1.53 -19.06 -47.12
N ASP D 42 -0.25 -18.80 -46.85
CA ASP D 42 0.69 -18.18 -47.80
C ASP D 42 0.95 -19.18 -48.94
N ALA D 43 1.16 -20.47 -48.59
CA ALA D 43 1.38 -21.56 -49.55
C ALA D 43 0.19 -21.70 -50.49
N MET D 44 -1.03 -21.56 -49.95
CA MET D 44 -2.30 -21.61 -50.69
C MET D 44 -2.33 -20.53 -51.75
N ALA D 45 -1.97 -19.29 -51.35
CA ALA D 45 -1.93 -18.11 -52.22
C ALA D 45 -0.85 -18.26 -53.30
N ILE D 46 0.34 -18.76 -52.92
CA ILE D 46 1.48 -19.01 -53.83
C ILE D 46 1.03 -19.99 -54.92
N PHE D 47 0.46 -21.15 -54.52
CA PHE D 47 -0.04 -22.18 -55.41
C PHE D 47 -1.15 -21.69 -56.33
N PHE D 48 -2.09 -20.90 -55.80
CA PHE D 48 -3.20 -20.34 -56.57
C PHE D 48 -2.69 -19.38 -57.66
N ALA D 49 -1.67 -18.56 -57.31
CA ALA D 49 -1.04 -17.62 -58.24
C ALA D 49 -0.34 -18.37 -59.37
N LEU D 50 0.27 -19.52 -59.04
CA LEU D 50 0.97 -20.38 -59.99
C LEU D 50 0.00 -21.17 -60.87
N LYS D 51 -1.28 -21.27 -60.45
CA LYS D 51 -2.34 -21.94 -61.19
C LYS D 51 -3.24 -20.95 -61.96
N SER D 52 -3.00 -19.64 -61.77
CA SER D 52 -3.76 -18.58 -62.44
C SER D 52 -3.03 -18.06 -63.68
N PRO D 53 -3.55 -18.34 -64.91
CA PRO D 53 -2.87 -17.87 -66.14
C PRO D 53 -2.77 -16.35 -66.32
N GLU D 54 -3.66 -15.57 -65.66
CA GLU D 54 -3.67 -14.11 -65.72
C GLU D 54 -2.53 -13.44 -64.94
N LEU D 55 -1.78 -14.22 -64.14
CA LEU D 55 -0.63 -13.74 -63.38
C LEU D 55 0.64 -14.44 -63.85
N ASP D 56 1.76 -13.70 -63.85
CA ASP D 56 3.08 -14.22 -64.15
C ASP D 56 3.95 -13.95 -62.93
N VAL D 57 4.19 -15.00 -62.12
CA VAL D 57 5.00 -14.89 -60.90
C VAL D 57 6.46 -14.72 -61.30
N ILE D 58 6.91 -13.46 -61.37
CA ILE D 58 8.26 -13.10 -61.76
C ILE D 58 9.30 -13.40 -60.66
N ALA D 59 8.90 -13.31 -59.37
CA ALA D 59 9.76 -13.57 -58.20
C ALA D 59 8.97 -13.68 -56.88
N LEU D 60 9.64 -14.18 -55.82
CA LEU D 60 9.09 -14.31 -54.46
C LEU D 60 10.07 -13.70 -53.47
N THR D 61 9.59 -12.80 -52.61
CA THR D 61 10.44 -12.20 -51.57
C THR D 61 10.01 -12.65 -50.19
N THR D 62 10.96 -13.10 -49.37
CA THR D 62 10.64 -13.59 -48.03
C THR D 62 10.74 -12.56 -46.92
N ILE D 63 9.93 -12.75 -45.88
CA ILE D 63 9.85 -11.89 -44.69
C ILE D 63 9.43 -12.73 -43.47
N TYR D 64 9.62 -12.18 -42.25
CA TYR D 64 9.23 -12.80 -40.98
C TYR D 64 7.69 -12.72 -40.82
N GLY D 65 7.17 -13.21 -39.69
CA GLY D 65 5.74 -13.17 -39.41
C GLY D 65 5.25 -14.48 -38.84
N ASN D 66 4.77 -15.38 -39.71
CA ASN D 66 4.31 -16.72 -39.31
C ASN D 66 5.54 -17.54 -38.89
N VAL D 67 6.64 -17.36 -39.64
CA VAL D 67 7.93 -18.01 -39.44
C VAL D 67 9.06 -16.97 -39.48
N ARG D 68 10.27 -17.37 -39.04
CA ARG D 68 11.47 -16.53 -39.08
C ARG D 68 11.86 -16.38 -40.54
N THR D 69 12.48 -15.24 -40.91
CA THR D 69 12.91 -14.99 -42.30
C THR D 69 13.69 -16.16 -42.94
N PRO D 70 14.70 -16.80 -42.27
CA PRO D 70 15.38 -17.94 -42.91
C PRO D 70 14.45 -19.12 -43.18
N THR D 71 13.50 -19.40 -42.24
CA THR D 71 12.50 -20.47 -42.36
C THR D 71 11.58 -20.20 -43.55
N ALA D 72 11.14 -18.93 -43.71
CA ALA D 72 10.29 -18.48 -44.81
C ALA D 72 10.95 -18.74 -46.15
N THR D 73 12.27 -18.47 -46.26
CA THR D 73 13.07 -18.67 -47.47
C THR D 73 13.12 -20.14 -47.84
N VAL D 74 13.43 -21.01 -46.85
CA VAL D 74 13.51 -22.47 -46.98
C VAL D 74 12.18 -23.00 -47.51
N ASN D 75 11.06 -22.57 -46.89
CA ASN D 75 9.71 -22.98 -47.27
C ASN D 75 9.33 -22.49 -48.66
N ALA D 76 9.62 -21.21 -49.00
CA ALA D 76 9.33 -20.61 -50.30
C ALA D 76 10.08 -21.33 -51.43
N LEU D 77 11.36 -21.69 -51.18
CA LEU D 77 12.19 -22.42 -52.14
C LEU D 77 11.58 -23.81 -52.37
N HIS D 78 11.15 -24.47 -51.27
CA HIS D 78 10.52 -25.78 -51.28
C HIS D 78 9.19 -25.79 -52.05
N LEU D 79 8.33 -24.77 -51.81
CA LEU D 79 7.03 -24.67 -52.47
C LEU D 79 7.15 -24.52 -53.98
N LEU D 80 8.15 -23.74 -54.44
CA LEU D 80 8.42 -23.54 -55.87
C LEU D 80 8.98 -24.81 -56.52
N GLU D 81 9.73 -25.62 -55.74
CA GLU D 81 10.29 -26.90 -56.18
C GLU D 81 9.14 -27.87 -56.43
N PHE D 82 8.19 -27.94 -55.48
CA PHE D 82 6.99 -28.77 -55.53
C PHE D 82 6.12 -28.37 -56.71
N ALA D 83 5.97 -27.05 -56.93
CA ALA D 83 5.19 -26.48 -58.04
C ALA D 83 5.86 -26.72 -59.40
N GLY D 84 7.16 -27.04 -59.37
CA GLY D 84 7.95 -27.28 -60.57
C GLY D 84 8.58 -26.01 -61.10
N ARG D 85 8.01 -24.84 -60.75
CA ARG D 85 8.47 -23.52 -61.15
C ARG D 85 9.75 -23.12 -60.40
N GLU D 86 10.84 -23.87 -60.67
CA GLU D 86 12.15 -23.66 -60.08
C GLU D 86 12.88 -22.45 -60.68
N ASP D 87 12.38 -21.97 -61.85
CA ASP D 87 12.85 -20.80 -62.58
C ASP D 87 12.66 -19.51 -61.77
N ILE D 88 11.62 -19.48 -60.90
CA ILE D 88 11.27 -18.35 -60.06
C ILE D 88 12.32 -18.09 -58.96
N PRO D 89 12.94 -16.89 -58.95
CA PRO D 89 13.93 -16.60 -57.91
C PRO D 89 13.30 -16.31 -56.55
N VAL D 90 14.04 -16.62 -55.47
CA VAL D 90 13.61 -16.37 -54.09
C VAL D 90 14.61 -15.36 -53.51
N SER D 91 14.12 -14.16 -53.12
CA SER D 91 14.97 -13.11 -52.57
C SER D 91 14.69 -12.91 -51.08
N GLU D 92 15.66 -13.21 -50.21
CA GLU D 92 15.50 -13.07 -48.76
C GLU D 92 15.48 -11.61 -48.34
N GLY D 93 14.57 -11.28 -47.43
CA GLY D 93 14.40 -9.94 -46.91
C GLY D 93 14.79 -9.76 -45.47
N PHE D 94 14.18 -8.78 -44.82
CA PHE D 94 14.44 -8.39 -43.43
C PHE D 94 14.21 -9.51 -42.43
N ARG D 95 15.18 -9.72 -41.53
CA ARG D 95 15.15 -10.72 -40.47
C ARG D 95 14.59 -10.09 -39.17
N THR D 96 14.55 -8.75 -39.14
CA THR D 96 14.07 -7.92 -38.04
C THR D 96 13.08 -6.89 -38.61
N SER D 97 12.46 -6.08 -37.72
CA SER D 97 11.56 -5.00 -38.16
C SER D 97 12.44 -3.90 -38.83
N LEU D 98 11.80 -2.89 -39.46
CA LEU D 98 12.51 -1.80 -40.14
C LEU D 98 13.48 -1.09 -39.20
N ARG D 99 13.07 -0.87 -37.93
CA ARG D 99 13.91 -0.21 -36.94
C ARG D 99 14.71 -1.19 -36.05
N GLY D 100 15.09 -2.33 -36.64
CA GLY D 100 15.89 -3.37 -36.00
C GLY D 100 15.30 -4.13 -34.83
N GLU D 101 13.96 -4.16 -34.69
CA GLU D 101 13.31 -4.91 -33.60
C GLU D 101 13.40 -6.39 -33.96
N LEU D 102 14.12 -7.17 -33.13
CA LEU D 102 14.38 -8.60 -33.33
C LEU D 102 13.13 -9.46 -33.49
N LYS D 103 13.07 -10.20 -34.61
CA LYS D 103 11.94 -11.08 -34.93
C LYS D 103 12.25 -12.58 -34.80
N GLU D 104 13.20 -12.90 -33.91
CA GLU D 104 13.59 -14.27 -33.57
C GLU D 104 12.64 -14.66 -32.44
N ARG D 105 12.37 -15.97 -32.30
CA ARG D 105 11.45 -16.55 -31.29
C ARG D 105 10.02 -16.06 -31.53
N ILE D 106 9.29 -16.75 -32.44
CA ILE D 106 7.90 -16.43 -32.79
C ILE D 106 6.96 -17.64 -32.76
N ALA D 107 5.70 -17.40 -32.33
CA ALA D 107 4.60 -18.35 -32.14
C ALA D 107 4.41 -19.39 -33.25
N ASP D 108 4.28 -20.66 -32.84
CA ASP D 108 4.10 -21.80 -33.76
C ASP D 108 2.73 -22.51 -33.60
N PHE D 109 1.82 -21.95 -32.77
CA PHE D 109 0.50 -22.54 -32.55
C PHE D 109 -0.47 -22.43 -33.74
N VAL D 110 -0.13 -21.58 -34.72
CA VAL D 110 -0.96 -21.38 -35.91
C VAL D 110 -0.46 -22.11 -37.17
N HIS D 111 0.86 -22.06 -37.46
CA HIS D 111 1.46 -22.67 -38.65
C HIS D 111 2.40 -23.87 -38.41
N GLY D 112 2.68 -24.18 -37.15
CA GLY D 112 3.54 -25.29 -36.76
C GLY D 112 4.99 -24.90 -36.61
N ALA D 113 5.82 -25.86 -36.15
CA ALA D 113 7.26 -25.68 -35.95
C ALA D 113 7.97 -25.40 -37.28
N ASP D 114 7.66 -26.21 -38.31
CA ASP D 114 8.22 -26.09 -39.66
C ASP D 114 7.65 -24.88 -40.43
N GLY D 115 6.45 -24.46 -40.05
CA GLY D 115 5.73 -23.36 -40.71
C GLY D 115 4.77 -23.82 -41.77
N LEU D 116 4.78 -25.14 -42.07
CA LEU D 116 3.92 -25.77 -43.06
C LEU D 116 3.02 -26.85 -42.44
N GLY D 117 2.40 -26.49 -41.31
CA GLY D 117 1.46 -27.33 -40.57
C GLY D 117 2.00 -28.64 -40.05
N ASN D 118 3.29 -28.64 -39.60
CA ASN D 118 4.01 -29.80 -39.07
C ASN D 118 4.04 -31.02 -40.00
N THR D 119 4.11 -30.76 -41.32
CA THR D 119 4.19 -31.80 -42.36
C THR D 119 5.65 -32.26 -42.52
N TYR D 120 6.61 -31.39 -42.13
CA TYR D 120 8.05 -31.60 -42.18
C TYR D 120 8.51 -32.08 -43.56
N PRO D 121 8.54 -31.19 -44.59
CA PRO D 121 8.93 -31.64 -45.93
C PRO D 121 10.42 -31.95 -46.06
N THR D 122 10.77 -32.80 -47.04
CA THR D 122 12.16 -33.17 -47.31
C THR D 122 12.88 -32.12 -48.17
N LEU D 123 13.11 -30.94 -47.54
CA LEU D 123 13.75 -29.76 -48.14
C LEU D 123 15.14 -30.03 -48.57
N SER D 124 15.51 -29.37 -49.68
CA SER D 124 16.71 -29.48 -50.47
C SER D 124 17.83 -28.48 -50.12
N ASP D 125 18.81 -28.34 -51.03
CA ASP D 125 19.96 -27.45 -50.84
C ASP D 125 19.91 -26.19 -51.72
N ARG D 126 18.76 -25.97 -52.41
CA ARG D 126 18.52 -24.87 -53.36
C ARG D 126 19.20 -23.47 -53.25
N LYS D 127 18.93 -22.63 -52.21
CA LYS D 127 19.49 -21.29 -51.91
C LYS D 127 18.92 -20.04 -52.61
N PRO D 128 18.64 -18.97 -51.82
CA PRO D 128 18.09 -17.74 -52.39
C PRO D 128 19.05 -17.00 -53.32
N ILE D 129 18.50 -16.11 -54.18
CA ILE D 129 19.22 -15.34 -55.19
C ILE D 129 20.21 -14.24 -54.71
N ASP D 130 20.82 -14.42 -53.52
CA ASP D 130 21.84 -13.54 -52.92
C ASP D 130 21.58 -12.01 -52.84
N THR D 131 20.65 -11.48 -53.64
CA THR D 131 20.25 -10.06 -53.66
C THR D 131 19.20 -9.88 -52.56
N PHE D 132 19.32 -8.77 -51.79
CA PHE D 132 18.39 -8.48 -50.70
C PHE D 132 17.03 -8.05 -51.27
N ALA D 133 15.93 -8.55 -50.68
CA ALA D 133 14.56 -8.28 -51.12
C ALA D 133 14.22 -6.80 -51.42
N PRO D 134 14.49 -5.80 -50.53
CA PRO D 134 14.17 -4.40 -50.91
C PRO D 134 14.96 -3.91 -52.11
N ASP D 135 16.26 -4.28 -52.16
CA ASP D 135 17.20 -3.96 -53.24
C ASP D 135 16.69 -4.57 -54.56
N TYR D 136 16.24 -5.84 -54.50
CA TYR D 136 15.69 -6.59 -55.64
C TYR D 136 14.37 -5.98 -56.11
N LEU D 137 13.53 -5.53 -55.16
CA LEU D 137 12.23 -4.91 -55.44
C LEU D 137 12.40 -3.63 -56.26
N ILE D 138 13.38 -2.78 -55.88
CA ILE D 138 13.70 -1.54 -56.60
C ILE D 138 14.23 -1.90 -58.00
N GLN D 139 15.15 -2.89 -58.08
CA GLN D 139 15.75 -3.38 -59.32
C GLN D 139 14.69 -3.80 -60.36
N LYS D 140 13.77 -4.69 -59.95
CA LYS D 140 12.72 -5.21 -60.82
C LYS D 140 11.64 -4.20 -61.19
N VAL D 141 11.39 -3.20 -60.33
CA VAL D 141 10.40 -2.17 -60.64
C VAL D 141 10.92 -1.12 -61.64
N ASN D 142 12.24 -0.86 -61.62
CA ASN D 142 12.88 0.08 -62.54
C ASN D 142 12.94 -0.60 -63.92
N GLU D 143 13.16 -1.93 -63.91
CA GLU D 143 13.23 -2.81 -65.08
C GLU D 143 11.88 -2.82 -65.82
N PHE D 144 10.76 -2.88 -65.06
CA PHE D 144 9.41 -2.88 -65.62
C PHE D 144 8.53 -1.85 -64.89
N PRO D 145 8.62 -0.54 -65.24
CA PRO D 145 7.81 0.47 -64.55
C PRO D 145 6.32 0.40 -64.88
N GLY D 146 5.50 0.37 -63.82
CA GLY D 146 4.05 0.30 -63.90
C GLY D 146 3.49 -1.02 -64.38
N GLU D 147 4.32 -2.09 -64.35
CA GLU D 147 3.97 -3.44 -64.79
C GLU D 147 3.90 -4.41 -63.61
N ILE D 148 4.82 -4.26 -62.64
CA ILE D 148 4.95 -5.12 -61.46
C ILE D 148 3.83 -4.85 -60.44
N THR D 149 3.18 -5.94 -59.97
CA THR D 149 2.12 -5.90 -58.97
C THR D 149 2.65 -6.64 -57.75
N ILE D 150 2.96 -5.94 -56.66
CA ILE D 150 3.49 -6.58 -55.45
C ILE D 150 2.35 -6.99 -54.54
N VAL D 151 2.25 -8.30 -54.26
CA VAL D 151 1.24 -8.85 -53.35
C VAL D 151 1.90 -9.10 -52.00
N ALA D 152 1.66 -8.20 -51.03
CA ALA D 152 2.21 -8.28 -49.69
C ALA D 152 1.34 -9.18 -48.81
N LEU D 153 1.86 -10.39 -48.53
CA LEU D 153 1.18 -11.41 -47.74
C LEU D 153 1.75 -11.53 -46.31
N GLY D 154 2.67 -10.62 -45.99
CA GLY D 154 3.32 -10.55 -44.68
C GLY D 154 3.59 -9.11 -44.28
N PRO D 155 4.36 -8.86 -43.18
CA PRO D 155 4.67 -7.46 -42.78
C PRO D 155 5.32 -6.64 -43.90
N LEU D 156 4.96 -5.35 -43.98
CA LEU D 156 5.39 -4.44 -45.04
C LEU D 156 6.84 -3.91 -44.94
N THR D 157 7.69 -4.54 -44.11
CA THR D 157 9.10 -4.18 -43.87
C THR D 157 9.93 -4.08 -45.15
N ASN D 158 9.90 -5.12 -46.01
CA ASN D 158 10.66 -5.16 -47.26
C ASN D 158 10.26 -4.03 -48.20
N LEU D 159 8.96 -3.76 -48.30
CA LEU D 159 8.39 -2.72 -49.15
C LEU D 159 8.71 -1.32 -48.65
N ALA D 160 8.64 -1.11 -47.32
CA ALA D 160 8.92 0.19 -46.69
C ALA D 160 10.39 0.57 -46.82
N ALA D 161 11.29 -0.43 -46.74
CA ALA D 161 12.73 -0.25 -46.90
C ALA D 161 13.03 0.22 -48.33
N ALA D 162 12.31 -0.34 -49.32
CA ALA D 162 12.42 0.00 -50.73
C ALA D 162 11.94 1.43 -50.98
N VAL D 163 10.87 1.85 -50.27
CA VAL D 163 10.30 3.21 -50.33
C VAL D 163 11.27 4.22 -49.71
N GLU D 164 11.84 3.88 -48.54
CA GLU D 164 12.80 4.71 -47.81
C GLU D 164 14.10 4.86 -48.60
N CYS D 165 14.52 3.80 -49.31
CA CYS D 165 15.73 3.78 -50.12
C CYS D 165 15.56 4.63 -51.39
N ASP D 166 14.59 4.26 -52.25
CA ASP D 166 14.29 4.97 -53.49
C ASP D 166 12.93 5.67 -53.38
N PRO D 167 12.90 7.03 -53.37
CA PRO D 167 11.60 7.73 -53.26
C PRO D 167 10.70 7.61 -54.49
N THR D 168 11.27 7.25 -55.65
CA THR D 168 10.55 7.09 -56.92
C THR D 168 9.92 5.70 -57.08
N PHE D 169 10.19 4.78 -56.12
CA PHE D 169 9.67 3.40 -56.09
C PHE D 169 8.15 3.35 -56.09
N ALA D 170 7.50 4.16 -55.21
CA ALA D 170 6.05 4.24 -55.04
C ALA D 170 5.31 4.54 -56.35
N LYS D 171 5.82 5.50 -57.14
CA LYS D 171 5.17 5.86 -58.41
C LYS D 171 5.55 4.91 -59.55
N LYS D 172 6.62 4.11 -59.36
CA LYS D 172 7.09 3.15 -60.36
C LYS D 172 6.36 1.79 -60.28
N VAL D 173 5.86 1.41 -59.09
CA VAL D 173 5.11 0.17 -58.90
C VAL D 173 3.74 0.23 -59.59
N GLY D 174 3.35 -0.87 -60.22
CA GLY D 174 2.07 -0.99 -60.89
C GLY D 174 0.93 -0.90 -59.89
N GLN D 175 0.97 -1.78 -58.86
CA GLN D 175 0.00 -1.86 -57.77
C GLN D 175 0.56 -2.64 -56.60
N ILE D 176 0.15 -2.28 -55.37
CA ILE D 176 0.53 -2.98 -54.15
C ILE D 176 -0.75 -3.53 -53.50
N ILE D 177 -0.90 -4.85 -53.50
CA ILE D 177 -2.06 -5.50 -52.87
C ILE D 177 -1.61 -5.99 -51.50
N ILE D 178 -2.14 -5.37 -50.45
CA ILE D 178 -1.77 -5.69 -49.07
C ILE D 178 -2.81 -6.49 -48.32
N LEU D 179 -2.35 -7.60 -47.72
CA LEU D 179 -3.16 -8.37 -46.79
C LEU D 179 -2.72 -7.82 -45.43
N GLY D 180 -3.62 -7.11 -44.77
CA GLY D 180 -3.32 -6.50 -43.49
C GLY D 180 -4.36 -5.50 -43.04
N GLY D 181 -4.44 -5.33 -41.73
CA GLY D 181 -5.34 -4.39 -41.09
C GLY D 181 -6.69 -4.97 -40.71
N ALA D 182 -7.36 -4.28 -39.80
CA ALA D 182 -8.69 -4.59 -39.29
C ALA D 182 -9.43 -3.25 -39.37
N PHE D 183 -10.23 -3.09 -40.42
CA PHE D 183 -10.96 -1.85 -40.66
C PHE D 183 -12.36 -1.88 -40.05
N GLN D 184 -12.51 -1.14 -38.93
CA GLN D 184 -13.72 -1.02 -38.12
C GLN D 184 -14.23 -2.39 -37.66
N VAL D 185 -13.27 -3.21 -37.21
CA VAL D 185 -13.43 -4.57 -36.70
C VAL D 185 -12.24 -4.87 -35.74
N ASN D 186 -12.42 -5.81 -34.80
CA ASN D 186 -11.34 -6.16 -33.86
C ASN D 186 -10.22 -6.91 -34.57
N GLY D 187 -9.01 -6.78 -34.04
CA GLY D 187 -7.83 -7.44 -34.60
C GLY D 187 -7.70 -8.91 -34.24
N ASN D 188 -6.74 -9.61 -34.86
CA ASN D 188 -6.50 -11.03 -34.61
C ASN D 188 -5.32 -11.32 -33.65
N VAL D 189 -4.34 -10.38 -33.57
CA VAL D 189 -3.19 -10.50 -32.66
C VAL D 189 -3.63 -10.09 -31.26
N ASN D 190 -4.25 -8.93 -31.15
CA ASN D 190 -4.83 -8.33 -29.94
C ASN D 190 -6.14 -7.68 -30.39
N PRO D 191 -7.03 -7.22 -29.48
CA PRO D 191 -8.30 -6.62 -29.97
C PRO D 191 -8.17 -5.45 -30.93
N ALA D 192 -7.02 -4.76 -30.94
CA ALA D 192 -6.78 -3.60 -31.78
C ALA D 192 -6.10 -3.87 -33.12
N ALA D 193 -5.12 -4.79 -33.15
CA ALA D 193 -4.31 -5.01 -34.34
C ALA D 193 -4.35 -6.36 -35.03
N GLU D 194 -4.09 -6.32 -36.36
CA GLU D 194 -3.96 -7.46 -37.27
C GLU D 194 -2.46 -7.81 -37.34
N ALA D 195 -2.16 -9.12 -37.41
CA ALA D 195 -0.82 -9.72 -37.50
C ALA D 195 0.25 -8.98 -38.30
N ASN D 196 0.09 -8.92 -39.65
CA ASN D 196 1.03 -8.28 -40.57
C ASN D 196 1.36 -6.83 -40.24
N ILE D 197 0.34 -6.05 -39.83
CA ILE D 197 0.51 -4.64 -39.47
C ILE D 197 1.16 -4.52 -38.09
N TYR D 198 0.77 -5.39 -37.13
CA TYR D 198 1.36 -5.41 -35.78
C TYR D 198 2.84 -5.79 -35.81
N GLY D 199 3.22 -6.59 -36.82
CA GLY D 199 4.59 -7.03 -37.07
C GLY D 199 5.54 -5.85 -37.23
N ASP D 200 5.12 -4.85 -38.03
CA ASP D 200 5.88 -3.62 -38.25
C ASP D 200 4.93 -2.43 -38.50
N PRO D 201 4.50 -1.73 -37.43
CA PRO D 201 3.58 -0.59 -37.61
C PRO D 201 4.22 0.61 -38.30
N GLU D 202 5.54 0.80 -38.12
CA GLU D 202 6.32 1.89 -38.71
C GLU D 202 6.35 1.70 -40.22
N ALA D 203 6.63 0.46 -40.66
CA ALA D 203 6.69 0.08 -42.09
C ALA D 203 5.33 0.18 -42.76
N ALA D 204 4.25 -0.17 -42.02
CA ALA D 204 2.89 -0.13 -42.53
C ALA D 204 2.48 1.31 -42.82
N ASP D 205 2.73 2.23 -41.86
CA ASP D 205 2.42 3.65 -42.00
C ASP D 205 3.19 4.27 -43.16
N ILE D 206 4.44 3.83 -43.41
CA ILE D 206 5.28 4.30 -44.52
C ILE D 206 4.60 3.97 -45.86
N ILE D 207 4.12 2.72 -46.00
CA ILE D 207 3.45 2.20 -47.19
C ILE D 207 2.09 2.87 -47.44
N PHE D 208 1.23 2.95 -46.42
CA PHE D 208 -0.09 3.58 -46.56
C PHE D 208 -0.04 5.08 -46.91
N THR D 209 1.14 5.72 -46.71
CA THR D 209 1.40 7.12 -46.96
C THR D 209 2.30 7.34 -48.21
N CYS D 210 3.01 6.28 -48.68
CA CYS D 210 3.92 6.35 -49.82
C CYS D 210 3.35 6.92 -51.15
N GLY D 211 2.05 6.78 -51.35
CA GLY D 211 1.36 7.31 -52.53
C GLY D 211 1.27 6.42 -53.75
N ALA D 212 1.55 5.11 -53.58
CA ALA D 212 1.47 4.12 -54.65
C ALA D 212 0.03 3.66 -54.87
N ASP D 213 -0.21 2.88 -55.95
CA ASP D 213 -1.52 2.29 -56.24
C ASP D 213 -1.68 1.17 -55.23
N ILE D 214 -2.45 1.42 -54.16
CA ILE D 214 -2.60 0.46 -53.08
C ILE D 214 -4.02 -0.08 -52.96
N LEU D 215 -4.12 -1.41 -52.80
CA LEU D 215 -5.35 -2.15 -52.60
C LEU D 215 -5.22 -2.90 -51.26
N VAL D 216 -5.98 -2.47 -50.23
CA VAL D 216 -5.92 -3.07 -48.89
C VAL D 216 -7.03 -4.07 -48.64
N VAL D 217 -6.65 -5.29 -48.31
CA VAL D 217 -7.55 -6.40 -48.01
C VAL D 217 -7.34 -6.70 -46.51
N GLY D 218 -8.27 -6.21 -45.69
CA GLY D 218 -8.20 -6.39 -44.24
C GLY D 218 -8.93 -7.61 -43.75
N ILE D 219 -8.71 -7.98 -42.46
CA ILE D 219 -9.37 -9.13 -41.83
C ILE D 219 -10.89 -8.98 -41.74
N ASN D 220 -11.38 -7.74 -41.89
CA ASN D 220 -12.80 -7.41 -41.93
C ASN D 220 -13.46 -8.10 -43.14
N ILE D 221 -12.69 -8.30 -44.24
CA ILE D 221 -13.18 -8.98 -45.43
C ILE D 221 -12.70 -10.43 -45.55
N THR D 222 -11.50 -10.76 -45.00
CA THR D 222 -10.96 -12.14 -45.08
C THR D 222 -11.72 -13.08 -44.15
N HIS D 223 -12.33 -12.54 -43.08
CA HIS D 223 -13.11 -13.34 -42.14
C HIS D 223 -14.45 -13.78 -42.75
N GLN D 224 -14.81 -13.19 -43.91
CA GLN D 224 -16.01 -13.52 -44.68
C GLN D 224 -15.71 -14.67 -45.66
N VAL D 225 -14.43 -14.81 -46.06
CA VAL D 225 -13.95 -15.85 -46.98
C VAL D 225 -13.35 -17.00 -46.17
N TYR D 226 -14.09 -18.11 -46.07
CA TYR D 226 -13.66 -19.29 -45.30
C TYR D 226 -13.99 -20.61 -46.00
N TRP D 227 -13.26 -21.68 -45.62
CA TRP D 227 -13.42 -23.02 -46.15
C TRP D 227 -13.76 -23.95 -45.01
N THR D 228 -14.89 -24.68 -45.13
CA THR D 228 -15.32 -25.65 -44.12
C THR D 228 -14.46 -26.92 -44.19
N GLY D 229 -14.65 -27.82 -43.21
CA GLY D 229 -13.96 -29.11 -43.16
C GLY D 229 -14.22 -29.92 -44.42
N LYS D 230 -15.46 -29.82 -44.97
CA LYS D 230 -15.89 -30.49 -46.18
C LYS D 230 -15.18 -29.91 -47.41
N ASP D 231 -14.94 -28.57 -47.43
CA ASP D 231 -14.24 -27.89 -48.52
C ASP D 231 -12.79 -28.40 -48.60
N LEU D 232 -12.16 -28.58 -47.42
CA LEU D 232 -10.81 -29.11 -47.26
C LEU D 232 -10.78 -30.57 -47.68
N GLU D 233 -11.82 -31.35 -47.31
CA GLU D 233 -12.01 -32.76 -47.66
C GLU D 233 -12.11 -32.92 -49.18
N ASP D 234 -12.85 -31.99 -49.85
CA ASP D 234 -13.02 -31.96 -51.30
C ASP D 234 -11.68 -31.71 -52.00
N LEU D 235 -10.82 -30.88 -51.37
CA LEU D 235 -9.48 -30.54 -51.85
C LEU D 235 -8.53 -31.74 -51.69
N GLY D 236 -8.73 -32.53 -50.64
CA GLY D 236 -7.95 -33.72 -50.35
C GLY D 236 -8.31 -34.88 -51.25
N ARG D 237 -9.62 -35.03 -51.55
CA ARG D 237 -10.16 -36.08 -52.43
C ARG D 237 -9.82 -35.83 -53.89
N SER D 238 -9.64 -34.55 -54.28
CA SER D 238 -9.31 -34.11 -55.64
C SER D 238 -8.00 -34.71 -56.17
N ASP D 239 -7.93 -34.91 -57.49
CA ASP D 239 -6.75 -35.47 -58.16
C ASP D 239 -5.75 -34.38 -58.57
N SER D 240 -5.55 -33.39 -57.68
CA SER D 240 -4.64 -32.26 -57.88
C SER D 240 -3.44 -32.37 -56.93
N LYS D 241 -2.23 -32.18 -57.48
CA LYS D 241 -0.94 -32.23 -56.75
C LYS D 241 -0.93 -31.22 -55.60
N PHE D 242 -1.40 -29.99 -55.89
CA PHE D 242 -1.46 -28.87 -54.95
C PHE D 242 -2.57 -29.03 -53.92
N GLY D 243 -3.76 -29.41 -54.38
CA GLY D 243 -4.92 -29.63 -53.52
C GLY D 243 -4.68 -30.64 -52.43
N LYS D 244 -4.06 -31.78 -52.80
CA LYS D 244 -3.69 -32.87 -51.89
C LYS D 244 -2.62 -32.39 -50.90
N TYR D 245 -1.63 -31.59 -51.38
CA TYR D 245 -0.55 -31.03 -50.56
C TYR D 245 -1.10 -30.07 -49.52
N LEU D 246 -1.95 -29.12 -49.95
CA LEU D 246 -2.55 -28.11 -49.07
C LEU D 246 -3.45 -28.71 -48.02
N TYR D 247 -4.13 -29.83 -48.34
CA TYR D 247 -5.00 -30.54 -47.41
C TYR D 247 -4.19 -31.09 -46.23
N ALA D 248 -2.97 -31.62 -46.50
CA ALA D 248 -2.05 -32.17 -45.50
C ALA D 248 -1.57 -31.09 -44.53
N ALA D 249 -1.20 -29.91 -45.05
CA ALA D 249 -0.74 -28.77 -44.25
C ALA D 249 -1.88 -28.12 -43.48
N SER D 250 -3.11 -28.18 -44.04
CA SER D 250 -4.34 -27.61 -43.47
C SER D 250 -4.76 -28.18 -42.13
N HIS D 251 -4.47 -29.46 -41.86
CA HIS D 251 -4.83 -30.15 -40.62
C HIS D 251 -4.47 -29.39 -39.34
N PHE D 252 -3.24 -28.86 -39.24
CA PHE D 252 -2.78 -28.08 -38.09
C PHE D 252 -3.46 -26.71 -38.03
N TYR D 253 -3.66 -26.07 -39.19
CA TYR D 253 -4.32 -24.77 -39.33
C TYR D 253 -5.80 -24.88 -38.94
N ALA D 254 -6.43 -26.03 -39.24
CA ALA D 254 -7.83 -26.34 -38.94
C ALA D 254 -8.04 -26.53 -37.44
N THR D 255 -7.09 -27.24 -36.77
CA THR D 255 -7.13 -27.49 -35.32
C THR D 255 -7.01 -26.18 -34.53
N TYR D 256 -6.27 -25.18 -35.08
CA TYR D 256 -6.10 -23.86 -34.46
C TYR D 256 -7.42 -23.09 -34.47
N HIS D 257 -8.07 -23.00 -35.65
CA HIS D 257 -9.36 -22.30 -35.84
C HIS D 257 -10.46 -22.92 -34.97
N ARG D 258 -10.40 -24.26 -34.76
CA ARG D 258 -11.34 -25.03 -33.97
C ARG D 258 -11.21 -24.75 -32.45
N GLU D 259 -10.02 -24.35 -32.00
CA GLU D 259 -9.78 -24.05 -30.58
C GLU D 259 -9.74 -22.53 -30.26
N ALA D 260 -9.36 -21.70 -31.24
CA ALA D 260 -9.27 -20.25 -31.07
C ALA D 260 -10.59 -19.55 -31.41
N TYR D 261 -11.21 -19.88 -32.57
CA TYR D 261 -12.46 -19.29 -33.03
C TYR D 261 -13.67 -20.21 -32.80
N ASP D 262 -13.43 -21.51 -32.52
CA ASP D 262 -14.44 -22.58 -32.33
C ASP D 262 -15.37 -22.70 -33.54
N ILE D 263 -14.76 -22.97 -34.71
CA ILE D 263 -15.41 -23.12 -36.01
C ILE D 263 -14.80 -24.30 -36.79
N ASP D 264 -15.63 -25.04 -37.56
CA ASP D 264 -15.17 -26.16 -38.38
C ASP D 264 -14.85 -25.60 -39.79
N ALA D 265 -14.02 -24.54 -39.82
CA ALA D 265 -13.60 -23.84 -41.03
C ALA D 265 -12.31 -23.04 -40.81
N ILE D 266 -11.59 -22.75 -41.90
CA ILE D 266 -10.37 -21.94 -41.86
C ILE D 266 -10.53 -20.66 -42.67
N TYR D 267 -10.08 -19.52 -42.11
CA TYR D 267 -10.16 -18.23 -42.80
C TYR D 267 -9.07 -18.17 -43.86
N LEU D 268 -9.48 -17.89 -45.10
CA LEU D 268 -8.58 -17.81 -46.25
C LEU D 268 -8.08 -16.37 -46.36
N HIS D 269 -7.08 -16.02 -45.54
CA HIS D 269 -6.51 -14.66 -45.50
C HIS D 269 -5.70 -14.34 -46.75
N ASP D 270 -4.51 -14.94 -46.87
CA ASP D 270 -3.58 -14.76 -47.99
C ASP D 270 -4.16 -15.17 -49.35
N PRO D 271 -4.88 -16.32 -49.51
CA PRO D 271 -5.43 -16.64 -50.85
C PRO D 271 -6.53 -15.70 -51.37
N ALA D 272 -7.31 -15.06 -50.47
CA ALA D 272 -8.35 -14.11 -50.85
C ALA D 272 -7.73 -12.84 -51.41
N THR D 273 -6.55 -12.46 -50.89
CA THR D 273 -5.75 -11.31 -51.32
C THR D 273 -5.24 -11.59 -52.73
N MET D 274 -4.87 -12.85 -53.02
CA MET D 274 -4.38 -13.28 -54.33
C MET D 274 -5.50 -13.23 -55.37
N VAL D 275 -6.76 -13.44 -54.94
CA VAL D 275 -7.94 -13.38 -55.79
C VAL D 275 -8.13 -11.95 -56.31
N ALA D 276 -7.87 -10.93 -55.46
CA ALA D 276 -7.94 -9.52 -55.83
C ALA D 276 -6.96 -9.19 -56.97
N ALA D 277 -5.79 -9.87 -57.00
CA ALA D 277 -4.79 -9.72 -58.05
C ALA D 277 -5.29 -10.35 -59.36
N VAL D 278 -5.99 -11.50 -59.25
CA VAL D 278 -6.57 -12.25 -60.37
C VAL D 278 -7.78 -11.49 -60.94
N ASP D 279 -8.82 -11.27 -60.10
CA ASP D 279 -10.05 -10.57 -60.48
C ASP D 279 -10.47 -9.60 -59.37
N PRO D 280 -10.16 -8.28 -59.52
CA PRO D 280 -10.53 -7.32 -58.46
C PRO D 280 -12.02 -6.99 -58.39
N SER D 281 -12.80 -7.37 -59.43
CA SER D 281 -14.24 -7.14 -59.52
C SER D 281 -15.03 -7.85 -58.41
N LEU D 282 -14.45 -8.91 -57.82
CA LEU D 282 -15.07 -9.69 -56.75
C LEU D 282 -15.11 -8.96 -55.39
N MET D 283 -14.56 -7.74 -55.34
CA MET D 283 -14.53 -6.89 -54.16
C MET D 283 -14.94 -5.45 -54.46
N THR D 284 -15.57 -4.79 -53.49
CA THR D 284 -15.99 -3.39 -53.56
C THR D 284 -14.99 -2.59 -52.74
N TYR D 285 -14.50 -1.49 -53.30
CA TYR D 285 -13.49 -0.68 -52.62
C TYR D 285 -13.95 0.72 -52.28
N ALA D 286 -13.38 1.27 -51.19
CA ALA D 286 -13.61 2.63 -50.74
C ALA D 286 -12.27 3.36 -50.79
N THR D 287 -12.24 4.54 -51.41
CA THR D 287 -11.02 5.33 -51.55
C THR D 287 -10.92 6.32 -50.41
N GLY D 288 -9.74 6.38 -49.78
CA GLY D 288 -9.43 7.27 -48.67
C GLY D 288 -8.08 7.03 -48.05
N ALA D 289 -7.74 7.82 -47.03
CA ALA D 289 -6.45 7.75 -46.34
C ALA D 289 -6.43 6.74 -45.19
N VAL D 290 -5.31 6.01 -45.05
CA VAL D 290 -5.09 5.01 -44.00
C VAL D 290 -3.85 5.39 -43.18
N ARG D 291 -4.00 5.42 -41.84
CA ARG D 291 -2.91 5.70 -40.92
C ARG D 291 -2.80 4.57 -39.91
N VAL D 292 -1.56 4.30 -39.44
CA VAL D 292 -1.27 3.23 -38.49
C VAL D 292 -0.71 3.79 -37.17
N GLN D 293 -1.32 3.40 -36.04
CA GLN D 293 -0.87 3.79 -34.71
C GLN D 293 0.39 2.96 -34.39
N LYS D 294 1.56 3.60 -34.17
CA LYS D 294 2.81 2.89 -33.93
C LYS D 294 3.12 2.52 -32.47
N ASP D 295 2.54 3.24 -31.50
CA ASP D 295 2.78 3.01 -30.07
C ASP D 295 1.51 2.53 -29.38
N GLY D 296 1.64 1.51 -28.51
CA GLY D 296 0.54 0.88 -27.78
C GLY D 296 -0.25 1.82 -26.89
N ILE D 297 -1.40 1.40 -26.31
CA ILE D 297 -2.11 0.11 -26.34
C ILE D 297 -2.59 -0.32 -27.73
N CYS D 298 -2.97 0.66 -28.56
CA CYS D 298 -3.47 0.42 -29.92
C CYS D 298 -2.39 0.33 -31.01
N LYS D 299 -1.19 -0.18 -30.66
CA LYS D 299 -0.08 -0.39 -31.60
C LYS D 299 -0.57 -1.34 -32.71
N GLY D 300 -0.35 -0.92 -33.95
CA GLY D 300 -0.72 -1.68 -35.15
C GLY D 300 -2.15 -1.49 -35.64
N LEU D 301 -2.88 -0.52 -35.07
CA LEU D 301 -4.27 -0.26 -35.48
C LEU D 301 -4.28 0.48 -36.82
N THR D 302 -5.10 -0.01 -37.77
CA THR D 302 -5.26 0.63 -39.08
C THR D 302 -6.53 1.45 -39.08
N LEU D 303 -6.41 2.76 -39.31
CA LEU D 303 -7.60 3.61 -39.37
C LEU D 303 -7.81 4.24 -40.72
N PHE D 304 -8.98 3.98 -41.32
CA PHE D 304 -9.37 4.47 -42.63
C PHE D 304 -10.32 5.67 -42.56
N ASN D 305 -10.04 6.71 -43.35
CA ASN D 305 -10.86 7.91 -43.44
C ASN D 305 -11.51 7.96 -44.83
N ASN D 306 -12.83 7.69 -44.90
CA ASN D 306 -13.67 7.64 -46.11
C ASN D 306 -13.46 8.63 -47.29
N SER D 307 -12.63 9.69 -47.11
CA SER D 307 -12.26 10.76 -48.06
C SER D 307 -13.32 11.83 -48.32
N ASN D 308 -14.59 11.43 -48.48
CA ASN D 308 -15.72 12.35 -48.66
C ASN D 308 -16.06 13.12 -47.36
N LYS D 309 -15.11 13.14 -46.40
CA LYS D 309 -15.24 13.81 -45.12
C LYS D 309 -14.62 15.21 -45.08
N VAL D 310 -15.46 16.21 -44.77
CA VAL D 310 -15.08 17.63 -44.71
C VAL D 310 -13.86 17.99 -43.80
N TRP D 311 -14.04 18.05 -42.46
CA TRP D 311 -13.05 18.26 -41.39
C TRP D 311 -12.84 19.60 -40.67
N HIS D 312 -13.17 20.80 -41.22
CA HIS D 312 -12.96 22.12 -40.57
C HIS D 312 -11.94 22.09 -39.44
N ASP D 313 -10.68 21.99 -39.87
CA ASP D 313 -9.39 21.89 -39.15
C ASP D 313 -8.71 20.59 -39.56
N PRO D 314 -7.52 20.67 -40.19
CA PRO D 314 -6.84 19.45 -40.68
C PRO D 314 -6.52 18.39 -39.64
N THR D 315 -6.69 17.12 -40.04
CA THR D 315 -6.44 15.93 -39.24
C THR D 315 -5.17 15.24 -39.75
N ASP D 316 -4.72 14.16 -39.08
CA ASP D 316 -3.54 13.39 -39.50
C ASP D 316 -3.83 12.49 -40.72
N TRP D 317 -5.06 12.57 -41.25
CA TRP D 317 -5.50 11.85 -42.43
C TRP D 317 -5.66 12.82 -43.61
N CYS D 318 -5.64 14.14 -43.31
CA CYS D 318 -5.76 15.20 -44.31
C CYS D 318 -4.42 15.37 -45.03
N GLY D 319 -4.49 15.41 -46.35
CA GLY D 319 -3.32 15.57 -47.22
C GLY D 319 -2.51 14.30 -47.40
N ILE D 320 -3.08 13.15 -47.02
CA ILE D 320 -2.46 11.83 -47.12
C ILE D 320 -2.95 11.18 -48.43
N PRO D 321 -2.05 10.60 -49.26
CA PRO D 321 -2.50 9.99 -50.53
C PRO D 321 -3.55 8.89 -50.32
N PRO D 322 -4.67 8.94 -51.07
CA PRO D 322 -5.72 7.94 -50.87
C PRO D 322 -5.36 6.55 -51.38
N VAL D 323 -5.94 5.52 -50.74
CA VAL D 323 -5.74 4.11 -51.08
C VAL D 323 -7.10 3.41 -51.20
N LYS D 324 -7.18 2.32 -51.98
CA LYS D 324 -8.42 1.56 -52.14
C LYS D 324 -8.49 0.51 -51.02
N VAL D 325 -9.56 0.54 -50.22
CA VAL D 325 -9.75 -0.40 -49.11
C VAL D 325 -10.98 -1.26 -49.40
N ALA D 326 -10.79 -2.59 -49.43
CA ALA D 326 -11.86 -3.56 -49.67
C ALA D 326 -12.91 -3.49 -48.56
N VAL D 327 -14.18 -3.26 -48.96
CA VAL D 327 -15.34 -3.12 -48.07
C VAL D 327 -16.21 -4.38 -48.10
N THR D 328 -16.57 -4.86 -49.30
CA THR D 328 -17.40 -6.07 -49.46
C THR D 328 -16.77 -7.10 -50.38
N VAL D 329 -17.08 -8.39 -50.12
CA VAL D 329 -16.59 -9.54 -50.88
C VAL D 329 -17.75 -10.36 -51.45
N ASP D 330 -17.48 -11.09 -52.54
CA ASP D 330 -18.42 -12.03 -53.12
C ASP D 330 -17.93 -13.40 -52.64
N ARG D 331 -18.00 -13.62 -51.31
CA ARG D 331 -17.52 -14.82 -50.61
C ARG D 331 -17.72 -16.15 -51.32
N GLU D 332 -18.86 -16.33 -52.00
CA GLU D 332 -19.18 -17.54 -52.77
C GLU D 332 -18.25 -17.67 -53.97
N ARG D 333 -18.11 -16.59 -54.76
CA ARG D 333 -17.27 -16.56 -55.97
C ARG D 333 -15.77 -16.60 -55.67
N VAL D 334 -15.35 -16.07 -54.51
CA VAL D 334 -13.93 -16.07 -54.09
C VAL D 334 -13.53 -17.50 -53.70
N ALA D 335 -14.36 -18.16 -52.86
CA ALA D 335 -14.14 -19.52 -52.40
C ALA D 335 -14.32 -20.56 -53.52
N SER D 336 -15.13 -20.25 -54.56
CA SER D 336 -15.32 -21.16 -55.70
C SER D 336 -14.11 -21.14 -56.62
N LEU D 337 -13.52 -19.93 -56.85
CA LEU D 337 -12.33 -19.72 -57.68
C LEU D 337 -11.12 -20.37 -56.99
N LEU D 338 -11.03 -20.21 -55.65
CA LEU D 338 -10.00 -20.84 -54.83
C LEU D 338 -10.55 -22.23 -54.52
N LYS D 339 -10.57 -23.12 -55.52
CA LYS D 339 -11.07 -24.49 -55.43
C LYS D 339 -11.03 -25.05 -56.82
N GLU D 340 -11.74 -24.42 -57.80
CA GLU D 340 -11.72 -24.85 -59.19
C GLU D 340 -10.29 -24.82 -59.77
N ARG D 341 -9.44 -23.93 -59.21
CA ARG D 341 -8.04 -23.77 -59.57
C ARG D 341 -7.14 -24.75 -58.82
N LEU D 342 -7.44 -24.98 -57.52
CA LEU D 342 -6.67 -25.86 -56.65
C LEU D 342 -7.11 -27.34 -56.69
N THR D 343 -8.21 -27.64 -57.42
CA THR D 343 -8.78 -28.99 -57.60
C THR D 343 -8.45 -29.53 -59.01
N ALA D 344 -8.28 -28.61 -59.99
CA ALA D 344 -7.96 -28.92 -61.38
C ALA D 344 -6.66 -29.72 -61.52
N PRO D 345 -6.66 -30.83 -62.30
CA PRO D 345 -5.43 -31.63 -62.45
C PRO D 345 -4.56 -31.15 -63.62
N PRO E 28 20.76 -29.28 -32.73
CA PRO E 28 21.09 -30.12 -31.57
C PRO E 28 22.60 -30.18 -31.30
N PRO E 29 23.07 -30.31 -30.02
CA PRO E 29 22.30 -30.40 -28.76
C PRO E 29 21.92 -29.03 -28.18
N LYS E 30 21.02 -29.03 -27.18
CA LYS E 30 20.58 -27.79 -26.54
C LYS E 30 21.48 -27.35 -25.37
N LYS E 31 21.77 -26.04 -25.32
CA LYS E 31 22.60 -25.42 -24.29
C LYS E 31 21.81 -25.36 -22.98
N VAL E 32 22.42 -25.81 -21.88
CA VAL E 32 21.78 -25.87 -20.58
C VAL E 32 22.61 -25.28 -19.43
N ILE E 33 21.98 -24.41 -18.61
CA ILE E 33 22.56 -23.81 -17.39
C ILE E 33 21.73 -24.40 -16.25
N ILE E 34 22.39 -24.97 -15.22
CA ILE E 34 21.66 -25.57 -14.09
C ILE E 34 21.81 -24.87 -12.75
N ASP E 35 20.71 -24.23 -12.29
CA ASP E 35 20.64 -23.52 -11.00
C ASP E 35 20.42 -24.60 -9.93
N THR E 36 21.49 -24.95 -9.20
CA THR E 36 21.48 -26.05 -8.24
C THR E 36 21.95 -25.76 -6.80
N ASP E 37 21.51 -26.62 -5.87
CA ASP E 37 21.86 -26.64 -4.45
C ASP E 37 22.27 -28.11 -4.09
N PRO E 38 23.44 -28.60 -4.59
CA PRO E 38 23.79 -30.02 -4.35
C PRO E 38 24.12 -30.41 -2.91
N GLY E 39 23.35 -31.31 -2.30
CA GLY E 39 22.16 -31.97 -2.87
C GLY E 39 22.44 -33.31 -3.53
N ILE E 40 21.92 -34.40 -2.94
CA ILE E 40 22.05 -35.78 -3.43
C ILE E 40 21.25 -35.94 -4.74
N ASP E 41 19.96 -35.52 -4.72
CA ASP E 41 19.07 -35.56 -5.89
C ASP E 41 19.54 -34.59 -6.98
N ASP E 42 20.17 -33.48 -6.56
CA ASP E 42 20.75 -32.48 -7.46
C ASP E 42 21.94 -33.10 -8.20
N ALA E 43 22.80 -33.84 -7.47
CA ALA E 43 23.98 -34.55 -8.00
C ALA E 43 23.54 -35.57 -9.06
N MET E 44 22.42 -36.27 -8.80
CA MET E 44 21.82 -37.26 -9.70
C MET E 44 21.46 -36.60 -11.03
N ALA E 45 20.79 -35.44 -10.96
CA ALA E 45 20.35 -34.64 -12.11
C ALA E 45 21.55 -34.10 -12.89
N ILE E 46 22.58 -33.59 -12.17
CA ILE E 46 23.82 -33.06 -12.76
C ILE E 46 24.49 -34.17 -13.58
N PHE E 47 24.71 -35.35 -12.95
CA PHE E 47 25.32 -36.52 -13.58
C PHE E 47 24.55 -37.03 -14.79
N PHE E 48 23.20 -37.08 -14.69
CA PHE E 48 22.34 -37.51 -15.78
C PHE E 48 22.42 -36.57 -16.98
N ALA E 49 22.50 -35.25 -16.71
CA ALA E 49 22.63 -34.21 -17.74
C ALA E 49 23.97 -34.36 -18.47
N LEU E 50 25.01 -34.73 -17.72
CA LEU E 50 26.37 -34.94 -18.24
C LEU E 50 26.48 -36.24 -19.02
N LYS E 51 25.53 -37.16 -18.82
CA LYS E 51 25.47 -38.45 -19.52
C LYS E 51 24.46 -38.43 -20.68
N SER E 52 23.72 -37.31 -20.84
CA SER E 52 22.73 -37.14 -21.91
C SER E 52 23.30 -36.34 -23.10
N PRO E 53 23.53 -37.01 -24.26
CA PRO E 53 24.09 -36.30 -25.43
C PRO E 53 23.24 -35.17 -26.03
N GLU E 54 21.91 -35.18 -25.77
CA GLU E 54 20.98 -34.16 -26.26
C GLU E 54 21.09 -32.81 -25.53
N LEU E 55 21.84 -32.77 -24.42
CA LEU E 55 22.08 -31.57 -23.64
C LEU E 55 23.56 -31.22 -23.65
N ASP E 56 23.86 -29.92 -23.68
CA ASP E 56 25.22 -29.39 -23.59
C ASP E 56 25.26 -28.50 -22.35
N VAL E 57 25.83 -29.02 -21.24
CA VAL E 57 25.93 -28.29 -19.99
C VAL E 57 26.97 -27.17 -20.15
N ILE E 58 26.49 -25.97 -20.51
CA ILE E 58 27.32 -24.81 -20.74
C ILE E 58 27.90 -24.22 -19.43
N ALA E 59 27.13 -24.31 -18.31
CA ALA E 59 27.51 -23.81 -16.99
C ALA E 59 26.59 -24.33 -15.85
N LEU E 60 27.02 -24.13 -14.59
CA LEU E 60 26.30 -24.49 -13.37
C LEU E 60 26.26 -23.28 -12.44
N THR E 61 25.08 -22.89 -11.96
CA THR E 61 24.95 -21.77 -11.03
C THR E 61 24.50 -22.28 -9.67
N THR E 62 25.18 -21.86 -8.60
CA THR E 62 24.84 -22.32 -7.26
C THR E 62 23.89 -21.41 -6.49
N ILE E 63 23.10 -22.01 -5.60
CA ILE E 63 22.10 -21.35 -4.74
C ILE E 63 21.97 -22.12 -3.42
N TYR E 64 21.35 -21.49 -2.41
CA TYR E 64 21.06 -22.09 -1.10
C TYR E 64 19.89 -23.09 -1.25
N GLY E 65 19.46 -23.69 -0.14
CA GLY E 65 18.34 -24.63 -0.14
C GLY E 65 18.63 -25.85 0.70
N ASN E 66 19.17 -26.90 0.06
CA ASN E 66 19.56 -28.14 0.74
C ASN E 66 20.80 -27.82 1.58
N VAL E 67 21.71 -27.00 1.03
CA VAL E 67 22.95 -26.54 1.64
C VAL E 67 23.10 -25.01 1.51
N ARG E 68 24.04 -24.42 2.25
CA ARG E 68 24.37 -22.99 2.18
C ARG E 68 25.03 -22.75 0.82
N THR E 69 24.86 -21.54 0.24
CA THR E 69 25.45 -21.19 -1.06
C THR E 69 26.95 -21.53 -1.19
N PRO E 70 27.84 -21.23 -0.20
CA PRO E 70 29.25 -21.63 -0.35
C PRO E 70 29.44 -23.14 -0.41
N THR E 71 28.65 -23.91 0.38
CA THR E 71 28.67 -25.38 0.41
C THR E 71 28.26 -25.93 -0.95
N ALA E 72 27.19 -25.35 -1.55
CA ALA E 72 26.65 -25.73 -2.86
C ALA E 72 27.72 -25.57 -3.94
N THR E 73 28.51 -24.48 -3.88
CA THR E 73 29.59 -24.17 -4.82
C THR E 73 30.69 -25.22 -4.74
N VAL E 74 31.14 -25.53 -3.50
CA VAL E 74 32.16 -26.52 -3.18
C VAL E 74 31.75 -27.89 -3.75
N ASN E 75 30.49 -28.30 -3.49
CA ASN E 75 29.92 -29.56 -3.96
C ASN E 75 29.80 -29.60 -5.48
N ALA E 76 29.31 -28.53 -6.11
CA ALA E 76 29.16 -28.43 -7.57
C ALA E 76 30.50 -28.52 -8.29
N LEU E 77 31.54 -27.86 -7.73
CA LEU E 77 32.90 -27.89 -8.27
C LEU E 77 33.44 -29.31 -8.19
N HIS E 78 33.20 -29.98 -7.04
CA HIS E 78 33.61 -31.35 -6.77
C HIS E 78 32.94 -32.36 -7.72
N LEU E 79 31.62 -32.21 -7.96
CA LEU E 79 30.86 -33.10 -8.82
C LEU E 79 31.35 -33.05 -10.26
N LEU E 80 31.70 -31.84 -10.75
CA LEU E 80 32.22 -31.64 -12.11
C LEU E 80 33.63 -32.20 -12.25
N GLU E 81 34.42 -32.19 -11.16
CA GLU E 81 35.77 -32.75 -11.10
C GLU E 81 35.68 -34.27 -11.25
N PHE E 82 34.74 -34.89 -10.50
CA PHE E 82 34.46 -36.32 -10.51
C PHE E 82 33.98 -36.75 -11.90
N ALA E 83 33.10 -35.93 -12.52
CA ALA E 83 32.56 -36.18 -13.86
C ALA E 83 33.62 -36.00 -14.96
N GLY E 84 34.70 -35.32 -14.61
CA GLY E 84 35.81 -35.04 -15.54
C GLY E 84 35.61 -33.75 -16.30
N ARG E 85 34.34 -33.30 -16.41
CA ARG E 85 33.96 -32.06 -17.09
C ARG E 85 34.34 -30.82 -16.27
N GLU E 86 35.66 -30.61 -16.13
CA GLU E 86 36.25 -29.49 -15.40
C GLU E 86 36.17 -28.18 -16.19
N ASP E 87 35.89 -28.29 -17.50
CA ASP E 87 35.71 -27.19 -18.45
C ASP E 87 34.49 -26.35 -18.10
N ILE E 88 33.46 -26.98 -17.47
CA ILE E 88 32.22 -26.34 -17.07
C ILE E 88 32.43 -25.34 -15.94
N PRO E 89 32.09 -24.05 -16.17
CA PRO E 89 32.24 -23.05 -15.11
C PRO E 89 31.18 -23.17 -14.02
N VAL E 90 31.54 -22.79 -12.78
CA VAL E 90 30.63 -22.78 -11.62
C VAL E 90 30.49 -21.32 -11.21
N SER E 91 29.27 -20.77 -11.27
CA SER E 91 29.02 -19.37 -10.91
C SER E 91 28.20 -19.29 -9.62
N GLU E 92 28.81 -18.75 -8.55
CA GLU E 92 28.13 -18.64 -7.25
C GLU E 92 27.04 -17.57 -7.28
N GLY E 93 25.90 -17.90 -6.68
CA GLY E 93 24.75 -17.01 -6.60
C GLY E 93 24.44 -16.46 -5.23
N PHE E 94 23.17 -16.14 -5.00
CA PHE E 94 22.65 -15.56 -3.77
C PHE E 94 22.88 -16.42 -2.54
N ARG E 95 23.40 -15.80 -1.47
CA ARG E 95 23.67 -16.44 -0.17
C ARG E 95 22.47 -16.25 0.77
N THR E 96 21.57 -15.32 0.39
CA THR E 96 20.35 -14.97 1.12
C THR E 96 19.18 -14.99 0.12
N SER E 97 17.94 -14.78 0.61
CA SER E 97 16.78 -14.68 -0.26
C SER E 97 16.89 -13.35 -1.05
N LEU E 98 16.01 -13.13 -2.05
CA LEU E 98 16.01 -11.92 -2.87
C LEU E 98 15.92 -10.65 -2.02
N ARG E 99 15.08 -10.69 -0.97
CA ARG E 99 14.91 -9.54 -0.08
C ARG E 99 15.79 -9.62 1.20
N GLY E 100 16.98 -10.19 1.04
CA GLY E 100 18.00 -10.32 2.08
C GLY E 100 17.69 -11.16 3.29
N GLU E 101 16.74 -12.11 3.19
CA GLU E 101 16.42 -13.00 4.30
C GLU E 101 17.55 -14.03 4.41
N LEU E 102 18.30 -14.00 5.54
CA LEU E 102 19.46 -14.83 5.80
C LEU E 102 19.21 -16.33 5.67
N LYS E 103 20.01 -16.99 4.83
CA LYS E 103 19.89 -18.42 4.58
C LYS E 103 21.03 -19.25 5.19
N GLU E 104 21.61 -18.73 6.29
CA GLU E 104 22.65 -19.39 7.08
C GLU E 104 21.88 -20.23 8.09
N ARG E 105 22.47 -21.36 8.55
CA ARG E 105 21.86 -22.29 9.51
C ARG E 105 20.60 -22.96 8.91
N ILE E 106 20.80 -24.03 8.12
CA ILE E 106 19.72 -24.77 7.45
C ILE E 106 19.78 -26.29 7.66
N ALA E 107 18.58 -26.92 7.75
CA ALA E 107 18.32 -28.35 7.99
C ALA E 107 19.21 -29.33 7.22
N ASP E 108 19.80 -30.32 7.95
CA ASP E 108 20.69 -31.33 7.39
C ASP E 108 20.12 -32.76 7.49
N PHE E 109 18.85 -32.91 7.92
CA PHE E 109 18.22 -34.22 8.07
C PHE E 109 17.89 -34.94 6.75
N VAL E 110 17.94 -34.21 5.62
CA VAL E 110 17.63 -34.75 4.30
C VAL E 110 18.88 -35.05 3.44
N HIS E 111 19.86 -34.12 3.39
CA HIS E 111 21.07 -34.27 2.59
C HIS E 111 22.40 -34.43 3.34
N GLY E 112 22.36 -34.32 4.66
CA GLY E 112 23.54 -34.47 5.50
C GLY E 112 24.24 -33.15 5.79
N ALA E 113 25.26 -33.19 6.64
CA ALA E 113 26.06 -32.02 7.02
C ALA E 113 26.84 -31.47 5.82
N ASP E 114 27.49 -32.36 5.05
CA ASP E 114 28.26 -32.00 3.85
C ASP E 114 27.37 -31.65 2.65
N GLY E 115 26.14 -32.16 2.67
CA GLY E 115 25.16 -31.95 1.61
C GLY E 115 25.16 -33.06 0.58
N LEU E 116 26.10 -34.01 0.71
CA LEU E 116 26.24 -35.15 -0.19
C LEU E 116 26.09 -36.49 0.56
N GLY E 117 25.05 -36.56 1.40
CA GLY E 117 24.69 -37.73 2.20
C GLY E 117 25.74 -38.22 3.18
N ASN E 118 26.46 -37.28 3.82
CA ASN E 118 27.53 -37.52 4.81
C ASN E 118 28.66 -38.44 4.31
N THR E 119 28.98 -38.34 3.01
CA THR E 119 30.05 -39.12 2.37
C THR E 119 31.39 -38.45 2.60
N TYR E 120 31.37 -37.12 2.86
CA TYR E 120 32.53 -36.25 3.11
C TYR E 120 33.62 -36.43 2.04
N PRO E 121 33.42 -35.90 0.80
CA PRO E 121 34.43 -36.10 -0.25
C PRO E 121 35.72 -35.31 -0.04
N THR E 122 36.80 -35.80 -0.65
CA THR E 122 38.12 -35.19 -0.56
C THR E 122 38.32 -33.96 -1.48
N LEU E 123 37.52 -32.90 -1.25
CA LEU E 123 37.58 -31.62 -1.97
C LEU E 123 38.91 -30.87 -1.56
N SER E 124 39.70 -30.16 -2.39
CA SER E 124 39.77 -29.54 -3.75
C SER E 124 40.01 -28.04 -3.55
N ASP E 125 40.88 -27.46 -4.39
CA ASP E 125 41.21 -26.04 -4.33
C ASP E 125 40.54 -25.22 -5.47
N ARG E 126 39.81 -25.93 -6.37
CA ARG E 126 39.11 -25.34 -7.51
C ARG E 126 38.11 -24.27 -7.03
N LYS E 127 38.11 -23.11 -7.69
CA LYS E 127 37.29 -21.97 -7.30
C LYS E 127 36.24 -21.55 -8.35
N PRO E 128 35.10 -20.92 -7.93
CA PRO E 128 34.09 -20.47 -8.91
C PRO E 128 34.56 -19.36 -9.85
N ILE E 129 33.90 -19.21 -11.00
CA ILE E 129 34.24 -18.26 -12.07
C ILE E 129 34.10 -16.74 -11.76
N ASP E 130 34.28 -16.33 -10.49
CA ASP E 130 34.28 -14.93 -10.04
C ASP E 130 33.07 -14.02 -10.41
N THR E 131 32.32 -14.37 -11.46
CA THR E 131 31.12 -13.65 -11.93
C THR E 131 29.93 -14.13 -11.10
N PHE E 132 29.05 -13.20 -10.67
CA PHE E 132 27.86 -13.53 -9.89
C PHE E 132 26.82 -14.22 -10.78
N ALA E 133 26.17 -15.28 -10.27
CA ALA E 133 25.18 -16.08 -11.00
C ALA E 133 24.10 -15.29 -11.78
N PRO E 134 23.35 -14.30 -11.18
CA PRO E 134 22.36 -13.56 -11.98
C PRO E 134 23.02 -12.75 -13.11
N ASP E 135 24.18 -12.12 -12.82
CA ASP E 135 24.96 -11.34 -13.76
C ASP E 135 25.43 -12.23 -14.92
N TYR E 136 25.90 -13.46 -14.60
CA TYR E 136 26.35 -14.46 -15.55
C TYR E 136 25.19 -14.99 -16.39
N LEU E 137 24.01 -15.16 -15.78
CA LEU E 137 22.79 -15.64 -16.43
C LEU E 137 22.37 -14.68 -17.54
N ILE E 138 22.39 -13.36 -17.25
CA ILE E 138 22.07 -12.30 -18.22
C ILE E 138 23.11 -12.32 -19.35
N GLN E 139 24.41 -12.40 -18.98
CA GLN E 139 25.54 -12.44 -19.91
C GLN E 139 25.40 -13.56 -20.94
N LYS E 140 25.19 -14.80 -20.47
CA LYS E 140 25.07 -15.97 -21.33
C LYS E 140 23.80 -16.02 -22.16
N VAL E 141 22.71 -15.40 -21.68
CA VAL E 141 21.46 -15.38 -22.44
C VAL E 141 21.48 -14.35 -23.58
N ASN E 142 22.22 -13.23 -23.40
CA ASN E 142 22.38 -12.21 -24.43
C ASN E 142 23.30 -12.76 -25.51
N GLU E 143 24.31 -13.56 -25.09
CA GLU E 143 25.29 -14.23 -25.94
C GLU E 143 24.59 -15.25 -26.86
N PHE E 144 23.60 -16.00 -26.33
CA PHE E 144 22.84 -16.99 -27.10
C PHE E 144 21.33 -16.81 -26.85
N PRO E 145 20.68 -15.83 -27.55
CA PRO E 145 19.24 -15.61 -27.31
C PRO E 145 18.36 -16.73 -27.86
N GLY E 146 17.47 -17.23 -27.00
CA GLY E 146 16.52 -18.30 -27.30
C GLY E 146 17.14 -19.67 -27.49
N GLU E 147 18.39 -19.85 -27.02
CA GLU E 147 19.14 -21.10 -27.11
C GLU E 147 19.33 -21.76 -25.74
N ILE E 148 19.57 -20.92 -24.70
CA ILE E 148 19.81 -21.35 -23.32
C ILE E 148 18.55 -21.85 -22.64
N THR E 149 18.64 -23.03 -22.01
CA THR E 149 17.54 -23.64 -21.26
C THR E 149 18.00 -23.71 -19.80
N ILE E 150 17.39 -22.90 -18.92
CA ILE E 150 17.78 -22.90 -17.50
C ILE E 150 16.95 -23.91 -16.72
N VAL E 151 17.63 -24.89 -16.12
CA VAL E 151 16.97 -25.92 -15.30
C VAL E 151 17.16 -25.52 -13.82
N ALA E 152 16.10 -24.95 -13.22
CA ALA E 152 16.11 -24.51 -11.83
C ALA E 152 15.79 -25.69 -10.91
N LEU E 153 16.82 -26.18 -10.21
CA LEU E 153 16.75 -27.31 -9.29
C LEU E 153 16.76 -26.87 -7.82
N GLY E 154 16.73 -25.55 -7.61
CA GLY E 154 16.70 -24.92 -6.29
C GLY E 154 15.85 -23.67 -6.29
N PRO E 155 15.87 -22.87 -5.18
CA PRO E 155 15.07 -21.63 -5.15
C PRO E 155 15.35 -20.67 -6.31
N LEU E 156 14.29 -20.01 -6.82
CA LEU E 156 14.35 -19.15 -7.99
C LEU E 156 14.99 -17.76 -7.81
N THR E 157 15.72 -17.55 -6.69
CA THR E 157 16.39 -16.29 -6.32
C THR E 157 17.34 -15.75 -7.40
N ASN E 158 18.24 -16.60 -7.92
CA ASN E 158 19.21 -16.21 -8.95
C ASN E 158 18.52 -15.75 -10.23
N LEU E 159 17.46 -16.47 -10.62
CA LEU E 159 16.68 -16.19 -11.82
C LEU E 159 15.85 -14.93 -11.70
N ALA E 160 15.23 -14.72 -10.52
CA ALA E 160 14.39 -13.54 -10.23
C ALA E 160 15.22 -12.26 -10.21
N ALA E 161 16.47 -12.34 -9.69
CA ALA E 161 17.40 -11.22 -9.63
C ALA E 161 17.78 -10.79 -11.04
N ALA E 162 17.97 -11.78 -11.95
CA ALA E 162 18.29 -11.59 -13.37
C ALA E 162 17.11 -10.91 -14.09
N VAL E 163 15.86 -11.28 -13.73
CA VAL E 163 14.62 -10.74 -14.27
C VAL E 163 14.45 -9.28 -13.80
N GLU E 164 14.69 -9.04 -12.51
CA GLU E 164 14.59 -7.71 -11.90
C GLU E 164 15.64 -6.76 -12.44
N CYS E 165 16.84 -7.30 -12.74
CA CYS E 165 17.98 -6.54 -13.28
C CYS E 165 17.72 -6.15 -14.74
N ASP E 166 17.58 -7.16 -15.62
CA ASP E 166 17.32 -6.96 -17.04
C ASP E 166 15.87 -7.39 -17.38
N PRO E 167 14.98 -6.44 -17.77
CA PRO E 167 13.60 -6.82 -18.10
C PRO E 167 13.44 -7.64 -19.37
N THR E 168 14.44 -7.60 -20.27
CA THR E 168 14.45 -8.33 -21.54
C THR E 168 14.95 -9.79 -21.40
N PHE E 169 15.40 -10.18 -20.19
CA PHE E 169 15.92 -11.51 -19.86
C PHE E 169 14.88 -12.60 -20.11
N ALA E 170 13.64 -12.39 -19.62
CA ALA E 170 12.52 -13.34 -19.74
C ALA E 170 12.23 -13.74 -21.19
N LYS E 171 12.22 -12.78 -22.11
CA LYS E 171 11.96 -13.08 -23.52
C LYS E 171 13.20 -13.61 -24.25
N LYS E 172 14.40 -13.40 -23.68
CA LYS E 172 15.66 -13.86 -24.24
C LYS E 172 16.00 -15.31 -23.91
N VAL E 173 15.50 -15.84 -22.76
CA VAL E 173 15.73 -17.24 -22.37
C VAL E 173 14.96 -18.20 -23.26
N GLY E 174 15.60 -19.30 -23.63
CA GLY E 174 14.99 -20.34 -24.46
C GLY E 174 13.82 -20.97 -23.74
N GLN E 175 14.08 -21.49 -22.53
CA GLN E 175 13.08 -22.12 -21.66
C GLN E 175 13.59 -22.20 -20.23
N ILE E 176 12.68 -22.12 -19.25
CA ILE E 176 12.99 -22.25 -17.83
C ILE E 176 12.24 -23.48 -17.30
N ILE E 177 12.98 -24.54 -16.94
CA ILE E 177 12.39 -25.75 -16.39
C ILE E 177 12.58 -25.68 -14.88
N ILE E 178 11.45 -25.52 -14.16
CA ILE E 178 11.46 -25.36 -12.72
C ILE E 178 11.02 -26.61 -11.97
N LEU E 179 11.85 -27.04 -11.01
CA LEU E 179 11.47 -28.08 -10.07
C LEU E 179 10.98 -27.26 -8.88
N GLY E 180 9.70 -27.32 -8.63
CA GLY E 180 9.08 -26.57 -7.55
C GLY E 180 7.58 -26.54 -7.60
N GLY E 181 7.00 -26.36 -6.42
CA GLY E 181 5.56 -26.27 -6.25
C GLY E 181 4.86 -27.59 -5.99
N ALA E 182 3.66 -27.48 -5.43
CA ALA E 182 2.77 -28.60 -5.13
C ALA E 182 1.43 -28.16 -5.69
N PHE E 183 1.09 -28.69 -6.88
CA PHE E 183 -0.12 -28.32 -7.59
C PHE E 183 -1.28 -29.25 -7.27
N GLN E 184 -2.21 -28.74 -6.44
CA GLN E 184 -3.40 -29.42 -5.92
C GLN E 184 -3.01 -30.75 -5.22
N VAL E 185 -1.97 -30.65 -4.40
CA VAL E 185 -1.38 -31.72 -3.58
C VAL E 185 -0.66 -31.07 -2.39
N ASN E 186 -0.43 -31.83 -1.30
CA ASN E 186 0.28 -31.33 -0.12
C ASN E 186 1.76 -31.09 -0.40
N GLY E 187 2.35 -30.11 0.28
CA GLY E 187 3.76 -29.77 0.15
C GLY E 187 4.68 -30.71 0.92
N ASN E 188 6.00 -30.55 0.72
CA ASN E 188 7.01 -31.38 1.40
C ASN E 188 7.71 -30.70 2.58
N VAL E 189 7.76 -29.35 2.61
CA VAL E 189 8.34 -28.58 3.73
C VAL E 189 7.31 -28.54 4.86
N ASN E 190 6.08 -28.13 4.52
CA ASN E 190 4.92 -28.07 5.38
C ASN E 190 3.73 -28.52 4.50
N PRO E 191 2.55 -28.85 5.05
CA PRO E 191 1.45 -29.33 4.18
C PRO E 191 1.06 -28.42 3.01
N ALA E 192 1.40 -27.12 3.07
CA ALA E 192 1.07 -26.15 2.01
C ALA E 192 2.14 -25.92 0.96
N ALA E 193 3.42 -25.89 1.36
CA ALA E 193 4.52 -25.55 0.45
C ALA E 193 5.58 -26.58 0.16
N GLU E 194 6.17 -26.45 -1.04
CA GLU E 194 7.29 -27.22 -1.57
C GLU E 194 8.58 -26.44 -1.26
N ALA E 195 9.66 -27.17 -0.92
CA ALA E 195 10.99 -26.68 -0.56
C ALA E 195 11.53 -25.45 -1.33
N ASN E 196 11.79 -25.61 -2.64
CA ASN E 196 12.34 -24.58 -3.51
C ASN E 196 11.52 -23.29 -3.54
N ILE E 197 10.19 -23.41 -3.57
CA ILE E 197 9.29 -22.25 -3.58
C ILE E 197 9.23 -21.61 -2.19
N TYR E 198 9.21 -22.44 -1.12
CA TYR E 198 9.19 -21.97 0.27
C TYR E 198 10.48 -21.19 0.61
N GLY E 199 11.59 -21.56 -0.05
CA GLY E 199 12.88 -20.93 0.10
C GLY E 199 12.85 -19.45 -0.21
N ASP E 200 12.15 -19.07 -1.31
CA ASP E 200 11.96 -17.69 -1.73
C ASP E 200 10.63 -17.52 -2.48
N PRO E 201 9.53 -17.25 -1.74
CA PRO E 201 8.22 -17.09 -2.39
C PRO E 201 8.11 -15.83 -3.25
N GLU E 202 8.86 -14.76 -2.90
CA GLU E 202 8.89 -13.49 -3.62
C GLU E 202 9.52 -13.72 -4.99
N ALA E 203 10.66 -14.45 -5.03
CA ALA E 203 11.41 -14.78 -6.24
C ALA E 203 10.62 -15.71 -7.14
N ALA E 204 9.86 -16.66 -6.54
CA ALA E 204 9.04 -17.62 -7.27
C ALA E 204 7.93 -16.91 -8.03
N ASP E 205 7.21 -15.99 -7.33
CA ASP E 205 6.12 -15.20 -7.91
C ASP E 205 6.64 -14.31 -9.05
N ILE E 206 7.89 -13.79 -8.94
CA ILE E 206 8.53 -12.96 -9.97
C ILE E 206 8.69 -13.77 -11.26
N ILE E 207 9.20 -15.01 -11.12
CA ILE E 207 9.45 -15.94 -12.23
C ILE E 207 8.17 -16.43 -12.90
N PHE E 208 7.18 -16.88 -12.10
CA PHE E 208 5.90 -17.35 -12.65
C PHE E 208 5.10 -16.27 -13.40
N THR E 209 5.46 -14.98 -13.18
CA THR E 209 4.82 -13.81 -13.77
C THR E 209 5.71 -13.15 -14.84
N CYS E 210 7.03 -13.45 -14.86
CA CYS E 210 8.01 -12.85 -15.81
C CYS E 210 7.68 -12.95 -17.31
N GLY E 211 6.92 -13.97 -17.70
CA GLY E 211 6.49 -14.16 -19.07
C GLY E 211 7.39 -14.98 -19.99
N ALA E 212 8.34 -15.71 -19.42
CA ALA E 212 9.27 -16.56 -20.16
C ALA E 212 8.63 -17.91 -20.50
N ASP E 213 9.30 -18.72 -21.34
CA ASP E 213 8.85 -20.08 -21.68
C ASP E 213 9.14 -20.91 -20.43
N ILE E 214 8.09 -21.17 -19.64
CA ILE E 214 8.26 -21.86 -18.38
C ILE E 214 7.58 -23.21 -18.35
N LEU E 215 8.31 -24.23 -17.84
CA LEU E 215 7.86 -25.59 -17.67
C LEU E 215 7.99 -25.92 -16.18
N VAL E 216 6.85 -26.07 -15.48
CA VAL E 216 6.84 -26.35 -14.04
C VAL E 216 6.63 -27.82 -13.74
N VAL E 217 7.59 -28.41 -13.02
CA VAL E 217 7.57 -29.81 -12.60
C VAL E 217 7.41 -29.76 -11.07
N GLY E 218 6.19 -29.97 -10.62
CA GLY E 218 5.85 -29.93 -9.20
C GLY E 218 5.97 -31.28 -8.53
N ILE E 219 5.93 -31.29 -7.17
CA ILE E 219 6.01 -32.53 -6.39
C ILE E 219 4.83 -33.47 -6.62
N ASN E 220 3.74 -32.94 -7.21
CA ASN E 220 2.55 -33.69 -7.61
C ASN E 220 2.94 -34.74 -8.67
N ILE E 221 3.96 -34.43 -9.49
CA ILE E 221 4.46 -35.35 -10.51
C ILE E 221 5.77 -36.07 -10.12
N THR E 222 6.62 -35.43 -9.29
CA THR E 222 7.90 -36.05 -8.86
C THR E 222 7.66 -37.17 -7.84
N HIS E 223 6.53 -37.12 -7.11
CA HIS E 223 6.17 -38.16 -6.14
C HIS E 223 5.73 -39.46 -6.83
N GLN E 224 5.51 -39.38 -8.15
CA GLN E 224 5.15 -40.51 -9.00
C GLN E 224 6.41 -41.21 -9.52
N VAL E 225 7.53 -40.46 -9.61
CA VAL E 225 8.83 -40.95 -10.08
C VAL E 225 9.70 -41.29 -8.85
N TYR E 226 9.86 -42.58 -8.56
CA TYR E 226 10.64 -43.06 -7.41
C TYR E 226 11.49 -44.29 -7.72
N TRP E 227 12.55 -44.50 -6.92
CA TRP E 227 13.47 -45.62 -7.04
C TRP E 227 13.46 -46.41 -5.75
N THR E 228 13.18 -47.72 -5.82
CA THR E 228 13.17 -48.61 -4.67
C THR E 228 14.60 -48.91 -4.20
N GLY E 229 14.72 -49.58 -3.05
CA GLY E 229 16.01 -49.99 -2.50
C GLY E 229 16.78 -50.86 -3.47
N LYS E 230 16.04 -51.71 -4.22
CA LYS E 230 16.57 -52.61 -5.26
C LYS E 230 17.09 -51.82 -6.46
N ASP E 231 16.42 -50.71 -6.83
CA ASP E 231 16.83 -49.83 -7.93
C ASP E 231 18.18 -49.19 -7.60
N LEU E 232 18.35 -48.77 -6.33
CA LEU E 232 19.57 -48.18 -5.77
C LEU E 232 20.67 -49.24 -5.73
N GLU E 233 20.31 -50.48 -5.32
CA GLU E 233 21.20 -51.63 -5.26
C GLU E 233 21.74 -51.95 -6.66
N ASP E 234 20.86 -51.88 -7.70
CA ASP E 234 21.20 -52.12 -9.11
C ASP E 234 22.20 -51.07 -9.60
N LEU E 235 22.06 -49.84 -9.11
CA LEU E 235 22.93 -48.70 -9.43
C LEU E 235 24.30 -48.87 -8.76
N GLY E 236 24.31 -49.47 -7.56
CA GLY E 236 25.53 -49.75 -6.80
C GLY E 236 26.32 -50.91 -7.36
N ARG E 237 25.61 -51.95 -7.83
CA ARG E 237 26.19 -53.15 -8.44
C ARG E 237 26.76 -52.88 -9.82
N SER E 238 26.19 -51.88 -10.55
CA SER E 238 26.58 -51.46 -11.90
C SER E 238 28.04 -51.03 -11.99
N ASP E 239 28.67 -51.24 -13.16
CA ASP E 239 30.07 -50.88 -13.41
C ASP E 239 30.20 -49.44 -13.95
N SER E 240 29.41 -48.51 -13.38
CA SER E 240 29.37 -47.09 -13.72
C SER E 240 29.95 -46.25 -12.58
N LYS E 241 30.86 -45.33 -12.93
CA LYS E 241 31.54 -44.40 -12.02
C LYS E 241 30.52 -43.57 -11.23
N PHE E 242 29.51 -43.04 -11.94
CA PHE E 242 28.44 -42.20 -11.40
C PHE E 242 27.45 -43.00 -10.57
N GLY E 243 27.00 -44.14 -11.11
CA GLY E 243 26.04 -45.02 -10.44
C GLY E 243 26.52 -45.48 -9.07
N LYS E 244 27.79 -45.89 -8.98
CA LYS E 244 28.44 -46.32 -7.74
C LYS E 244 28.55 -45.14 -6.76
N TYR E 245 28.90 -43.94 -7.27
CA TYR E 245 29.03 -42.70 -6.47
C TYR E 245 27.68 -42.32 -5.86
N LEU E 246 26.62 -42.26 -6.69
CA LEU E 246 25.27 -41.88 -6.29
C LEU E 246 24.69 -42.84 -5.27
N TYR E 247 25.03 -44.14 -5.37
CA TYR E 247 24.57 -45.17 -4.45
C TYR E 247 25.09 -44.88 -3.02
N ALA E 248 26.36 -44.45 -2.89
CA ALA E 248 27.02 -44.10 -1.63
C ALA E 248 26.34 -42.91 -0.95
N ALA E 249 26.02 -41.85 -1.72
CA ALA E 249 25.35 -40.65 -1.23
C ALA E 249 23.89 -40.92 -0.89
N SER E 250 23.25 -41.87 -1.62
CA SER E 250 21.85 -42.27 -1.49
C SER E 250 21.46 -42.83 -0.13
N HIS E 251 22.40 -43.51 0.57
CA HIS E 251 22.16 -44.13 1.88
C HIS E 251 21.49 -43.22 2.90
N PHE E 252 21.98 -41.97 3.06
CA PHE E 252 21.41 -40.98 3.98
C PHE E 252 20.04 -40.50 3.50
N TYR E 253 19.88 -40.28 2.18
CA TYR E 253 18.63 -39.84 1.53
C TYR E 253 17.55 -40.92 1.67
N ALA E 254 17.96 -42.21 1.62
CA ALA E 254 17.09 -43.38 1.75
C ALA E 254 16.56 -43.51 3.16
N THR E 255 17.43 -43.28 4.19
CA THR E 255 17.07 -43.34 5.60
C THR E 255 16.05 -42.26 5.96
N TYR E 256 16.11 -41.09 5.28
CA TYR E 256 15.18 -39.98 5.48
C TYR E 256 13.78 -40.37 5.01
N HIS E 257 13.66 -40.87 3.77
CA HIS E 257 12.39 -41.31 3.15
C HIS E 257 11.74 -42.43 3.95
N ARG E 258 12.56 -43.31 4.57
CA ARG E 258 12.13 -44.45 5.38
C ARG E 258 11.54 -44.01 6.73
N GLU E 259 11.95 -42.83 7.25
CA GLU E 259 11.45 -42.32 8.53
C GLU E 259 10.40 -41.20 8.38
N ALA E 260 10.46 -40.43 7.26
CA ALA E 260 9.52 -39.35 6.98
C ALA E 260 8.28 -39.82 6.24
N TYR E 261 8.46 -40.60 5.14
CA TYR E 261 7.36 -41.11 4.32
C TYR E 261 7.04 -42.59 4.60
N ASP E 262 7.95 -43.30 5.30
CA ASP E 262 7.89 -44.74 5.63
C ASP E 262 7.72 -45.60 4.37
N ILE E 263 8.71 -45.47 3.47
CA ILE E 263 8.78 -46.16 2.17
C ILE E 263 10.23 -46.63 1.90
N ASP E 264 10.39 -47.79 1.25
CA ASP E 264 11.70 -48.33 0.88
C ASP E 264 12.03 -47.85 -0.54
N ALA E 265 11.92 -46.52 -0.74
CA ALA E 265 12.14 -45.84 -2.02
C ALA E 265 12.46 -44.36 -1.83
N ILE E 266 13.15 -43.75 -2.81
CA ILE E 266 13.48 -42.32 -2.79
C ILE E 266 12.83 -41.60 -3.96
N TYR E 267 12.22 -40.43 -3.70
CA TYR E 267 11.57 -39.64 -4.74
C TYR E 267 12.64 -38.93 -5.56
N LEU E 268 12.60 -39.13 -6.87
CA LEU E 268 13.55 -38.54 -7.80
C LEU E 268 13.02 -37.17 -8.25
N HIS E 269 13.22 -36.15 -7.40
CA HIS E 269 12.74 -34.78 -7.65
C HIS E 269 13.51 -34.10 -8.77
N ASP E 270 14.76 -33.71 -8.48
CA ASP E 270 15.67 -33.04 -9.41
C ASP E 270 15.97 -33.85 -10.68
N PRO E 271 16.25 -35.19 -10.64
CA PRO E 271 16.52 -35.92 -11.89
C PRO E 271 15.34 -36.05 -12.85
N ALA E 272 14.08 -36.06 -12.33
CA ALA E 272 12.87 -36.13 -13.16
C ALA E 272 12.68 -34.84 -13.94
N THR E 273 13.10 -33.70 -13.34
CA THR E 273 13.05 -32.36 -13.94
C THR E 273 14.06 -32.31 -15.08
N MET E 274 15.22 -32.99 -14.92
CA MET E 274 16.27 -33.09 -15.94
C MET E 274 15.79 -33.90 -17.14
N VAL E 275 14.90 -34.89 -16.90
CA VAL E 275 14.31 -35.74 -17.94
C VAL E 275 13.44 -34.88 -18.87
N ALA E 276 12.70 -33.88 -18.31
CA ALA E 276 11.86 -32.95 -19.07
C ALA E 276 12.72 -32.13 -20.05
N ALA E 277 13.97 -31.83 -19.68
CA ALA E 277 14.92 -31.11 -20.53
C ALA E 277 15.39 -32.01 -21.67
N VAL E 278 15.61 -33.31 -21.37
CA VAL E 278 16.05 -34.35 -22.30
C VAL E 278 14.91 -34.68 -23.28
N ASP E 279 13.76 -35.16 -22.76
CA ASP E 279 12.59 -35.51 -23.55
C ASP E 279 11.31 -35.01 -22.85
N PRO E 280 10.74 -33.87 -23.31
CA PRO E 280 9.53 -33.34 -22.66
C PRO E 280 8.25 -34.12 -22.97
N SER E 281 8.29 -35.03 -23.98
CA SER E 281 7.17 -35.86 -24.38
C SER E 281 6.71 -36.83 -23.29
N LEU E 282 7.60 -37.13 -22.33
CA LEU E 282 7.33 -38.03 -21.21
C LEU E 282 6.38 -37.42 -20.16
N MET E 283 5.97 -36.16 -20.36
CA MET E 283 5.05 -35.44 -19.49
C MET E 283 3.93 -34.71 -20.26
N THR E 284 2.74 -34.60 -19.65
CA THR E 284 1.58 -33.89 -20.21
C THR E 284 1.50 -32.56 -19.47
N TYR E 285 1.32 -31.47 -20.21
CA TYR E 285 1.28 -30.15 -19.61
C TYR E 285 -0.06 -29.43 -19.76
N ALA E 286 -0.38 -28.58 -18.77
CA ALA E 286 -1.56 -27.72 -18.74
C ALA E 286 -1.08 -26.28 -18.75
N THR E 287 -1.63 -25.45 -19.64
CA THR E 287 -1.23 -24.05 -19.77
C THR E 287 -2.17 -23.18 -18.94
N GLY E 288 -1.59 -22.28 -18.16
CA GLY E 288 -2.30 -21.34 -17.31
C GLY E 288 -1.40 -20.51 -16.42
N ALA E 289 -2.00 -19.61 -15.61
CA ALA E 289 -1.29 -18.70 -14.71
C ALA E 289 -1.00 -19.32 -13.35
N VAL E 290 0.20 -19.05 -12.80
CA VAL E 290 0.65 -19.54 -11.50
C VAL E 290 1.01 -18.35 -10.61
N ARG E 291 0.46 -18.33 -9.39
CA ARG E 291 0.74 -17.30 -8.39
C ARG E 291 1.21 -17.96 -7.10
N VAL E 292 2.10 -17.27 -6.36
CA VAL E 292 2.67 -17.78 -5.12
C VAL E 292 2.28 -16.91 -3.92
N GLN E 293 1.76 -17.55 -2.86
CA GLN E 293 1.40 -16.87 -1.61
C GLN E 293 2.71 -16.58 -0.85
N LYS E 294 3.02 -15.29 -0.60
CA LYS E 294 4.28 -14.92 0.06
C LYS E 294 4.29 -14.89 1.59
N ASP E 295 3.11 -14.72 2.22
CA ASP E 295 2.99 -14.64 3.68
C ASP E 295 2.19 -15.83 4.21
N GLY E 296 2.66 -16.41 5.33
CA GLY E 296 2.07 -17.59 5.98
C GLY E 296 0.64 -17.39 6.43
N ILE E 297 -0.11 -18.44 6.85
CA ILE E 297 0.16 -19.87 7.04
C ILE E 297 0.61 -20.59 5.75
N CYS E 298 -0.01 -20.22 4.62
CA CYS E 298 0.25 -20.83 3.32
C CYS E 298 1.40 -20.20 2.51
N LYS E 299 2.45 -19.73 3.22
CA LYS E 299 3.64 -19.15 2.58
C LYS E 299 4.26 -20.23 1.69
N GLY E 300 4.56 -19.85 0.45
CA GLY E 300 5.16 -20.73 -0.55
C GLY E 300 4.20 -21.62 -1.32
N LEU E 301 2.88 -21.40 -1.20
CA LEU E 301 1.88 -22.19 -1.91
C LEU E 301 1.82 -21.74 -3.37
N THR E 302 1.85 -22.71 -4.28
CA THR E 302 1.75 -22.45 -5.73
C THR E 302 0.32 -22.74 -6.18
N LEU E 303 -0.36 -21.72 -6.72
CA LEU E 303 -1.72 -21.91 -7.21
C LEU E 303 -1.83 -21.69 -8.70
N PHE E 304 -2.29 -22.74 -9.40
CA PHE E 304 -2.45 -22.77 -10.84
C PHE E 304 -3.89 -22.55 -11.27
N ASN E 305 -4.10 -21.67 -12.24
CA ASN E 305 -5.40 -21.37 -12.82
C ASN E 305 -5.44 -21.91 -14.26
N ASN E 306 -6.19 -23.03 -14.46
CA ASN E 306 -6.34 -23.76 -15.72
C ASN E 306 -6.45 -23.03 -17.09
N SER E 307 -6.59 -21.67 -17.07
CA SER E 307 -6.69 -20.73 -18.21
C SER E 307 -8.03 -20.71 -18.95
N ASN E 308 -8.64 -21.89 -19.18
CA ASN E 308 -9.95 -22.02 -19.81
C ASN E 308 -11.09 -21.57 -18.85
N LYS E 309 -10.73 -20.79 -17.81
CA LYS E 309 -11.65 -20.25 -16.81
C LYS E 309 -12.08 -18.81 -17.12
N VAL E 310 -13.40 -18.61 -17.29
CA VAL E 310 -14.02 -17.31 -17.55
C VAL E 310 -14.27 -16.65 -16.19
N TRP E 311 -13.64 -15.47 -15.97
CA TRP E 311 -13.77 -14.77 -14.70
C TRP E 311 -14.47 -13.43 -14.87
N HIS E 312 -15.78 -13.40 -14.58
CA HIS E 312 -16.54 -12.15 -14.66
C HIS E 312 -16.23 -11.36 -13.40
N ASP E 313 -15.16 -10.54 -13.50
CA ASP E 313 -14.49 -9.67 -12.53
C ASP E 313 -13.06 -10.15 -12.37
N PRO E 314 -12.06 -9.30 -12.69
CA PRO E 314 -10.66 -9.76 -12.67
C PRO E 314 -10.13 -10.28 -11.35
N THR E 315 -9.31 -11.34 -11.43
CA THR E 315 -8.66 -12.01 -10.30
C THR E 315 -7.15 -11.73 -10.36
N ASP E 316 -6.39 -12.18 -9.35
CA ASP E 316 -4.94 -12.01 -9.31
C ASP E 316 -4.20 -12.95 -10.28
N TRP E 317 -4.97 -13.77 -11.02
CA TRP E 317 -4.48 -14.71 -12.03
C TRP E 317 -4.82 -14.19 -13.43
N CYS E 318 -5.69 -13.17 -13.51
CA CYS E 318 -6.12 -12.52 -14.76
C CYS E 318 -5.03 -11.60 -15.26
N GLY E 319 -4.71 -11.72 -16.54
CA GLY E 319 -3.69 -10.91 -17.19
C GLY E 319 -2.26 -11.31 -16.87
N ILE E 320 -2.08 -12.50 -16.27
CA ILE E 320 -0.78 -13.05 -15.89
C ILE E 320 -0.32 -13.98 -17.02
N PRO E 321 0.96 -13.85 -17.50
CA PRO E 321 1.43 -14.72 -18.59
C PRO E 321 1.31 -16.22 -18.27
N PRO E 322 0.72 -17.02 -19.19
CA PRO E 322 0.55 -18.45 -18.90
C PRO E 322 1.86 -19.25 -18.94
N VAL E 323 1.92 -20.33 -18.15
CA VAL E 323 3.07 -21.23 -18.06
C VAL E 323 2.61 -22.68 -18.22
N LYS E 324 3.51 -23.57 -18.66
CA LYS E 324 3.19 -24.99 -18.83
C LYS E 324 3.46 -25.71 -17.51
N VAL E 325 2.42 -26.36 -16.95
CA VAL E 325 2.53 -27.08 -15.68
C VAL E 325 2.33 -28.58 -15.94
N ALA E 326 3.32 -29.41 -15.55
CA ALA E 326 3.27 -30.86 -15.72
C ALA E 326 2.14 -31.47 -14.90
N VAL E 327 1.25 -32.21 -15.58
CA VAL E 327 0.08 -32.86 -14.99
C VAL E 327 0.27 -34.37 -14.83
N THR E 328 0.73 -35.05 -15.91
CA THR E 328 0.97 -36.51 -15.86
C THR E 328 2.38 -36.88 -16.32
N VAL E 329 2.90 -37.99 -15.78
CA VAL E 329 4.23 -38.55 -16.07
C VAL E 329 4.13 -39.98 -16.60
N ASP E 330 5.15 -40.41 -17.35
CA ASP E 330 5.30 -41.78 -17.83
C ASP E 330 6.35 -42.38 -16.89
N ARG E 331 5.99 -42.50 -15.58
CA ARG E 331 6.84 -42.97 -14.48
C ARG E 331 7.80 -44.12 -14.81
N GLU E 332 7.34 -45.09 -15.62
CA GLU E 332 8.14 -46.24 -16.05
C GLU E 332 9.28 -45.79 -16.96
N ARG E 333 8.97 -44.98 -18.00
CA ARG E 333 9.94 -44.48 -18.96
C ARG E 333 10.92 -43.46 -18.37
N VAL E 334 10.48 -42.68 -17.35
CA VAL E 334 11.32 -41.68 -16.68
C VAL E 334 12.37 -42.40 -15.83
N ALA E 335 11.93 -43.37 -15.00
CA ALA E 335 12.79 -44.16 -14.12
C ALA E 335 13.70 -45.11 -14.89
N SER E 336 13.30 -45.54 -16.11
CA SER E 336 14.13 -46.43 -16.94
C SER E 336 15.27 -45.66 -17.59
N LEU E 337 14.99 -44.41 -18.05
CA LEU E 337 15.98 -43.50 -18.65
C LEU E 337 16.98 -43.06 -17.59
N LEU E 338 16.50 -42.77 -16.36
CA LEU E 338 17.33 -42.44 -15.21
C LEU E 338 17.73 -43.79 -14.62
N LYS E 339 18.61 -44.53 -15.31
CA LYS E 339 19.11 -45.84 -14.91
C LYS E 339 19.97 -46.34 -16.03
N GLU E 340 19.40 -46.46 -17.26
CA GLU E 340 20.17 -46.87 -18.44
C GLU E 340 21.33 -45.92 -18.72
N ARG E 341 21.17 -44.63 -18.31
CA ARG E 341 22.16 -43.57 -18.45
C ARG E 341 23.15 -43.59 -17.28
N LEU E 342 22.65 -43.85 -16.05
CA LEU E 342 23.46 -43.86 -14.83
C LEU E 342 24.11 -45.22 -14.51
N THR E 343 23.79 -46.28 -15.29
CA THR E 343 24.30 -47.65 -15.16
C THR E 343 25.33 -47.93 -16.27
N ALA E 344 25.21 -47.25 -17.42
CA ALA E 344 26.09 -47.38 -18.58
C ALA E 344 27.56 -47.04 -18.25
N PRO E 345 28.53 -47.92 -18.65
CA PRO E 345 29.93 -47.63 -18.34
C PRO E 345 30.61 -46.79 -19.42
N PRO F 28 -32.97 -42.11 17.49
CA PRO F 28 -33.43 -41.43 16.27
C PRO F 28 -34.76 -40.66 16.48
N PRO F 29 -35.01 -39.51 15.80
CA PRO F 29 -34.16 -38.80 14.82
C PRO F 29 -33.13 -37.87 15.46
N LYS F 30 -32.15 -37.39 14.68
CA LYS F 30 -31.13 -36.49 15.18
C LYS F 30 -31.52 -35.02 15.14
N LYS F 31 -31.21 -34.30 16.23
CA LYS F 31 -31.48 -32.86 16.40
C LYS F 31 -30.53 -32.07 15.51
N VAL F 32 -31.07 -31.13 14.73
CA VAL F 32 -30.29 -30.33 13.78
C VAL F 32 -30.58 -28.82 13.87
N ILE F 33 -29.50 -28.00 13.92
CA ILE F 33 -29.52 -26.53 13.88
C ILE F 33 -28.86 -26.16 12.56
N ILE F 34 -29.50 -25.30 11.75
CA ILE F 34 -28.93 -24.93 10.45
C ILE F 34 -28.53 -23.47 10.31
N ASP F 35 -27.19 -23.22 10.24
CA ASP F 35 -26.61 -21.88 10.07
C ASP F 35 -26.70 -21.55 8.58
N THR F 36 -27.67 -20.70 8.21
CA THR F 36 -27.97 -20.40 6.81
C THR F 36 -28.02 -18.92 6.39
N ASP F 37 -27.85 -18.69 5.08
CA ASP F 37 -27.92 -17.39 4.38
C ASP F 37 -28.87 -17.59 3.16
N PRO F 38 -30.21 -17.78 3.37
CA PRO F 38 -31.10 -18.06 2.23
C PRO F 38 -31.32 -16.92 1.23
N GLY F 39 -30.93 -17.10 -0.05
CA GLY F 39 -30.27 -18.29 -0.58
C GLY F 39 -31.21 -19.31 -1.20
N ILE F 40 -31.13 -19.49 -2.53
CA ILE F 40 -31.93 -20.45 -3.30
C ILE F 40 -31.51 -21.88 -2.95
N ASP F 41 -30.19 -22.16 -2.99
CA ASP F 41 -29.61 -23.46 -2.65
C ASP F 41 -29.80 -23.77 -1.16
N ASP F 42 -29.80 -22.72 -0.32
CA ASP F 42 -30.03 -22.81 1.12
C ASP F 42 -31.47 -23.23 1.38
N ALA F 43 -32.43 -22.63 0.64
CA ALA F 43 -33.86 -22.93 0.71
C ALA F 43 -34.12 -24.40 0.36
N MET F 44 -33.40 -24.92 -0.66
CA MET F 44 -33.44 -26.31 -1.11
C MET F 44 -33.06 -27.25 0.02
N ALA F 45 -31.94 -26.93 0.72
CA ALA F 45 -31.40 -27.70 1.85
C ALA F 45 -32.36 -27.66 3.04
N ILE F 46 -32.92 -26.46 3.34
CA ILE F 46 -33.88 -26.25 4.44
C ILE F 46 -35.10 -27.16 4.21
N PHE F 47 -35.71 -27.07 2.99
CA PHE F 47 -36.86 -27.86 2.57
C PHE F 47 -36.60 -29.37 2.62
N PHE F 48 -35.43 -29.80 2.14
CA PHE F 48 -35.03 -31.21 2.13
C PHE F 48 -34.90 -31.75 3.57
N ALA F 49 -34.35 -30.94 4.49
CA ALA F 49 -34.19 -31.29 5.90
C ALA F 49 -35.55 -31.45 6.56
N LEU F 50 -36.52 -30.60 6.16
CA LEU F 50 -37.90 -30.61 6.66
C LEU F 50 -38.70 -31.78 6.09
N LYS F 51 -38.23 -32.36 4.97
CA LYS F 51 -38.85 -33.51 4.31
C LYS F 51 -38.15 -34.84 4.68
N SER F 52 -37.04 -34.77 5.44
CA SER F 52 -36.27 -35.94 5.87
C SER F 52 -36.65 -36.36 7.30
N PRO F 53 -37.34 -37.52 7.48
CA PRO F 53 -37.73 -37.95 8.84
C PRO F 53 -36.60 -38.27 9.82
N GLU F 54 -35.39 -38.57 9.30
CA GLU F 54 -34.21 -38.88 10.12
C GLU F 54 -33.59 -37.66 10.81
N LEU F 55 -34.05 -36.45 10.44
CA LEU F 55 -33.59 -35.20 11.05
C LEU F 55 -34.75 -34.50 11.73
N ASP F 56 -34.45 -33.84 12.86
CA ASP F 56 -35.40 -33.04 13.61
C ASP F 56 -34.82 -31.62 13.66
N VAL F 57 -35.37 -30.72 12.82
CA VAL F 57 -34.91 -29.34 12.74
C VAL F 57 -35.37 -28.59 14.00
N ILE F 58 -34.49 -28.55 15.00
CA ILE F 58 -34.76 -27.91 16.29
C ILE F 58 -34.76 -26.38 16.20
N ALA F 59 -33.95 -25.79 15.30
CA ALA F 59 -33.83 -24.33 15.07
C ALA F 59 -33.05 -23.97 13.81
N LEU F 60 -33.15 -22.71 13.38
CA LEU F 60 -32.34 -22.17 12.31
C LEU F 60 -31.70 -20.83 12.64
N THR F 61 -30.39 -20.72 12.39
CA THR F 61 -29.64 -19.51 12.69
C THR F 61 -29.21 -18.79 11.42
N THR F 62 -29.45 -17.47 11.37
CA THR F 62 -29.12 -16.70 10.17
C THR F 62 -27.76 -16.04 10.20
N ILE F 63 -27.18 -15.87 9.01
CA ILE F 63 -25.86 -15.26 8.78
C ILE F 63 -25.85 -14.57 7.40
N TYR F 64 -24.86 -13.70 7.16
CA TYR F 64 -24.63 -13.00 5.90
C TYR F 64 -24.06 -13.98 4.86
N GLY F 65 -23.76 -13.49 3.65
CA GLY F 65 -23.20 -14.31 2.59
C GLY F 65 -23.85 -14.04 1.25
N ASN F 66 -24.89 -14.82 0.93
CA ASN F 66 -25.68 -14.65 -0.30
C ASN F 66 -26.49 -13.35 -0.16
N VAL F 67 -27.02 -13.12 1.06
CA VAL F 67 -27.81 -11.95 1.44
C VAL F 67 -27.29 -11.36 2.76
N ARG F 68 -27.74 -10.13 3.09
CA ARG F 68 -27.40 -9.45 4.34
C ARG F 68 -28.11 -10.21 5.47
N THR F 69 -27.52 -10.23 6.68
CA THR F 69 -28.11 -10.92 7.84
C THR F 69 -29.61 -10.61 8.07
N PRO F 70 -30.08 -9.33 8.02
CA PRO F 70 -31.53 -9.10 8.19
C PRO F 70 -32.38 -9.73 7.10
N THR F 71 -31.89 -9.72 5.83
CA THR F 71 -32.56 -10.33 4.67
C THR F 71 -32.67 -11.84 4.85
N ALA F 72 -31.57 -12.48 5.33
CA ALA F 72 -31.49 -13.91 5.61
C ALA F 72 -32.55 -14.33 6.62
N THR F 73 -32.74 -13.51 7.69
CA THR F 73 -33.73 -13.74 8.75
C THR F 73 -35.15 -13.71 8.19
N VAL F 74 -35.46 -12.67 7.40
CA VAL F 74 -36.74 -12.44 6.73
C VAL F 74 -37.10 -13.67 5.86
N ASN F 75 -36.12 -14.10 5.03
CA ASN F 75 -36.25 -15.24 4.13
C ASN F 75 -36.43 -16.56 4.89
N ALA F 76 -35.62 -16.80 5.97
CA ALA F 76 -35.69 -18.00 6.79
C ALA F 76 -37.03 -18.13 7.51
N LEU F 77 -37.57 -16.99 8.01
CA LEU F 77 -38.88 -16.93 8.67
C LEU F 77 -39.96 -17.28 7.65
N HIS F 78 -39.85 -16.72 6.43
CA HIS F 78 -40.77 -16.95 5.31
C HIS F 78 -40.78 -18.42 4.86
N LEU F 79 -39.60 -19.04 4.72
CA LEU F 79 -39.46 -20.43 4.28
C LEU F 79 -40.11 -21.40 5.25
N LEU F 80 -39.97 -21.14 6.57
CA LEU F 80 -40.58 -21.96 7.61
C LEU F 80 -42.11 -21.80 7.65
N GLU F 81 -42.61 -20.60 7.29
CA GLU F 81 -44.03 -20.30 7.20
C GLU F 81 -44.65 -21.11 6.06
N PHE F 82 -43.96 -21.12 4.90
CA PHE F 82 -44.34 -21.86 3.69
C PHE F 82 -44.34 -23.37 3.97
N ALA F 83 -43.32 -23.84 4.71
CA ALA F 83 -43.17 -25.24 5.09
C ALA F 83 -44.21 -25.67 6.13
N GLY F 84 -44.82 -24.70 6.81
CA GLY F 84 -45.83 -24.91 7.84
C GLY F 84 -45.22 -25.04 9.22
N ARG F 85 -43.92 -25.40 9.27
CA ARG F 85 -43.16 -25.58 10.50
C ARG F 85 -42.82 -24.23 11.14
N GLU F 86 -43.86 -23.52 11.60
CA GLU F 86 -43.77 -22.21 12.26
C GLU F 86 -43.26 -22.33 13.70
N ASP F 87 -43.28 -23.56 14.25
CA ASP F 87 -42.80 -23.93 15.58
C ASP F 87 -41.29 -23.73 15.70
N ILE F 88 -40.56 -23.87 14.58
CA ILE F 88 -39.10 -23.74 14.51
C ILE F 88 -38.66 -22.29 14.73
N PRO F 89 -37.83 -22.04 15.78
CA PRO F 89 -37.34 -20.67 16.02
C PRO F 89 -36.26 -20.24 15.03
N VAL F 90 -36.21 -18.92 14.75
CA VAL F 90 -35.20 -18.32 13.86
C VAL F 90 -34.35 -17.39 14.75
N SER F 91 -33.05 -17.67 14.86
CA SER F 91 -32.15 -16.86 15.69
C SER F 91 -31.17 -16.08 14.82
N GLU F 92 -31.28 -14.72 14.83
CA GLU F 92 -30.41 -13.87 14.01
C GLU F 92 -28.99 -13.84 14.56
N GLY F 93 -28.02 -13.92 13.65
CA GLY F 93 -26.60 -13.91 13.97
C GLY F 93 -25.86 -12.66 13.55
N PHE F 94 -24.55 -12.81 13.33
CA PHE F 94 -23.63 -11.74 12.96
C PHE F 94 -24.00 -11.04 11.67
N ARG F 95 -24.00 -9.69 11.71
CA ARG F 95 -24.30 -8.80 10.58
C ARG F 95 -23.00 -8.41 9.87
N THR F 96 -21.86 -8.65 10.54
CA THR F 96 -20.49 -8.38 10.08
C THR F 96 -19.65 -9.63 10.27
N SER F 97 -18.38 -9.61 9.82
CA SER F 97 -17.46 -10.73 10.05
C SER F 97 -17.11 -10.75 11.56
N LEU F 98 -16.41 -11.80 12.03
CA LEU F 98 -16.03 -11.94 13.44
C LEU F 98 -15.24 -10.73 13.94
N ARG F 99 -14.32 -10.20 13.09
CA ARG F 99 -13.52 -9.04 13.44
C ARG F 99 -14.10 -7.70 12.94
N GLY F 100 -15.43 -7.63 12.92
CA GLY F 100 -16.21 -6.46 12.55
C GLY F 100 -16.09 -5.95 11.12
N GLU F 101 -15.71 -6.81 10.17
CA GLU F 101 -15.63 -6.40 8.76
C GLU F 101 -17.06 -6.31 8.23
N LEU F 102 -17.50 -5.10 7.85
CA LEU F 102 -18.85 -4.81 7.38
C LEU F 102 -19.32 -5.64 6.20
N LYS F 103 -20.45 -6.32 6.36
CA LYS F 103 -21.02 -7.19 5.34
C LYS F 103 -22.28 -6.62 4.67
N GLU F 104 -22.38 -5.27 4.66
CA GLU F 104 -23.46 -4.53 4.02
C GLU F 104 -23.00 -4.33 2.58
N ARG F 105 -23.95 -4.21 1.63
CA ARG F 105 -23.69 -4.05 0.19
C ARG F 105 -23.00 -5.29 -0.39
N ILE F 106 -23.78 -6.33 -0.74
CA ILE F 106 -23.28 -7.60 -1.27
C ILE F 106 -23.97 -8.07 -2.56
N ALA F 107 -23.17 -8.68 -3.47
CA ALA F 107 -23.54 -9.21 -4.80
C ALA F 107 -24.87 -9.94 -4.89
N ASP F 108 -25.69 -9.55 -5.89
CA ASP F 108 -27.03 -10.13 -6.13
C ASP F 108 -27.13 -10.88 -7.48
N PHE F 109 -26.01 -11.05 -8.20
CA PHE F 109 -26.00 -11.73 -9.50
C PHE F 109 -26.24 -13.25 -9.42
N VAL F 110 -26.13 -13.83 -8.21
CA VAL F 110 -26.30 -15.27 -8.00
C VAL F 110 -27.68 -15.65 -7.40
N HIS F 111 -28.14 -14.92 -6.37
CA HIS F 111 -29.42 -15.21 -5.68
C HIS F 111 -30.55 -14.17 -5.85
N GLY F 112 -30.25 -13.05 -6.50
CA GLY F 112 -31.22 -11.99 -6.74
C GLY F 112 -31.21 -10.92 -5.66
N ALA F 113 -32.00 -9.85 -5.87
CA ALA F 113 -32.14 -8.74 -4.93
C ALA F 113 -32.78 -9.20 -3.61
N ASP F 114 -33.87 -9.99 -3.70
CA ASP F 114 -34.60 -10.53 -2.54
C ASP F 114 -33.84 -11.69 -1.87
N GLY F 115 -32.97 -12.35 -2.63
CA GLY F 115 -32.19 -13.49 -2.17
C GLY F 115 -32.84 -14.82 -2.46
N LEU F 116 -34.06 -14.78 -3.02
CA LEU F 116 -34.84 -15.97 -3.38
C LEU F 116 -35.16 -15.99 -4.89
N GLY F 117 -34.14 -15.72 -5.71
CA GLY F 117 -34.20 -15.71 -7.16
C GLY F 117 -35.18 -14.73 -7.80
N ASN F 118 -35.31 -13.53 -7.19
CA ASN F 118 -36.20 -12.44 -7.62
C ASN F 118 -37.68 -12.84 -7.75
N THR F 119 -38.14 -13.74 -6.86
CA THR F 119 -39.53 -14.20 -6.81
C THR F 119 -40.39 -13.22 -6.02
N TYR F 120 -39.74 -12.43 -5.13
CA TYR F 120 -40.34 -11.41 -4.26
C TYR F 120 -41.55 -11.96 -3.49
N PRO F 121 -41.34 -12.79 -2.44
CA PRO F 121 -42.49 -13.35 -1.72
C PRO F 121 -43.23 -12.35 -0.83
N THR F 122 -44.51 -12.65 -0.54
CA THR F 122 -45.36 -11.81 0.30
C THR F 122 -45.12 -12.07 1.79
N LEU F 123 -43.92 -11.66 2.26
CA LEU F 123 -43.44 -11.81 3.64
C LEU F 123 -44.27 -11.06 4.62
N SER F 124 -44.38 -11.68 5.81
CA SER F 124 -45.20 -11.39 6.97
C SER F 124 -44.57 -10.51 8.05
N ASP F 125 -45.17 -10.53 9.26
CA ASP F 125 -44.77 -9.77 10.45
C ASP F 125 -44.01 -10.62 11.49
N ARG F 126 -43.83 -11.93 11.21
CA ARG F 126 -43.12 -12.89 12.08
C ARG F 126 -41.70 -12.40 12.33
N LYS F 127 -41.27 -12.44 13.61
CA LYS F 127 -39.96 -11.91 14.03
C LYS F 127 -39.03 -12.98 14.63
N PRO F 128 -37.68 -12.78 14.57
CA PRO F 128 -36.76 -13.77 15.17
C PRO F 128 -36.85 -13.88 16.69
N ILE F 129 -36.39 -15.00 17.26
CA ILE F 129 -36.46 -15.32 18.70
C ILE F 129 -35.60 -14.46 19.68
N ASP F 130 -35.34 -13.18 19.34
CA ASP F 130 -34.61 -12.18 20.15
C ASP F 130 -33.23 -12.56 20.74
N THR F 131 -32.91 -13.87 20.84
CA THR F 131 -31.64 -14.40 21.35
C THR F 131 -30.65 -14.39 20.18
N PHE F 132 -29.40 -13.98 20.43
CA PHE F 132 -28.36 -13.93 19.40
C PHE F 132 -27.91 -15.35 19.05
N ALA F 133 -27.73 -15.64 17.74
CA ALA F 133 -27.33 -16.96 17.23
C ALA F 133 -26.18 -17.65 17.97
N PRO F 134 -24.98 -17.02 18.21
CA PRO F 134 -23.92 -17.73 18.96
C PRO F 134 -24.33 -18.06 20.39
N ASP F 135 -25.03 -17.12 21.05
CA ASP F 135 -25.53 -17.26 22.42
C ASP F 135 -26.55 -18.41 22.48
N TYR F 136 -27.44 -18.49 21.47
CA TYR F 136 -28.46 -19.53 21.33
C TYR F 136 -27.81 -20.89 21.05
N LEU F 137 -26.74 -20.91 20.24
CA LEU F 137 -25.99 -22.12 19.88
C LEU F 137 -25.39 -22.77 21.12
N ILE F 138 -24.78 -21.95 22.02
CA ILE F 138 -24.20 -22.42 23.28
C ILE F 138 -25.33 -22.94 24.19
N GLN F 139 -26.45 -22.20 24.29
CA GLN F 139 -27.62 -22.54 25.08
C GLN F 139 -28.19 -23.92 24.72
N LYS F 140 -28.46 -24.15 23.43
CA LYS F 140 -29.02 -25.41 22.92
C LYS F 140 -28.07 -26.60 22.99
N VAL F 141 -26.74 -26.35 22.90
CA VAL F 141 -25.77 -27.43 22.99
C VAL F 141 -25.53 -27.91 24.43
N ASN F 142 -25.68 -27.01 25.42
CA ASN F 142 -25.54 -27.35 26.83
C ASN F 142 -26.79 -28.13 27.25
N GLU F 143 -27.95 -27.74 26.67
CA GLU F 143 -29.26 -28.36 26.86
C GLU F 143 -29.25 -29.82 26.38
N PHE F 144 -28.62 -30.09 25.22
CA PHE F 144 -28.51 -31.42 24.64
C PHE F 144 -27.05 -31.71 24.22
N PRO F 145 -26.18 -32.11 25.19
CA PRO F 145 -24.77 -32.37 24.83
C PRO F 145 -24.58 -33.63 24.01
N GLY F 146 -23.85 -33.49 22.89
CA GLY F 146 -23.55 -34.57 21.95
C GLY F 146 -24.73 -35.06 21.14
N GLU F 147 -25.82 -34.27 21.09
CA GLU F 147 -27.04 -34.60 20.37
C GLU F 147 -27.25 -33.69 19.15
N ILE F 148 -26.93 -32.39 19.31
CA ILE F 148 -27.09 -31.35 18.30
C ILE F 148 -26.06 -31.48 17.17
N THR F 149 -26.54 -31.46 15.92
CA THR F 149 -25.71 -31.52 14.71
C THR F 149 -25.89 -30.17 13.99
N ILE F 150 -24.84 -29.33 13.98
CA ILE F 150 -24.94 -28.03 13.32
C ILE F 150 -24.51 -28.13 11.85
N VAL F 151 -25.44 -27.81 10.94
CA VAL F 151 -25.16 -27.81 9.51
C VAL F 151 -24.90 -26.37 9.07
N ALA F 152 -23.61 -26.03 8.87
CA ALA F 152 -23.19 -24.70 8.45
C ALA F 152 -23.26 -24.56 6.94
N LEU F 153 -24.26 -23.81 6.46
CA LEU F 153 -24.54 -23.58 5.04
C LEU F 153 -24.10 -22.17 4.58
N GLY F 154 -23.45 -21.45 5.50
CA GLY F 154 -22.92 -20.11 5.25
C GLY F 154 -21.61 -19.89 5.99
N PRO F 155 -21.08 -18.63 6.03
CA PRO F 155 -19.83 -18.37 6.76
C PRO F 155 -19.87 -18.81 8.23
N LEU F 156 -18.75 -19.35 8.73
CA LEU F 156 -18.63 -19.91 10.09
C LEU F 156 -18.56 -18.91 11.25
N THR F 157 -18.91 -17.63 11.01
CA THR F 157 -18.89 -16.53 11.98
C THR F 157 -19.66 -16.82 13.28
N ASN F 158 -20.92 -17.28 13.16
CA ASN F 158 -21.78 -17.58 14.30
C ASN F 158 -21.21 -18.69 15.17
N LEU F 159 -20.66 -19.72 14.52
CA LEU F 159 -20.06 -20.87 15.19
C LEU F 159 -18.75 -20.53 15.88
N ALA F 160 -17.89 -19.70 15.22
CA ALA F 160 -16.60 -19.28 15.76
C ALA F 160 -16.76 -18.40 16.99
N ALA F 161 -17.80 -17.54 16.99
CA ALA F 161 -18.13 -16.65 18.10
C ALA F 161 -18.52 -17.49 19.32
N ALA F 162 -19.27 -18.59 19.09
CA ALA F 162 -19.71 -19.53 20.12
C ALA F 162 -18.51 -20.27 20.72
N VAL F 163 -17.52 -20.61 19.88
CA VAL F 163 -16.28 -21.29 20.26
C VAL F 163 -15.40 -20.34 21.10
N GLU F 164 -15.27 -19.07 20.64
CA GLU F 164 -14.49 -18.04 21.33
C GLU F 164 -15.10 -17.68 22.67
N CYS F 165 -16.45 -17.70 22.76
CA CYS F 165 -17.21 -17.39 23.97
C CYS F 165 -17.08 -18.52 25.00
N ASP F 166 -17.55 -19.73 24.65
CA ASP F 166 -17.49 -20.91 25.50
C ASP F 166 -16.47 -21.91 24.94
N PRO F 167 -15.33 -22.16 25.65
CA PRO F 167 -14.33 -23.11 25.13
C PRO F 167 -14.78 -24.58 25.15
N THR F 168 -15.80 -24.90 25.96
CA THR F 168 -16.35 -26.26 26.08
C THR F 168 -17.41 -26.60 25.02
N PHE F 169 -17.78 -25.61 24.18
CA PHE F 169 -18.76 -25.71 23.09
C PHE F 169 -18.37 -26.79 22.08
N ALA F 170 -17.09 -26.77 21.62
CA ALA F 170 -16.54 -27.71 20.63
C ALA F 170 -16.71 -29.17 21.02
N LYS F 171 -16.44 -29.52 22.28
CA LYS F 171 -16.58 -30.90 22.74
C LYS F 171 -18.03 -31.27 23.08
N LYS F 172 -18.90 -30.26 23.26
CA LYS F 172 -20.32 -30.45 23.57
C LYS F 172 -21.18 -30.68 22.32
N VAL F 173 -20.77 -30.16 21.15
CA VAL F 173 -21.50 -30.36 19.89
C VAL F 173 -21.40 -31.80 19.40
N GLY F 174 -22.53 -32.33 18.90
CA GLY F 174 -22.59 -33.68 18.36
C GLY F 174 -21.72 -33.82 17.14
N GLN F 175 -21.95 -32.94 16.14
CA GLN F 175 -21.19 -32.88 14.89
C GLN F 175 -21.43 -31.54 14.18
N ILE F 176 -20.43 -31.06 13.45
CA ILE F 176 -20.52 -29.83 12.65
C ILE F 176 -20.30 -30.21 11.19
N ILE F 177 -21.34 -30.09 10.37
CA ILE F 177 -21.25 -30.38 8.94
C ILE F 177 -21.12 -29.05 8.21
N ILE F 178 -19.94 -28.81 7.63
CA ILE F 178 -19.63 -27.55 6.96
C ILE F 178 -19.64 -27.63 5.45
N LEU F 179 -20.39 -26.71 4.82
CA LEU F 179 -20.35 -26.53 3.38
C LEU F 179 -19.35 -25.38 3.23
N GLY F 180 -18.19 -25.71 2.68
CA GLY F 180 -17.14 -24.72 2.50
C GLY F 180 -15.81 -25.32 2.15
N GLY F 181 -14.99 -24.51 1.48
CA GLY F 181 -13.65 -24.88 1.07
C GLY F 181 -13.55 -25.50 -0.31
N ALA F 182 -12.34 -25.49 -0.85
CA ALA F 182 -11.97 -26.06 -2.13
C ALA F 182 -10.70 -26.86 -1.83
N PHE F 183 -10.86 -28.18 -1.68
CA PHE F 183 -9.77 -29.07 -1.32
C PHE F 183 -9.11 -29.67 -2.54
N GLN F 184 -7.89 -29.16 -2.82
CA GLN F 184 -7.05 -29.53 -3.97
C GLN F 184 -7.81 -29.36 -5.31
N VAL F 185 -8.52 -28.23 -5.41
CA VAL F 185 -9.33 -27.79 -6.55
C VAL F 185 -9.43 -26.24 -6.48
N ASN F 186 -9.72 -25.58 -7.62
CA ASN F 186 -9.87 -24.13 -7.66
C ASN F 186 -11.15 -23.68 -6.95
N GLY F 187 -11.13 -22.46 -6.41
CA GLY F 187 -12.27 -21.88 -5.70
C GLY F 187 -13.33 -21.31 -6.62
N ASN F 188 -14.47 -20.89 -6.06
CA ASN F 188 -15.59 -20.31 -6.82
C ASN F 188 -15.66 -18.78 -6.77
N VAL F 189 -15.13 -18.15 -5.69
CA VAL F 189 -15.09 -16.70 -5.53
C VAL F 189 -13.94 -16.16 -6.40
N ASN F 190 -12.75 -16.74 -6.20
CA ASN F 190 -11.51 -16.46 -6.91
C ASN F 190 -10.83 -17.82 -7.10
N PRO F 191 -9.76 -17.97 -7.94
CA PRO F 191 -9.15 -19.30 -8.13
C PRO F 191 -8.70 -20.02 -6.86
N ALA F 192 -8.48 -19.29 -5.77
CA ALA F 192 -8.00 -19.88 -4.52
C ALA F 192 -9.06 -20.21 -3.48
N ALA F 193 -10.11 -19.36 -3.35
CA ALA F 193 -11.12 -19.53 -2.30
C ALA F 193 -12.56 -19.79 -2.68
N GLU F 194 -13.26 -20.49 -1.77
CA GLU F 194 -14.68 -20.82 -1.80
C GLU F 194 -15.43 -19.73 -1.00
N ALA F 195 -16.62 -19.34 -1.49
CA ALA F 195 -17.53 -18.33 -0.91
C ALA F 195 -17.64 -18.23 0.62
N ASN F 196 -18.19 -19.27 1.29
CA ASN F 196 -18.40 -19.32 2.75
C ASN F 196 -17.13 -19.11 3.57
N ILE F 197 -16.00 -19.69 3.12
CA ILE F 197 -14.72 -19.55 3.80
C ILE F 197 -14.13 -18.16 3.52
N TYR F 198 -14.27 -17.66 2.28
CA TYR F 198 -13.78 -16.32 1.90
C TYR F 198 -14.53 -15.21 2.66
N GLY F 199 -15.79 -15.49 3.03
CA GLY F 199 -16.66 -14.60 3.81
C GLY F 199 -16.05 -14.23 5.15
N ASP F 200 -15.47 -15.23 5.85
CA ASP F 200 -14.77 -15.05 7.13
C ASP F 200 -13.66 -16.09 7.30
N PRO F 201 -12.43 -15.79 6.80
CA PRO F 201 -11.32 -16.76 6.93
C PRO F 201 -10.84 -16.96 8.37
N GLU F 202 -10.97 -15.91 9.22
CA GLU F 202 -10.58 -15.95 10.63
C GLU F 202 -11.48 -16.92 11.38
N ALA F 203 -12.80 -16.83 11.14
CA ALA F 203 -13.83 -17.69 11.74
C ALA F 203 -13.70 -19.13 11.29
N ALA F 204 -13.34 -19.34 10.01
CA ALA F 204 -13.16 -20.67 9.44
C ALA F 204 -12.01 -21.40 10.11
N ASP F 205 -10.85 -20.70 10.25
CA ASP F 205 -9.65 -21.25 10.90
C ASP F 205 -9.92 -21.60 12.37
N ILE F 206 -10.77 -20.80 13.06
CA ILE F 206 -11.16 -21.04 14.45
C ILE F 206 -11.89 -22.38 14.58
N ILE F 207 -12.85 -22.62 13.67
CA ILE F 207 -13.68 -23.83 13.60
C ILE F 207 -12.88 -25.07 13.24
N PHE F 208 -12.06 -25.01 12.18
CA PHE F 208 -11.25 -26.15 11.75
C PHE F 208 -10.20 -26.59 12.80
N THR F 209 -9.91 -25.71 13.79
CA THR F 209 -8.95 -25.92 14.88
C THR F 209 -9.63 -26.17 16.24
N CYS F 210 -10.94 -25.81 16.37
CA CYS F 210 -11.70 -25.97 17.62
C CYS F 210 -11.72 -27.36 18.27
N GLY F 211 -11.58 -28.41 17.46
CA GLY F 211 -11.52 -29.78 17.96
C GLY F 211 -12.82 -30.56 18.04
N ALA F 212 -13.87 -30.03 17.42
CA ALA F 212 -15.19 -30.66 17.39
C ALA F 212 -15.26 -31.76 16.32
N ASP F 213 -16.35 -32.57 16.33
CA ASP F 213 -16.58 -33.60 15.32
C ASP F 213 -16.99 -32.82 14.07
N ILE F 214 -16.05 -32.68 13.13
CA ILE F 214 -16.29 -31.88 11.93
C ILE F 214 -16.28 -32.71 10.65
N LEU F 215 -17.27 -32.45 9.79
CA LEU F 215 -17.43 -33.08 8.48
C LEU F 215 -17.44 -31.96 7.44
N VAL F 216 -16.37 -31.87 6.63
CA VAL F 216 -16.22 -30.81 5.62
C VAL F 216 -16.62 -31.28 4.23
N VAL F 217 -17.60 -30.58 3.64
CA VAL F 217 -18.11 -30.83 2.30
C VAL F 217 -17.68 -29.62 1.46
N GLY F 218 -16.61 -29.79 0.70
CA GLY F 218 -16.05 -28.74 -0.14
C GLY F 218 -16.62 -28.72 -1.55
N ILE F 219 -16.34 -27.64 -2.30
CA ILE F 219 -16.79 -27.49 -3.70
C ILE F 219 -16.20 -28.53 -4.63
N ASN F 220 -15.12 -29.20 -4.19
CA ASN F 220 -14.48 -30.32 -4.88
C ASN F 220 -15.47 -31.48 -5.04
N ILE F 221 -16.39 -31.63 -4.08
CA ILE F 221 -17.41 -32.66 -4.13
C ILE F 221 -18.80 -32.14 -4.54
N THR F 222 -19.14 -30.86 -4.24
CA THR F 222 -20.44 -30.29 -4.60
C THR F 222 -20.55 -30.02 -6.10
N HIS F 223 -19.40 -29.84 -6.78
CA HIS F 223 -19.36 -29.61 -8.23
C HIS F 223 -19.65 -30.89 -9.01
N GLN F 224 -19.66 -32.03 -8.30
CA GLN F 224 -19.98 -33.35 -8.84
C GLN F 224 -21.49 -33.60 -8.75
N VAL F 225 -22.17 -32.94 -7.79
CA VAL F 225 -23.61 -33.04 -7.56
C VAL F 225 -24.33 -31.85 -8.23
N TYR F 226 -24.98 -32.10 -9.37
CA TYR F 226 -25.67 -31.08 -10.14
C TYR F 226 -27.02 -31.55 -10.70
N TRP F 227 -27.91 -30.59 -11.01
CA TRP F 227 -29.24 -30.81 -11.56
C TRP F 227 -29.34 -30.10 -12.89
N THR F 228 -29.70 -30.83 -13.96
CA THR F 228 -29.88 -30.27 -15.29
C THR F 228 -31.19 -29.47 -15.38
N GLY F 229 -31.40 -28.78 -16.50
CA GLY F 229 -32.62 -28.03 -16.76
C GLY F 229 -33.85 -28.91 -16.70
N LYS F 230 -33.70 -30.17 -17.18
CA LYS F 230 -34.73 -31.21 -17.16
C LYS F 230 -35.06 -31.67 -15.74
N ASP F 231 -34.04 -31.75 -14.86
CA ASP F 231 -34.21 -32.12 -13.44
C ASP F 231 -35.06 -31.08 -12.73
N LEU F 232 -34.81 -29.78 -13.04
CA LEU F 232 -35.54 -28.63 -12.53
C LEU F 232 -36.97 -28.64 -13.06
N GLU F 233 -37.13 -28.98 -14.36
CA GLU F 233 -38.41 -29.09 -15.05
C GLU F 233 -39.26 -30.20 -14.40
N ASP F 234 -38.62 -31.33 -14.04
CA ASP F 234 -39.26 -32.47 -13.36
C ASP F 234 -39.78 -32.07 -11.97
N LEU F 235 -39.03 -31.17 -11.30
CA LEU F 235 -39.36 -30.63 -9.99
C LEU F 235 -40.53 -29.64 -10.09
N GLY F 236 -40.62 -28.91 -11.21
CA GLY F 236 -41.68 -27.96 -11.49
C GLY F 236 -42.98 -28.63 -11.86
N ARG F 237 -42.88 -29.73 -12.64
CA ARG F 237 -44.02 -30.54 -13.10
C ARG F 237 -44.64 -31.35 -11.96
N SER F 238 -43.82 -31.71 -10.94
CA SER F 238 -44.22 -32.50 -9.77
C SER F 238 -45.33 -31.85 -8.96
N ASP F 239 -46.17 -32.67 -8.31
CA ASP F 239 -47.29 -32.20 -7.49
C ASP F 239 -46.87 -31.97 -6.02
N SER F 240 -45.67 -31.38 -5.83
CA SER F 240 -45.08 -31.06 -4.53
C SER F 240 -45.04 -29.55 -4.31
N LYS F 241 -45.49 -29.11 -3.13
CA LYS F 241 -45.54 -27.70 -2.70
C LYS F 241 -44.15 -27.07 -2.77
N PHE F 242 -43.15 -27.79 -2.25
CA PHE F 242 -41.74 -27.39 -2.19
C PHE F 242 -41.06 -27.42 -3.55
N GLY F 243 -41.26 -28.52 -4.30
CA GLY F 243 -40.70 -28.71 -5.63
C GLY F 243 -41.07 -27.62 -6.60
N LYS F 244 -42.37 -27.24 -6.60
CA LYS F 244 -42.91 -26.17 -7.44
C LYS F 244 -42.34 -24.81 -7.02
N TYR F 245 -42.20 -24.57 -5.69
CA TYR F 245 -41.64 -23.35 -5.11
C TYR F 245 -40.18 -23.17 -5.52
N LEU F 246 -39.36 -24.23 -5.32
CA LEU F 246 -37.94 -24.23 -5.63
C LEU F 246 -37.66 -24.03 -7.11
N TYR F 247 -38.55 -24.55 -7.98
CA TYR F 247 -38.45 -24.40 -9.43
C TYR F 247 -38.53 -22.92 -9.84
N ALA F 248 -39.44 -22.15 -9.19
CA ALA F 248 -39.66 -20.72 -9.42
C ALA F 248 -38.42 -19.89 -9.05
N ALA F 249 -37.82 -20.20 -7.89
CA ALA F 249 -36.61 -19.52 -7.40
C ALA F 249 -35.37 -19.92 -8.22
N SER F 250 -35.35 -21.15 -8.76
CA SER F 250 -34.27 -21.73 -9.54
C SER F 250 -33.94 -21.01 -10.84
N HIS F 251 -34.94 -20.38 -11.49
CA HIS F 251 -34.80 -19.67 -12.76
C HIS F 251 -33.62 -18.69 -12.80
N PHE F 252 -33.48 -17.84 -11.77
CA PHE F 252 -32.39 -16.86 -11.65
C PHE F 252 -31.05 -17.55 -11.40
N TYR F 253 -31.04 -18.60 -10.55
CA TYR F 253 -29.85 -19.40 -10.20
C TYR F 253 -29.33 -20.16 -11.44
N ALA F 254 -30.27 -20.60 -12.31
CA ALA F 254 -29.98 -21.32 -13.55
C ALA F 254 -29.32 -20.41 -14.59
N THR F 255 -29.83 -19.16 -14.71
CA THR F 255 -29.30 -18.16 -15.64
C THR F 255 -27.87 -17.76 -15.27
N TYR F 256 -27.52 -17.79 -13.95
CA TYR F 256 -26.19 -17.49 -13.44
C TYR F 256 -25.18 -18.55 -13.90
N HIS F 257 -25.51 -19.84 -13.64
CA HIS F 257 -24.68 -21.00 -14.01
C HIS F 257 -24.44 -21.07 -15.52
N ARG F 258 -25.45 -20.65 -16.32
CA ARG F 258 -25.42 -20.63 -17.77
C ARG F 258 -24.48 -19.55 -18.33
N GLU F 259 -24.25 -18.46 -17.57
CA GLU F 259 -23.36 -17.37 -17.99
C GLU F 259 -21.99 -17.40 -17.32
N ALA F 260 -21.89 -17.96 -16.10
CA ALA F 260 -20.63 -18.05 -15.35
C ALA F 260 -19.86 -19.33 -15.65
N TYR F 261 -20.54 -20.50 -15.63
CA TYR F 261 -19.93 -21.81 -15.89
C TYR F 261 -20.24 -22.33 -17.31
N ASP F 262 -21.24 -21.73 -17.99
CA ASP F 262 -21.73 -22.10 -19.33
C ASP F 262 -22.17 -23.58 -19.38
N ILE F 263 -23.15 -23.90 -18.51
CA ILE F 263 -23.72 -25.23 -18.33
C ILE F 263 -25.26 -25.12 -18.15
N ASP F 264 -26.01 -26.11 -18.66
CA ASP F 264 -27.47 -26.16 -18.52
C ASP F 264 -27.80 -26.99 -17.27
N ALA F 265 -27.16 -26.62 -16.14
CA ALA F 265 -27.29 -27.29 -14.84
C ALA F 265 -26.89 -26.38 -13.69
N ILE F 266 -27.40 -26.67 -12.48
CA ILE F 266 -27.07 -25.92 -11.27
C ILE F 266 -26.38 -26.81 -10.24
N TYR F 267 -25.28 -26.31 -9.63
CA TYR F 267 -24.55 -27.06 -8.62
C TYR F 267 -25.33 -27.03 -7.31
N LEU F 268 -25.60 -28.22 -6.76
CA LEU F 268 -26.34 -28.38 -5.52
C LEU F 268 -25.36 -28.34 -4.36
N HIS F 269 -24.94 -27.13 -3.95
CA HIS F 269 -23.97 -26.94 -2.89
C HIS F 269 -24.54 -27.28 -1.52
N ASP F 270 -25.44 -26.41 -1.01
CA ASP F 270 -26.11 -26.54 0.29
C ASP F 270 -26.95 -27.83 0.43
N PRO F 271 -27.77 -28.25 -0.57
CA PRO F 271 -28.54 -29.49 -0.38
C PRO F 271 -27.71 -30.78 -0.31
N ALA F 272 -26.53 -30.83 -0.96
CA ALA F 272 -25.63 -32.00 -0.91
C ALA F 272 -25.02 -32.16 0.49
N THR F 273 -24.79 -31.02 1.18
CA THR F 273 -24.28 -30.95 2.54
C THR F 273 -25.35 -31.50 3.49
N MET F 274 -26.63 -31.22 3.20
CA MET F 274 -27.77 -31.70 3.97
C MET F 274 -27.92 -33.23 3.85
N VAL F 275 -27.53 -33.78 2.69
CA VAL F 275 -27.55 -35.22 2.40
C VAL F 275 -26.58 -35.95 3.34
N ALA F 276 -25.40 -35.35 3.61
CA ALA F 276 -24.39 -35.88 4.52
C ALA F 276 -24.95 -36.03 5.94
N ALA F 277 -25.86 -35.11 6.35
CA ALA F 277 -26.53 -35.14 7.64
C ALA F 277 -27.55 -36.30 7.68
N VAL F 278 -28.25 -36.52 6.55
CA VAL F 278 -29.25 -37.57 6.36
C VAL F 278 -28.57 -38.95 6.30
N ASP F 279 -27.69 -39.15 5.29
CA ASP F 279 -26.96 -40.39 5.09
C ASP F 279 -25.49 -40.10 4.76
N PRO F 280 -24.58 -40.20 5.74
CA PRO F 280 -23.16 -39.91 5.47
C PRO F 280 -22.43 -40.98 4.65
N SER F 281 -23.05 -42.17 4.50
CA SER F 281 -22.51 -43.32 3.74
C SER F 281 -22.31 -42.99 2.25
N LEU F 282 -23.05 -41.99 1.73
CA LEU F 282 -23.00 -41.55 0.34
C LEU F 282 -21.71 -40.79 -0.02
N MET F 283 -20.82 -40.58 0.98
CA MET F 283 -19.55 -39.89 0.83
C MET F 283 -18.40 -40.63 1.53
N THR F 284 -17.19 -40.53 0.95
CA THR F 284 -15.97 -41.11 1.49
C THR F 284 -15.17 -39.98 2.13
N TYR F 285 -14.68 -40.19 3.35
CA TYR F 285 -13.97 -39.14 4.08
C TYR F 285 -12.51 -39.46 4.37
N ALA F 286 -11.69 -38.41 4.43
CA ALA F 286 -10.26 -38.46 4.78
C ALA F 286 -10.06 -37.67 6.05
N THR F 287 -9.39 -38.26 7.06
CA THR F 287 -9.15 -37.61 8.34
C THR F 287 -7.79 -36.93 8.35
N GLY F 288 -7.77 -35.68 8.81
CA GLY F 288 -6.58 -34.85 8.90
C GLY F 288 -6.86 -33.42 9.32
N ALA F 289 -5.80 -32.60 9.46
CA ALA F 289 -5.88 -31.20 9.88
C ALA F 289 -6.16 -30.24 8.73
N VAL F 290 -7.01 -29.21 8.98
CA VAL F 290 -7.37 -28.18 8.00
C VAL F 290 -7.02 -26.79 8.55
N ARG F 291 -6.30 -25.99 7.75
CA ARG F 291 -5.93 -24.62 8.09
C ARG F 291 -6.39 -23.67 6.99
N VAL F 292 -6.73 -22.42 7.35
CA VAL F 292 -7.23 -21.40 6.42
C VAL F 292 -6.28 -20.19 6.34
N GLN F 293 -5.90 -19.79 5.11
CA GLN F 293 -5.06 -18.62 4.87
C GLN F 293 -5.96 -17.37 5.03
N LYS F 294 -5.63 -16.48 5.98
CA LYS F 294 -6.46 -15.30 6.25
C LYS F 294 -6.16 -14.04 5.42
N ASP F 295 -4.94 -13.91 4.88
CA ASP F 295 -4.53 -12.75 4.10
C ASP F 295 -4.04 -13.09 2.72
N GLY F 296 -3.68 -12.01 2.04
CA GLY F 296 -2.96 -11.98 0.78
C GLY F 296 -3.77 -12.47 -0.37
N ILE F 297 -3.11 -12.85 -1.47
CA ILE F 297 -3.78 -13.36 -2.67
C ILE F 297 -4.61 -14.62 -2.41
N CYS F 298 -4.09 -15.56 -1.59
CA CYS F 298 -4.80 -16.80 -1.28
C CYS F 298 -5.70 -16.73 -0.04
N LYS F 299 -6.30 -15.56 0.23
CA LYS F 299 -7.23 -15.35 1.34
C LYS F 299 -8.41 -16.31 1.16
N GLY F 300 -8.73 -17.04 2.22
CA GLY F 300 -9.82 -18.00 2.23
C GLY F 300 -9.50 -19.39 1.71
N LEU F 301 -8.22 -19.68 1.47
CA LEU F 301 -7.81 -21.01 0.97
C LEU F 301 -7.84 -22.03 2.09
N THR F 302 -8.46 -23.18 1.84
CA THR F 302 -8.54 -24.29 2.81
C THR F 302 -7.50 -25.33 2.45
N LEU F 303 -6.55 -25.58 3.38
CA LEU F 303 -5.53 -26.58 3.14
C LEU F 303 -5.61 -27.75 4.10
N PHE F 304 -5.79 -28.94 3.53
CA PHE F 304 -5.94 -30.20 4.24
C PHE F 304 -4.63 -31.00 4.25
N ASN F 305 -4.25 -31.51 5.42
CA ASN F 305 -3.07 -32.34 5.60
C ASN F 305 -3.52 -33.78 5.89
N ASN F 306 -3.45 -34.64 4.86
CA ASN F 306 -3.68 -36.10 4.86
C ASN F 306 -2.41 -36.52 4.12
N SER F 307 -1.31 -36.34 4.80
CA SER F 307 -0.01 -36.68 4.29
C SER F 307 0.63 -37.27 5.51
N ASN F 308 0.55 -38.60 5.59
CA ASN F 308 1.10 -39.36 6.71
C ASN F 308 2.65 -39.37 6.72
N LYS F 309 3.21 -38.21 6.35
CA LYS F 309 4.63 -37.89 6.33
C LYS F 309 5.00 -37.28 7.68
N VAL F 310 3.97 -36.78 8.41
CA VAL F 310 4.06 -36.09 9.72
C VAL F 310 5.37 -36.35 10.47
N TRP F 311 6.37 -35.43 10.54
CA TRP F 311 6.83 -34.15 9.98
C TRP F 311 8.07 -33.83 10.83
N HIS F 312 9.28 -34.04 10.26
CA HIS F 312 10.55 -33.78 10.96
C HIS F 312 10.76 -32.28 11.04
N ASP F 313 10.17 -31.67 12.10
CA ASP F 313 10.07 -30.24 12.48
C ASP F 313 8.61 -29.82 12.39
N PRO F 314 8.01 -29.31 13.50
CA PRO F 314 6.58 -28.99 13.49
C PRO F 314 6.12 -27.97 12.47
N THR F 315 4.95 -28.23 11.87
CA THR F 315 4.29 -27.38 10.87
C THR F 315 3.05 -26.75 11.51
N ASP F 316 2.36 -25.85 10.78
CA ASP F 316 1.16 -25.20 11.29
C ASP F 316 -0.06 -26.14 11.26
N TRP F 317 0.14 -27.40 10.82
CA TRP F 317 -0.86 -28.46 10.76
C TRP F 317 -0.60 -29.50 11.86
N CYS F 318 0.59 -29.42 12.49
CA CYS F 318 1.02 -30.29 13.60
C CYS F 318 0.35 -29.87 14.88
N GLY F 319 -0.21 -30.86 15.59
CA GLY F 319 -0.91 -30.65 16.85
C GLY F 319 -2.29 -30.05 16.71
N ILE F 320 -2.82 -30.03 15.47
CA ILE F 320 -4.15 -29.49 15.14
C ILE F 320 -5.14 -30.67 15.15
N PRO F 321 -6.30 -30.53 15.83
CA PRO F 321 -7.28 -31.62 15.87
C PRO F 321 -7.76 -32.05 14.48
N PRO F 322 -7.75 -33.38 14.18
CA PRO F 322 -8.18 -33.82 12.84
C PRO F 322 -9.67 -33.71 12.59
N VAL F 323 -10.04 -33.50 11.31
CA VAL F 323 -11.42 -33.36 10.84
C VAL F 323 -11.67 -34.29 9.64
N LYS F 324 -12.93 -34.70 9.41
CA LYS F 324 -13.29 -35.56 8.29
C LYS F 324 -13.59 -34.69 7.07
N VAL F 325 -12.87 -34.91 5.97
CA VAL F 325 -13.05 -34.14 4.73
C VAL F 325 -13.55 -35.06 3.62
N ALA F 326 -14.72 -34.73 3.04
CA ALA F 326 -15.35 -35.49 1.96
C ALA F 326 -14.45 -35.50 0.72
N VAL F 327 -14.11 -36.71 0.25
CA VAL F 327 -13.24 -36.94 -0.91
C VAL F 327 -14.05 -37.38 -2.15
N THR F 328 -14.94 -38.38 -2.00
CA THR F 328 -15.77 -38.88 -3.10
C THR F 328 -17.26 -38.89 -2.76
N VAL F 329 -18.10 -38.71 -3.80
CA VAL F 329 -19.56 -38.69 -3.71
C VAL F 329 -20.18 -39.75 -4.60
N ASP F 330 -21.41 -40.18 -4.25
CA ASP F 330 -22.22 -41.08 -5.05
C ASP F 330 -23.24 -40.16 -5.74
N ARG F 331 -22.75 -39.27 -6.63
CA ARG F 331 -23.51 -38.25 -7.35
C ARG F 331 -24.91 -38.64 -7.81
N GLU F 332 -25.08 -39.89 -8.29
CA GLU F 332 -26.37 -40.44 -8.73
C GLU F 332 -27.34 -40.57 -7.56
N ARG F 333 -26.88 -41.19 -6.45
CA ARG F 333 -27.68 -41.41 -5.24
C ARG F 333 -27.99 -40.14 -4.46
N VAL F 334 -27.10 -39.13 -4.53
CA VAL F 334 -27.28 -37.85 -3.85
C VAL F 334 -28.38 -37.06 -4.59
N ALA F 335 -28.27 -36.96 -5.93
CA ALA F 335 -29.23 -36.25 -6.77
C ALA F 335 -30.59 -36.96 -6.85
N SER F 336 -30.64 -38.30 -6.64
CA SER F 336 -31.89 -39.05 -6.66
C SER F 336 -32.67 -38.83 -5.36
N LEU F 337 -31.96 -38.77 -4.20
CA LEU F 337 -32.52 -38.53 -2.87
C LEU F 337 -33.05 -37.09 -2.81
N LEU F 338 -32.28 -36.13 -3.38
CA LEU F 338 -32.68 -34.74 -3.51
C LEU F 338 -33.51 -34.67 -4.78
N LYS F 339 -34.74 -35.23 -4.73
CA LYS F 339 -35.69 -35.28 -5.84
C LYS F 339 -36.85 -36.11 -5.37
N GLU F 340 -36.62 -37.38 -4.97
CA GLU F 340 -37.67 -38.25 -4.44
C GLU F 340 -38.32 -37.63 -3.19
N ARG F 341 -37.54 -36.80 -2.45
CA ARG F 341 -37.98 -36.09 -1.25
C ARG F 341 -38.66 -34.76 -1.61
N LEU F 342 -38.13 -34.05 -2.62
CA LEU F 342 -38.63 -32.75 -3.07
C LEU F 342 -39.76 -32.84 -4.12
N THR F 343 -40.06 -34.06 -4.62
CA THR F 343 -41.11 -34.35 -5.62
C THR F 343 -42.32 -35.01 -4.94
N ALA F 344 -42.11 -35.70 -3.80
CA ALA F 344 -43.13 -36.38 -3.02
C ALA F 344 -44.23 -35.42 -2.52
N PRO F 345 -45.52 -35.77 -2.72
CA PRO F 345 -46.59 -34.86 -2.27
C PRO F 345 -47.01 -35.12 -0.82
N PRO G 28 -26.08 28.34 13.16
CA PRO G 28 -26.71 27.69 14.31
C PRO G 28 -28.11 27.14 13.97
N PRO G 29 -28.59 26.03 14.58
CA PRO G 29 -27.96 25.19 15.63
C PRO G 29 -27.05 24.09 15.05
N LYS G 30 -26.25 23.42 15.92
CA LYS G 30 -25.35 22.35 15.48
C LYS G 30 -26.02 20.97 15.40
N LYS G 31 -25.73 20.24 14.31
CA LYS G 31 -26.25 18.90 14.04
C LYS G 31 -25.58 17.90 14.98
N VAL G 32 -26.37 17.05 15.64
CA VAL G 32 -25.88 16.07 16.60
C VAL G 32 -26.42 14.65 16.39
N ILE G 33 -25.51 13.65 16.39
CA ILE G 33 -25.81 12.21 16.33
C ILE G 33 -25.38 11.67 17.69
N ILE G 34 -26.26 10.91 18.38
CA ILE G 34 -25.92 10.37 19.69
C ILE G 34 -25.81 8.86 19.78
N ASP G 35 -24.56 8.35 19.97
CA ASP G 35 -24.26 6.92 20.11
C ASP G 35 -24.58 6.55 21.57
N THR G 36 -25.73 5.90 21.78
CA THR G 36 -26.25 5.61 23.11
C THR G 36 -26.61 4.15 23.44
N ASP G 37 -26.65 3.85 24.76
CA ASP G 37 -27.04 2.57 25.36
C ASP G 37 -28.07 2.89 26.48
N PRO G 38 -29.31 3.34 26.15
CA PRO G 38 -30.25 3.75 27.21
C PRO G 38 -30.79 2.64 28.11
N GLY G 39 -30.53 2.69 29.42
CA GLY G 39 -29.71 3.70 30.11
C GLY G 39 -30.51 4.85 30.67
N ILE G 40 -30.55 4.96 32.01
CA ILE G 40 -31.24 6.02 32.77
C ILE G 40 -30.52 7.35 32.54
N ASP G 41 -29.18 7.38 32.74
CA ASP G 41 -28.33 8.55 32.53
C ASP G 41 -28.29 8.95 31.05
N ASP G 42 -28.39 7.96 30.15
CA ASP G 42 -28.44 8.15 28.71
C ASP G 42 -29.74 8.86 28.33
N ALA G 43 -30.87 8.43 28.93
CA ALA G 43 -32.20 9.01 28.73
C ALA G 43 -32.21 10.48 29.14
N MET G 44 -31.52 10.79 30.26
CA MET G 44 -31.36 12.16 30.79
C MET G 44 -30.67 13.05 29.76
N ALA G 45 -29.57 12.54 29.18
CA ALA G 45 -28.77 13.24 28.16
C ALA G 45 -29.58 13.43 26.87
N ILE G 46 -30.32 12.39 26.43
CA ILE G 46 -31.18 12.42 25.24
C ILE G 46 -32.22 13.52 25.40
N PHE G 47 -32.95 13.51 26.53
CA PHE G 47 -33.98 14.49 26.86
C PHE G 47 -33.45 15.92 26.95
N PHE G 48 -32.27 16.11 27.57
CA PHE G 48 -31.62 17.41 27.70
C PHE G 48 -31.23 17.97 26.33
N ALA G 49 -30.74 17.10 25.43
CA ALA G 49 -30.36 17.47 24.05
C ALA G 49 -31.59 17.91 23.27
N LEU G 50 -32.73 17.25 23.51
CA LEU G 50 -34.01 17.56 22.87
C LEU G 50 -34.65 18.84 23.43
N LYS G 51 -34.20 19.28 24.62
CA LYS G 51 -34.67 20.49 25.28
C LYS G 51 -33.69 21.67 25.08
N SER G 52 -32.53 21.42 24.44
CA SER G 52 -31.51 22.43 24.16
C SER G 52 -31.64 22.98 22.72
N PRO G 53 -32.08 24.25 22.55
CA PRO G 53 -32.22 24.81 21.20
C PRO G 53 -30.95 24.94 20.36
N GLU G 54 -29.77 24.99 21.01
CA GLU G 54 -28.46 25.09 20.34
C GLU G 54 -28.01 23.80 19.64
N LEU G 55 -28.73 22.68 19.89
CA LEU G 55 -28.46 21.38 19.27
C LEU G 55 -29.65 20.95 18.42
N ASP G 56 -29.35 20.29 17.30
CA ASP G 56 -30.36 19.71 16.41
C ASP G 56 -30.06 18.21 16.34
N VAL G 57 -30.85 17.40 17.06
CA VAL G 57 -30.68 15.95 17.09
C VAL G 57 -31.12 15.36 15.75
N ILE G 58 -30.15 15.19 14.84
CA ILE G 58 -30.39 14.68 13.50
C ILE G 58 -30.70 13.17 13.48
N ALA G 59 -30.11 12.39 14.43
CA ALA G 59 -30.30 10.93 14.56
C ALA G 59 -29.75 10.37 15.88
N LEU G 60 -30.13 9.13 16.20
CA LEU G 60 -29.55 8.42 17.33
C LEU G 60 -29.15 6.98 16.97
N THR G 61 -27.91 6.61 17.35
CA THR G 61 -27.38 5.29 17.05
C THR G 61 -27.24 4.45 18.31
N THR G 62 -27.72 3.21 18.26
CA THR G 62 -27.69 2.34 19.43
C THR G 62 -26.48 1.43 19.51
N ILE G 63 -26.07 1.10 20.75
CA ILE G 63 -24.94 0.25 21.08
C ILE G 63 -25.21 -0.49 22.41
N TYR G 64 -24.43 -1.55 22.69
CA TYR G 64 -24.49 -2.32 23.93
C TYR G 64 -23.86 -1.50 25.09
N GLY G 65 -23.80 -2.08 26.29
CA GLY G 65 -23.21 -1.43 27.44
C GLY G 65 -24.04 -1.62 28.68
N ASN G 66 -24.96 -0.67 28.94
CA ASN G 66 -25.89 -0.73 30.07
C ASN G 66 -26.91 -1.84 29.77
N VAL G 67 -27.34 -1.91 28.50
CA VAL G 67 -28.29 -2.88 27.96
C VAL G 67 -27.74 -3.52 26.68
N ARG G 68 -28.38 -4.62 26.23
CA ARG G 68 -28.04 -5.31 24.98
C ARG G 68 -28.46 -4.39 23.84
N THR G 69 -27.75 -4.44 22.70
CA THR G 69 -28.06 -3.60 21.52
C THR G 69 -29.55 -3.61 21.11
N PRO G 70 -30.27 -4.77 21.05
CA PRO G 70 -31.71 -4.72 20.69
C PRO G 70 -32.54 -3.97 21.74
N THR G 71 -32.21 -4.12 23.05
CA THR G 71 -32.87 -3.44 24.17
C THR G 71 -32.67 -1.93 24.06
N ALA G 72 -31.42 -1.51 23.74
CA ALA G 72 -31.04 -0.10 23.55
C ALA G 72 -31.88 0.54 22.47
N THR G 73 -32.11 -0.17 21.33
CA THR G 73 -32.90 0.27 20.20
C THR G 73 -34.35 0.52 20.60
N VAL G 74 -34.95 -0.48 21.28
CA VAL G 74 -36.32 -0.47 21.80
C VAL G 74 -36.52 0.75 22.70
N ASN G 75 -35.58 0.96 23.66
CA ASN G 75 -35.59 2.07 24.60
C ASN G 75 -35.43 3.43 23.91
N ALA G 76 -34.48 3.53 22.95
CA ALA G 76 -34.22 4.77 22.19
C ALA G 76 -35.43 5.18 21.35
N LEU G 77 -36.12 4.20 20.72
CA LEU G 77 -37.32 4.41 19.93
C LEU G 77 -38.43 4.94 20.85
N HIS G 78 -38.56 4.31 22.04
CA HIS G 78 -39.54 4.67 23.07
C HIS G 78 -39.33 6.09 23.61
N LEU G 79 -38.07 6.46 23.90
CA LEU G 79 -37.72 7.78 24.44
C LEU G 79 -38.07 8.90 23.47
N LEU G 80 -37.83 8.67 22.16
CA LEU G 80 -38.16 9.64 21.11
C LEU G 80 -39.67 9.77 20.91
N GLU G 81 -40.42 8.68 21.15
CA GLU G 81 -41.89 8.65 21.06
C GLU G 81 -42.45 9.53 22.18
N PHE G 82 -41.91 9.35 23.41
CA PHE G 82 -42.28 10.11 24.61
C PHE G 82 -41.96 11.60 24.42
N ALA G 83 -40.79 11.90 23.83
CA ALA G 83 -40.34 13.26 23.54
C ALA G 83 -41.16 13.92 22.43
N GLY G 84 -41.87 13.10 21.65
CA GLY G 84 -42.70 13.55 20.53
C GLY G 84 -41.94 13.61 19.23
N ARG G 85 -40.59 13.72 19.33
CA ARG G 85 -39.68 13.79 18.20
C ARG G 85 -39.52 12.42 17.51
N GLU G 86 -40.64 11.96 16.90
CA GLU G 86 -40.71 10.68 16.19
C GLU G 86 -40.03 10.76 14.81
N ASP G 87 -39.76 11.99 14.34
CA ASP G 87 -39.07 12.32 13.10
C ASP G 87 -37.61 11.84 13.11
N ILE G 88 -37.01 11.77 14.32
CA ILE G 88 -35.62 11.35 14.53
C ILE G 88 -35.44 9.85 14.26
N PRO G 89 -34.55 9.50 13.30
CA PRO G 89 -34.30 8.07 13.02
C PRO G 89 -33.44 7.40 14.09
N VAL G 90 -33.66 6.08 14.28
CA VAL G 90 -32.89 5.25 15.23
C VAL G 90 -32.15 4.22 14.38
N SER G 91 -30.81 4.23 14.43
CA SER G 91 -29.99 3.29 13.66
C SER G 91 -29.29 2.29 14.59
N GLU G 92 -29.65 0.99 14.49
CA GLU G 92 -29.05 -0.06 15.32
C GLU G 92 -27.60 -0.34 14.93
N GLY G 93 -26.75 -0.49 15.93
CA GLY G 93 -25.33 -0.77 15.76
C GLY G 93 -24.89 -2.14 16.18
N PHE G 94 -23.60 -2.26 16.54
CA PHE G 94 -22.95 -3.50 16.96
C PHE G 94 -23.58 -4.17 18.16
N ARG G 95 -23.83 -5.49 18.04
CA ARG G 95 -24.41 -6.33 19.09
C ARG G 95 -23.30 -6.99 19.93
N THR G 96 -22.06 -6.96 19.39
CA THR G 96 -20.85 -7.50 19.99
C THR G 96 -19.76 -6.44 19.94
N SER G 97 -18.58 -6.71 20.52
CA SER G 97 -17.45 -5.80 20.44
C SER G 97 -16.93 -5.80 18.98
N LEU G 98 -16.00 -4.88 18.63
CA LEU G 98 -15.45 -4.77 17.29
C LEU G 98 -14.85 -6.10 16.81
N ARG G 99 -14.15 -6.81 17.70
CA ARG G 99 -13.54 -8.11 17.39
C ARG G 99 -14.42 -9.32 17.79
N GLY G 100 -15.73 -9.14 17.65
CA GLY G 100 -16.76 -10.16 17.90
C GLY G 100 -16.90 -10.72 19.29
N GLU G 101 -16.47 -9.97 20.33
CA GLU G 101 -16.62 -10.42 21.71
C GLU G 101 -18.08 -10.24 22.09
N LEU G 102 -18.78 -11.36 22.37
CA LEU G 102 -20.22 -11.40 22.69
C LEU G 102 -20.64 -10.52 23.84
N LYS G 103 -21.60 -9.63 23.58
CA LYS G 103 -22.12 -8.70 24.58
C LYS G 103 -23.53 -9.04 25.06
N GLU G 104 -23.89 -10.34 24.98
CA GLU G 104 -25.14 -10.89 25.47
C GLU G 104 -24.88 -11.23 26.94
N ARG G 105 -25.93 -11.22 27.79
CA ARG G 105 -25.84 -11.49 29.24
C ARG G 105 -25.00 -10.41 29.95
N ILE G 106 -25.62 -9.27 30.27
CA ILE G 106 -24.95 -8.13 30.92
C ILE G 106 -25.69 -7.60 32.15
N ALA G 107 -24.91 -7.18 33.17
CA ALA G 107 -25.33 -6.66 34.48
C ALA G 107 -26.51 -5.69 34.47
N ASP G 108 -27.50 -5.95 35.34
CA ASP G 108 -28.72 -5.15 35.48
C ASP G 108 -28.85 -4.45 36.84
N PHE G 109 -27.81 -4.53 37.69
CA PHE G 109 -27.83 -3.91 39.02
C PHE G 109 -27.75 -2.38 39.02
N VAL G 110 -27.40 -1.78 37.87
CA VAL G 110 -27.27 -0.33 37.73
C VAL G 110 -28.48 0.33 37.00
N HIS G 111 -28.94 -0.25 35.88
CA HIS G 111 -30.04 0.31 35.08
C HIS G 111 -31.36 -0.49 35.06
N GLY G 112 -31.36 -1.68 35.66
CA GLY G 112 -32.53 -2.54 35.73
C GLY G 112 -32.60 -3.54 34.59
N ALA G 113 -33.59 -4.45 34.65
CA ALA G 113 -33.82 -5.47 33.63
C ALA G 113 -34.21 -4.84 32.28
N ASP G 114 -35.14 -3.87 32.31
CA ASP G 114 -35.61 -3.14 31.12
C ASP G 114 -34.58 -2.13 30.60
N GLY G 115 -33.69 -1.68 31.49
CA GLY G 115 -32.67 -0.69 31.18
C GLY G 115 -33.09 0.73 31.50
N LEU G 116 -34.35 0.91 31.91
CA LEU G 116 -34.93 2.19 32.27
C LEU G 116 -35.42 2.21 33.73
N GLY G 117 -34.56 1.71 34.63
CA GLY G 117 -34.79 1.65 36.07
C GLY G 117 -35.99 0.86 36.54
N ASN G 118 -36.28 -0.26 35.84
CA ASN G 118 -37.41 -1.18 36.10
C ASN G 118 -38.79 -0.52 36.11
N THR G 119 -38.96 0.50 35.25
CA THR G 119 -40.22 1.23 35.08
C THR G 119 -41.16 0.46 34.15
N TYR G 120 -40.57 -0.39 33.28
CA TYR G 120 -41.25 -1.23 32.27
C TYR G 120 -42.26 -0.42 31.44
N PRO G 121 -41.77 0.41 30.47
CA PRO G 121 -42.70 1.23 29.68
C PRO G 121 -43.53 0.44 28.68
N THR G 122 -44.67 1.02 28.29
CA THR G 122 -45.60 0.41 27.35
C THR G 122 -45.19 0.56 25.87
N LEU G 123 -44.02 -0.01 25.51
CA LEU G 123 -43.48 -0.02 24.13
C LEU G 123 -44.37 -0.99 23.25
N SER G 124 -44.73 -0.77 21.96
CA SER G 124 -44.45 0.06 20.76
C SER G 124 -44.02 -0.86 19.64
N ASP G 125 -44.51 -0.61 18.42
CA ASP G 125 -44.16 -1.41 17.23
C ASP G 125 -43.17 -0.70 16.30
N ARG G 126 -42.77 0.55 16.66
CA ARG G 126 -41.82 1.38 15.91
C ARG G 126 -40.49 0.64 15.74
N LYS G 127 -39.95 0.65 14.52
CA LYS G 127 -38.74 -0.09 14.19
C LYS G 127 -37.55 0.79 13.75
N PRO G 128 -36.28 0.34 13.94
CA PRO G 128 -35.12 1.15 13.51
C PRO G 128 -35.03 1.33 11.99
N ILE G 129 -34.30 2.37 11.55
CA ILE G 129 -34.14 2.74 10.13
C ILE G 129 -33.36 1.77 9.20
N ASP G 130 -33.41 0.45 9.48
CA ASP G 130 -32.78 -0.64 8.70
C ASP G 130 -31.29 -0.52 8.26
N THR G 131 -30.72 0.70 8.28
CA THR G 131 -29.33 0.98 7.95
C THR G 131 -28.51 0.74 9.22
N PHE G 132 -27.33 0.09 9.07
CA PHE G 132 -26.44 -0.20 10.19
C PHE G 132 -25.77 1.08 10.68
N ALA G 133 -25.68 1.28 12.01
CA ALA G 133 -25.11 2.49 12.63
C ALA G 133 -23.76 2.96 12.07
N PRO G 134 -22.68 2.13 11.91
CA PRO G 134 -21.43 2.64 11.32
C PRO G 134 -21.62 3.12 9.88
N ASP G 135 -22.40 2.35 9.09
CA ASP G 135 -22.72 2.64 7.70
C ASP G 135 -23.49 3.97 7.60
N TYR G 136 -24.45 4.18 8.52
CA TYR G 136 -25.26 5.40 8.63
C TYR G 136 -24.41 6.60 9.06
N LEU G 137 -23.45 6.38 9.98
CA LEU G 137 -22.54 7.39 10.48
C LEU G 137 -21.70 7.98 9.36
N ILE G 138 -21.16 7.10 8.47
CA ILE G 138 -20.36 7.50 7.31
C ILE G 138 -21.25 8.28 6.34
N GLN G 139 -22.48 7.75 6.08
CA GLN G 139 -23.49 8.36 5.20
C GLN G 139 -23.81 9.81 5.58
N LYS G 140 -24.18 10.03 6.86
CA LYS G 140 -24.54 11.35 7.37
C LYS G 140 -23.39 12.33 7.49
N VAL G 141 -22.16 11.83 7.69
CA VAL G 141 -21.00 12.71 7.77
C VAL G 141 -20.52 13.19 6.40
N ASN G 142 -20.71 12.38 5.34
CA ASN G 142 -20.37 12.75 3.97
C ASN G 142 -21.40 13.76 3.48
N GLU G 143 -22.67 13.59 3.92
CA GLU G 143 -23.82 14.45 3.63
C GLU G 143 -23.57 15.87 4.20
N PHE G 144 -23.04 15.96 5.43
CA PHE G 144 -22.74 17.22 6.10
C PHE G 144 -21.30 17.21 6.66
N PRO G 145 -20.27 17.47 5.81
CA PRO G 145 -18.88 17.43 6.31
C PRO G 145 -18.54 18.60 7.23
N GLY G 146 -17.98 18.28 8.40
CA GLY G 146 -17.57 19.23 9.43
C GLY G 146 -18.72 19.92 10.15
N GLU G 147 -19.94 19.36 10.05
CA GLU G 147 -21.15 19.90 10.66
C GLU G 147 -21.66 19.00 11.79
N ILE G 148 -21.58 17.66 11.59
CA ILE G 148 -22.04 16.64 12.52
C ILE G 148 -21.14 16.52 13.74
N THR G 149 -21.76 16.54 14.94
CA THR G 149 -21.07 16.39 16.22
C THR G 149 -21.58 15.08 16.84
N ILE G 150 -20.72 14.05 16.90
CA ILE G 150 -21.13 12.76 17.46
C ILE G 150 -20.86 12.73 18.96
N VAL G 151 -21.92 12.55 19.76
CA VAL G 151 -21.81 12.45 21.21
C VAL G 151 -21.87 10.96 21.58
N ALA G 152 -20.71 10.37 21.88
CA ALA G 152 -20.59 8.96 22.25
C ALA G 152 -20.84 8.79 23.75
N LEU G 153 -22.01 8.22 24.07
CA LEU G 153 -22.50 7.99 25.44
C LEU G 153 -22.37 6.51 25.85
N GLY G 154 -21.78 5.71 24.97
CA GLY G 154 -21.54 4.28 25.18
C GLY G 154 -20.22 3.85 24.56
N PRO G 155 -19.95 2.51 24.50
CA PRO G 155 -18.69 2.05 23.88
C PRO G 155 -18.48 2.54 22.44
N LEU G 156 -17.23 2.86 22.09
CA LEU G 156 -16.85 3.43 20.80
C LEU G 156 -16.84 2.49 19.58
N THR G 157 -17.45 1.29 19.71
CA THR G 157 -17.53 0.24 18.69
C THR G 157 -18.09 0.73 17.34
N ASN G 158 -19.25 1.40 17.36
CA ASN G 158 -19.90 1.91 16.15
C ASN G 158 -19.03 2.93 15.41
N LEU G 159 -18.37 3.82 16.18
CA LEU G 159 -17.50 4.86 15.65
C LEU G 159 -16.20 4.29 15.08
N ALA G 160 -15.61 3.29 15.77
CA ALA G 160 -14.35 2.64 15.34
C ALA G 160 -14.55 1.85 14.06
N ALA G 161 -15.72 1.22 13.90
CA ALA G 161 -16.08 0.45 12.71
C ALA G 161 -16.17 1.40 11.50
N ALA G 162 -16.73 2.61 11.72
CA ALA G 162 -16.87 3.67 10.72
C ALA G 162 -15.49 4.19 10.29
N VAL G 163 -14.54 4.29 11.25
CA VAL G 163 -13.16 4.73 11.04
C VAL G 163 -12.39 3.66 10.24
N GLU G 164 -12.56 2.38 10.63
CA GLU G 164 -11.93 1.23 9.97
C GLU G 164 -12.44 1.05 8.54
N CYS G 165 -13.73 1.34 8.32
CA CYS G 165 -14.40 1.23 7.03
C CYS G 165 -13.95 2.36 6.09
N ASP G 166 -14.22 3.62 6.47
CA ASP G 166 -13.84 4.80 5.69
C ASP G 166 -12.71 5.56 6.41
N PRO G 167 -11.49 5.62 5.83
CA PRO G 167 -10.39 6.35 6.50
C PRO G 167 -10.56 7.87 6.53
N THR G 168 -11.41 8.42 5.64
CA THR G 168 -11.68 9.86 5.55
C THR G 168 -12.76 10.35 6.52
N PHE G 169 -13.40 9.41 7.26
CA PHE G 169 -14.45 9.66 8.25
C PHE G 169 -13.98 10.60 9.37
N ALA G 170 -12.79 10.32 9.95
CA ALA G 170 -12.18 11.08 11.03
C ALA G 170 -12.03 12.57 10.72
N LYS G 171 -11.57 12.90 9.50
CA LYS G 171 -11.40 14.30 9.12
C LYS G 171 -12.70 14.96 8.65
N LYS G 172 -13.73 14.14 8.34
CA LYS G 172 -15.04 14.62 7.91
C LYS G 172 -15.97 14.98 9.06
N VAL G 173 -15.80 14.34 10.25
CA VAL G 173 -16.62 14.62 11.43
C VAL G 173 -16.30 16.00 12.01
N GLY G 174 -17.34 16.72 12.43
CA GLY G 174 -17.21 18.04 13.04
C GLY G 174 -16.45 17.95 14.35
N GLN G 175 -16.97 17.11 15.27
CA GLN G 175 -16.39 16.85 16.59
C GLN G 175 -16.95 15.55 17.18
N ILE G 176 -16.13 14.85 17.98
CA ILE G 176 -16.55 13.64 18.68
C ILE G 176 -16.41 13.90 20.19
N ILE G 177 -17.56 13.97 20.89
CA ILE G 177 -17.57 14.17 22.34
C ILE G 177 -17.78 12.81 22.99
N ILE G 178 -16.73 12.32 23.67
CA ILE G 178 -16.73 10.99 24.28
C ILE G 178 -16.91 11.02 25.79
N LEU G 179 -17.88 10.23 26.28
CA LEU G 179 -18.04 9.98 27.70
C LEU G 179 -17.29 8.66 27.87
N GLY G 180 -16.17 8.72 28.57
CA GLY G 180 -15.34 7.55 28.80
C GLY G 180 -13.97 7.87 29.33
N GLY G 181 -13.40 6.89 30.02
CA GLY G 181 -12.07 6.97 30.60
C GLY G 181 -12.02 7.49 32.02
N ALA G 182 -10.90 7.20 32.68
CA ALA G 182 -10.58 7.63 34.04
C ALA G 182 -9.17 8.18 33.92
N PHE G 183 -9.05 9.51 33.85
CA PHE G 183 -7.77 10.19 33.68
C PHE G 183 -7.13 10.58 35.00
N GLN G 184 -6.08 9.81 35.39
CA GLN G 184 -5.32 9.93 36.64
C GLN G 184 -6.24 9.83 37.87
N VAL G 185 -7.18 8.88 37.80
CA VAL G 185 -8.19 8.56 38.81
C VAL G 185 -8.59 7.08 38.63
N ASN G 186 -9.12 6.45 39.69
CA ASN G 186 -9.55 5.05 39.63
C ASN G 186 -10.80 4.89 38.76
N GLY G 187 -10.94 3.73 38.12
CA GLY G 187 -12.07 3.41 37.26
C GLY G 187 -13.33 3.01 38.03
N ASN G 188 -14.46 2.86 37.31
CA ASN G 188 -15.74 2.47 37.91
C ASN G 188 -16.10 0.99 37.74
N VAL G 189 -15.57 0.33 36.68
CA VAL G 189 -15.79 -1.09 36.42
C VAL G 189 -14.85 -1.90 37.35
N ASN G 190 -13.56 -1.56 37.31
CA ASN G 190 -12.49 -2.11 38.13
C ASN G 190 -11.59 -0.93 38.49
N PRO G 191 -10.62 -1.04 39.45
CA PRO G 191 -9.81 0.15 39.80
C PRO G 191 -9.08 0.84 38.65
N ALA G 192 -8.87 0.13 37.53
CA ALA G 192 -8.14 0.67 36.38
C ALA G 192 -9.00 1.26 35.27
N ALA G 193 -10.17 0.65 34.97
CA ALA G 193 -11.00 1.06 33.83
C ALA G 193 -12.40 1.59 34.09
N GLU G 194 -12.85 2.45 33.15
CA GLU G 194 -14.17 3.05 33.06
C GLU G 194 -15.01 2.17 32.12
N ALA G 195 -16.31 2.00 32.44
CA ALA G 195 -17.32 1.22 31.72
C ALA G 195 -17.26 1.21 30.19
N ASN G 196 -17.54 2.37 29.53
CA ASN G 196 -17.57 2.53 28.07
C ASN G 196 -16.27 2.11 27.38
N ILE G 197 -15.12 2.44 27.97
CA ILE G 197 -13.79 2.07 27.42
C ILE G 197 -13.52 0.59 27.66
N TYR G 198 -13.88 0.06 28.86
CA TYR G 198 -13.70 -1.35 29.19
C TYR G 198 -14.55 -2.26 28.28
N GLY G 199 -15.69 -1.73 27.81
CA GLY G 199 -16.61 -2.39 26.90
C GLY G 199 -15.93 -2.81 25.61
N ASP G 200 -15.11 -1.92 25.03
CA ASP G 200 -14.33 -2.17 23.82
C ASP G 200 -13.02 -1.36 23.83
N PRO G 201 -11.94 -1.91 24.43
CA PRO G 201 -10.65 -1.18 24.48
C PRO G 201 -9.99 -1.02 23.11
N GLU G 202 -10.21 -1.98 22.19
CA GLU G 202 -9.68 -1.98 20.82
C GLU G 202 -10.28 -0.81 20.05
N ALA G 203 -11.62 -0.66 20.16
CA ALA G 203 -12.39 0.41 19.50
C ALA G 203 -12.04 1.78 20.06
N ALA G 204 -11.79 1.87 21.38
CA ALA G 204 -11.44 3.11 22.05
C ALA G 204 -10.09 3.62 21.55
N ASP G 205 -9.07 2.73 21.48
CA ASP G 205 -7.73 3.06 20.99
C ASP G 205 -7.76 3.51 19.54
N ILE G 206 -8.66 2.93 18.72
CA ILE G 206 -8.84 3.28 17.31
C ILE G 206 -9.29 4.74 17.20
N ILE G 207 -10.29 5.13 18.02
CA ILE G 207 -10.87 6.48 18.07
C ILE G 207 -9.90 7.53 18.60
N PHE G 208 -9.24 7.26 19.73
CA PHE G 208 -8.27 8.20 20.32
C PHE G 208 -7.04 8.47 19.42
N THR G 209 -6.81 7.61 18.41
CA THR G 209 -5.71 7.68 17.45
C THR G 209 -6.17 8.10 16.04
N CYS G 210 -7.49 7.99 15.75
CA CYS G 210 -8.08 8.34 14.44
C CYS G 210 -7.76 9.73 13.86
N GLY G 211 -7.50 10.71 14.75
CA GLY G 211 -7.14 12.07 14.35
C GLY G 211 -8.27 13.07 14.17
N ALA G 212 -9.48 12.73 14.64
CA ALA G 212 -10.65 13.60 14.56
C ALA G 212 -10.63 14.65 15.69
N ASP G 213 -11.55 15.65 15.62
CA ASP G 213 -11.70 16.66 16.66
C ASP G 213 -12.37 15.94 17.82
N ILE G 214 -11.59 15.57 18.83
CA ILE G 214 -12.11 14.79 19.96
C ILE G 214 -12.09 15.56 21.28
N LEU G 215 -13.19 15.46 22.04
CA LEU G 215 -13.39 16.05 23.35
C LEU G 215 -13.72 14.90 24.31
N VAL G 216 -12.78 14.57 25.23
CA VAL G 216 -12.95 13.47 26.18
C VAL G 216 -13.41 13.94 27.55
N VAL G 217 -14.55 13.41 28.00
CA VAL G 217 -15.16 13.70 29.29
C VAL G 217 -15.06 12.39 30.09
N GLY G 218 -14.07 12.34 30.98
CA GLY G 218 -13.82 11.16 31.80
C GLY G 218 -14.53 11.19 33.14
N ILE G 219 -14.55 10.03 33.85
CA ILE G 219 -15.18 9.91 35.18
C ILE G 219 -14.53 10.78 36.24
N ASN G 220 -13.29 11.24 35.96
CA ASN G 220 -12.53 12.17 36.79
C ASN G 220 -13.29 13.49 36.91
N ILE G 221 -14.05 13.87 35.86
CA ILE G 221 -14.85 15.08 35.86
C ILE G 221 -16.36 14.84 36.08
N THR G 222 -16.88 13.66 35.67
CA THR G 222 -18.31 13.34 35.86
C THR G 222 -18.64 13.04 37.32
N HIS G 223 -17.65 12.60 38.10
CA HIS G 223 -17.83 12.31 39.53
C HIS G 223 -17.96 13.60 40.35
N GLN G 224 -17.66 14.75 39.72
CA GLN G 224 -17.78 16.08 40.30
C GLN G 224 -19.19 16.62 40.07
N VAL G 225 -19.87 16.15 39.00
CA VAL G 225 -21.23 16.54 38.63
C VAL G 225 -22.22 15.49 39.14
N TYR G 226 -22.96 15.84 40.22
CA TYR G 226 -23.93 14.94 40.85
C TYR G 226 -25.21 15.66 41.29
N TRP G 227 -26.30 14.87 41.43
CA TRP G 227 -27.61 15.34 41.85
C TRP G 227 -28.01 14.61 43.12
N THR G 228 -28.32 15.36 44.19
CA THR G 228 -28.76 14.79 45.46
C THR G 228 -30.20 14.27 45.37
N GLY G 229 -30.66 13.58 46.41
CA GLY G 229 -32.03 13.07 46.50
C GLY G 229 -33.05 14.18 46.37
N LYS G 230 -32.72 15.37 46.92
CA LYS G 230 -33.53 16.58 46.88
C LYS G 230 -33.60 17.15 45.46
N ASP G 231 -32.49 17.07 44.69
CA ASP G 231 -32.43 17.51 43.29
C ASP G 231 -33.38 16.68 42.43
N LEU G 232 -33.41 15.36 42.69
CA LEU G 232 -34.28 14.38 42.04
C LEU G 232 -35.73 14.65 42.42
N GLU G 233 -35.97 14.96 43.72
CA GLU G 233 -37.28 15.29 44.28
C GLU G 233 -37.83 16.56 43.61
N ASP G 234 -36.96 17.57 43.38
CA ASP G 234 -37.29 18.83 42.71
C ASP G 234 -37.71 18.58 41.26
N LEU G 235 -37.07 17.59 40.61
CA LEU G 235 -37.34 17.17 39.24
C LEU G 235 -38.68 16.43 39.16
N GLY G 236 -39.02 15.68 40.22
CA GLY G 236 -40.28 14.94 40.32
C GLY G 236 -41.46 15.83 40.60
N ARG G 237 -41.25 16.86 41.45
CA ARG G 237 -42.26 17.85 41.83
C ARG G 237 -42.58 18.81 40.70
N SER G 238 -41.60 19.06 39.80
CA SER G 238 -41.71 19.95 38.64
C SER G 238 -42.83 19.55 37.67
N ASP G 239 -43.42 20.55 36.98
CA ASP G 239 -44.51 20.33 36.03
C ASP G 239 -43.97 20.09 34.60
N SER G 240 -42.89 19.30 34.50
CA SER G 240 -42.22 18.94 33.26
C SER G 240 -42.44 17.44 32.95
N LYS G 241 -42.82 17.15 31.70
CA LYS G 241 -43.09 15.80 31.18
C LYS G 241 -41.85 14.90 31.35
N PHE G 242 -40.67 15.45 31.00
CA PHE G 242 -39.37 14.78 31.06
C PHE G 242 -38.87 14.63 32.48
N GLY G 243 -38.94 15.71 33.26
CA GLY G 243 -38.51 15.73 34.66
C GLY G 243 -39.18 14.69 35.52
N LYS G 244 -40.52 14.58 35.36
CA LYS G 244 -41.35 13.60 36.06
C LYS G 244 -41.00 12.16 35.62
N TYR G 245 -40.75 11.97 34.30
CA TYR G 245 -40.37 10.68 33.71
C TYR G 245 -39.03 10.21 34.26
N LEU G 246 -38.01 11.09 34.22
CA LEU G 246 -36.65 10.80 34.68
C LEU G 246 -36.59 10.49 36.15
N TYR G 247 -37.46 11.14 36.97
CA TYR G 247 -37.55 10.91 38.41
C TYR G 247 -37.96 9.46 38.70
N ALA G 248 -38.93 8.92 37.93
CA ALA G 248 -39.43 7.55 38.04
C ALA G 248 -38.34 6.51 37.75
N ALA G 249 -37.55 6.74 36.68
CA ALA G 249 -36.45 5.86 36.28
C ALA G 249 -35.26 5.97 37.25
N SER G 250 -35.07 7.16 37.86
CA SER G 250 -33.99 7.49 38.79
C SER G 250 -33.96 6.67 40.07
N HIS G 251 -35.13 6.22 40.58
CA HIS G 251 -35.27 5.45 41.80
C HIS G 251 -34.32 4.25 41.92
N PHE G 252 -34.23 3.44 40.84
CA PHE G 252 -33.34 2.27 40.79
C PHE G 252 -31.86 2.68 40.73
N TYR G 253 -31.55 3.75 39.94
CA TYR G 253 -30.21 4.31 39.77
C TYR G 253 -29.71 4.92 41.10
N ALA G 254 -30.63 5.49 41.89
CA ALA G 254 -30.36 6.10 43.20
C ALA G 254 -30.02 5.04 44.24
N THR G 255 -30.76 3.91 44.24
CA THR G 255 -30.55 2.79 45.16
C THR G 255 -29.18 2.13 44.93
N TYR G 256 -28.68 2.14 43.66
CA TYR G 256 -27.37 1.60 43.28
C TYR G 256 -26.25 2.44 43.89
N HIS G 257 -26.29 3.78 43.69
CA HIS G 257 -25.31 4.74 44.21
C HIS G 257 -25.25 4.71 45.74
N ARG G 258 -26.40 4.47 46.39
CA ARG G 258 -26.54 4.39 47.84
C ARG G 258 -25.90 3.13 48.43
N GLU G 259 -25.79 2.04 47.65
CA GLU G 259 -25.18 0.80 48.10
C GLU G 259 -23.74 0.57 47.59
N ALA G 260 -23.42 1.14 46.41
CA ALA G 260 -22.08 1.02 45.81
C ALA G 260 -21.12 2.11 46.27
N TYR G 261 -21.56 3.39 46.23
CA TYR G 261 -20.75 4.55 46.62
C TYR G 261 -21.11 5.08 48.02
N ASP G 262 -22.27 4.66 48.57
CA ASP G 262 -22.84 5.07 49.86
C ASP G 262 -23.00 6.60 49.95
N ILE G 263 -23.79 7.14 49.00
CA ILE G 263 -24.08 8.56 48.83
C ILE G 263 -25.58 8.75 48.49
N ASP G 264 -26.18 9.85 48.97
CA ASP G 264 -27.58 10.17 48.68
C ASP G 264 -27.60 11.11 47.45
N ALA G 265 -26.91 10.66 46.37
CA ALA G 265 -26.76 11.38 45.12
C ALA G 265 -26.41 10.46 43.96
N ILE G 266 -26.72 10.88 42.72
CA ILE G 266 -26.40 10.12 41.50
C ILE G 266 -25.42 10.89 40.62
N TYR G 267 -24.38 10.21 40.11
CA TYR G 267 -23.41 10.85 39.21
C TYR G 267 -24.02 11.01 37.84
N LEU G 268 -24.00 12.25 37.33
CA LEU G 268 -24.55 12.61 36.04
C LEU G 268 -23.46 12.44 34.98
N HIS G 269 -23.23 11.18 34.55
CA HIS G 269 -22.19 10.84 33.57
C HIS G 269 -22.54 11.34 32.18
N ASP G 270 -23.51 10.69 31.52
CA ASP G 270 -23.99 11.00 30.18
C ASP G 270 -24.56 12.43 30.03
N PRO G 271 -25.39 12.97 30.97
CA PRO G 271 -25.90 14.34 30.78
C PRO G 271 -24.84 15.45 30.87
N ALA G 272 -23.74 15.24 31.64
CA ALA G 272 -22.65 16.21 31.76
C ALA G 272 -21.87 16.30 30.45
N THR G 273 -21.77 15.17 29.71
CA THR G 273 -21.13 15.06 28.40
C THR G 273 -21.96 15.85 27.38
N MET G 274 -23.30 15.81 27.53
CA MET G 274 -24.24 16.55 26.67
C MET G 274 -24.11 18.06 26.88
N VAL G 275 -23.75 18.48 28.11
CA VAL G 275 -23.55 19.88 28.47
C VAL G 275 -22.34 20.44 27.70
N ALA G 276 -21.27 19.64 27.52
CA ALA G 276 -20.08 20.01 26.75
C ALA G 276 -20.44 20.31 25.28
N ALA G 277 -21.46 19.61 24.73
CA ALA G 277 -21.96 19.83 23.37
C ALA G 277 -22.72 21.15 23.30
N VAL G 278 -23.49 21.47 24.37
CA VAL G 278 -24.30 22.68 24.52
C VAL G 278 -23.38 23.89 24.75
N ASP G 279 -22.60 23.88 25.84
CA ASP G 279 -21.67 24.94 26.21
C ASP G 279 -20.32 24.35 26.67
N PRO G 280 -19.29 24.33 25.79
CA PRO G 280 -18.01 23.74 26.19
C PRO G 280 -17.19 24.61 27.15
N SER G 281 -17.57 25.89 27.33
CA SER G 281 -16.91 26.86 28.21
C SER G 281 -16.96 26.45 29.69
N LEU G 282 -17.93 25.58 30.05
CA LEU G 282 -18.13 25.08 31.42
C LEU G 282 -17.06 24.07 31.86
N MET G 283 -16.14 23.73 30.93
CA MET G 283 -15.03 22.79 31.18
C MET G 283 -13.70 23.33 30.66
N THR G 284 -12.61 22.97 31.35
CA THR G 284 -11.23 23.32 30.99
C THR G 284 -10.61 22.09 30.36
N TYR G 285 -9.96 22.25 29.21
CA TYR G 285 -9.37 21.12 28.50
C TYR G 285 -7.86 21.17 28.37
N ALA G 286 -7.24 19.99 28.31
CA ALA G 286 -5.81 19.81 28.11
C ALA G 286 -5.63 19.04 26.81
N THR G 287 -4.76 19.54 25.93
CA THR G 287 -4.50 18.91 24.63
C THR G 287 -3.31 17.98 24.72
N GLY G 288 -3.47 16.76 24.20
CA GLY G 288 -2.44 15.73 24.18
C GLY G 288 -2.93 14.40 23.66
N ALA G 289 -2.03 13.40 23.60
CA ALA G 289 -2.32 12.05 23.09
C ALA G 289 -2.90 11.12 24.15
N VAL G 290 -3.89 10.30 23.75
CA VAL G 290 -4.56 9.31 24.61
C VAL G 290 -4.40 7.91 24.01
N ARG G 291 -3.93 6.95 24.83
CA ARG G 291 -3.78 5.56 24.44
C ARG G 291 -4.53 4.66 25.42
N VAL G 292 -5.06 3.52 24.92
CA VAL G 292 -5.85 2.58 25.72
C VAL G 292 -5.16 1.22 25.80
N GLN G 293 -4.98 0.69 27.03
CA GLN G 293 -4.42 -0.63 27.28
C GLN G 293 -5.50 -1.66 26.95
N LYS G 294 -5.24 -2.55 25.95
CA LYS G 294 -6.23 -3.53 25.52
C LYS G 294 -6.26 -4.87 26.27
N ASP G 295 -5.13 -5.26 26.90
CA ASP G 295 -5.02 -6.52 27.63
C ASP G 295 -4.81 -6.27 29.12
N GLY G 296 -5.51 -7.06 29.96
CA GLY G 296 -5.48 -6.95 31.42
C GLY G 296 -4.11 -7.14 32.04
N ILE G 297 -3.91 -6.88 33.35
CA ILE G 297 -4.81 -6.43 34.43
C ILE G 297 -5.45 -5.06 34.19
N CYS G 298 -4.72 -4.14 33.55
CA CYS G 298 -5.17 -2.77 33.27
C CYS G 298 -5.93 -2.62 31.95
N LYS G 299 -6.70 -3.64 31.53
CA LYS G 299 -7.53 -3.61 30.32
C LYS G 299 -8.52 -2.45 30.45
N GLY G 300 -8.59 -1.61 29.42
CA GLY G 300 -9.49 -0.46 29.37
C GLY G 300 -8.99 0.81 30.02
N LEU G 301 -7.69 0.85 30.42
CA LEU G 301 -7.11 2.03 31.04
C LEU G 301 -6.82 3.10 29.99
N THR G 302 -7.24 4.34 30.26
CA THR G 302 -7.00 5.48 29.37
C THR G 302 -5.84 6.29 29.90
N LEU G 303 -4.77 6.41 29.11
CA LEU G 303 -3.61 7.19 29.54
C LEU G 303 -3.37 8.40 28.65
N PHE G 304 -3.37 9.58 29.28
CA PHE G 304 -3.19 10.88 28.64
C PHE G 304 -1.78 11.43 28.82
N ASN G 305 -1.17 11.90 27.72
CA ASN G 305 0.16 12.51 27.72
C ASN G 305 0.00 14.01 27.42
N ASN G 306 0.19 14.85 28.45
CA ASN G 306 0.06 16.33 28.47
C ASN G 306 0.53 17.17 27.24
N SER G 307 1.25 16.56 26.28
CA SER G 307 1.79 17.11 25.01
C SER G 307 3.02 18.01 25.13
N ASN G 308 3.06 18.89 26.16
CA ASN G 308 4.20 19.78 26.43
C ASN G 308 5.43 18.98 26.94
N LYS G 309 5.41 17.64 26.74
CA LYS G 309 6.45 16.71 27.18
C LYS G 309 7.48 16.37 26.10
N VAL G 310 8.75 16.68 26.37
CA VAL G 310 9.89 16.39 25.50
C VAL G 310 10.34 14.95 25.83
N TRP G 311 10.31 14.06 24.82
CA TRP G 311 10.65 12.66 25.03
C TRP G 311 11.89 12.25 24.25
N HIS G 312 13.05 12.20 24.94
CA HIS G 312 14.32 11.78 24.34
C HIS G 312 14.27 10.25 24.24
N ASP G 313 13.71 9.76 23.12
CA ASP G 313 13.42 8.39 22.68
C ASP G 313 11.90 8.24 22.55
N PRO G 314 11.40 7.91 21.34
CA PRO G 314 9.94 7.84 21.15
C PRO G 314 9.17 6.87 22.02
N THR G 315 7.97 7.31 22.43
CA THR G 315 7.03 6.55 23.26
C THR G 315 5.83 6.17 22.39
N ASP G 316 4.90 5.37 22.93
CA ASP G 316 3.69 4.96 22.21
C ASP G 316 2.64 6.09 22.13
N TRP G 317 2.99 7.27 22.68
CA TRP G 317 2.18 8.47 22.67
C TRP G 317 2.76 9.50 21.69
N CYS G 318 4.01 9.25 21.23
CA CYS G 318 4.72 10.08 20.26
C CYS G 318 4.19 9.84 18.86
N GLY G 319 3.88 10.93 18.16
CA GLY G 319 3.34 10.92 16.81
C GLY G 319 1.86 10.57 16.72
N ILE G 320 1.17 10.58 17.87
CA ILE G 320 -0.26 10.28 17.97
C ILE G 320 -1.04 11.60 17.92
N PRO G 321 -2.11 11.70 17.09
CA PRO G 321 -2.88 12.96 17.01
C PRO G 321 -3.44 13.42 18.37
N PRO G 322 -3.23 14.70 18.74
CA PRO G 322 -3.72 15.16 20.05
C PRO G 322 -5.24 15.32 20.13
N VAL G 323 -5.78 15.17 21.35
CA VAL G 323 -7.21 15.27 21.65
C VAL G 323 -7.42 16.17 22.88
N LYS G 324 -8.60 16.80 22.99
CA LYS G 324 -8.91 17.68 24.14
C LYS G 324 -9.50 16.81 25.25
N VAL G 325 -8.89 16.84 26.45
CA VAL G 325 -9.34 16.07 27.60
C VAL G 325 -9.78 17.02 28.71
N ALA G 326 -11.05 16.89 29.16
CA ALA G 326 -11.63 17.72 30.22
C ALA G 326 -10.89 17.50 31.54
N VAL G 327 -10.38 18.59 32.12
CA VAL G 327 -9.62 18.61 33.37
C VAL G 327 -10.47 19.13 34.55
N THR G 328 -11.14 20.29 34.37
CA THR G 328 -11.98 20.88 35.41
C THR G 328 -13.39 21.21 34.93
N VAL G 329 -14.37 21.16 35.85
CA VAL G 329 -15.79 21.44 35.61
C VAL G 329 -16.29 22.56 36.50
N ASP G 330 -17.36 23.23 36.04
CA ASP G 330 -18.07 24.24 36.81
C ASP G 330 -19.33 23.52 37.32
N ARG G 331 -19.11 22.51 38.20
CA ARG G 331 -20.14 21.63 38.77
C ARG G 331 -21.49 22.28 39.10
N GLU G 332 -21.47 23.51 39.64
CA GLU G 332 -22.67 24.27 39.97
C GLU G 332 -23.45 24.66 38.72
N ARG G 333 -22.75 25.23 37.71
CA ARG G 333 -23.35 25.66 36.45
C ARG G 333 -23.81 24.50 35.56
N VAL G 334 -23.14 23.33 35.65
CA VAL G 334 -23.49 22.13 34.87
C VAL G 334 -24.79 21.55 35.42
N ALA G 335 -24.86 21.37 36.76
CA ALA G 335 -26.03 20.84 37.46
C ALA G 335 -27.23 21.80 37.43
N SER G 336 -26.99 23.12 37.30
CA SER G 336 -28.08 24.11 37.24
C SER G 336 -28.73 24.10 35.86
N LEU G 337 -27.90 23.94 34.79
CA LEU G 337 -28.35 23.87 33.39
C LEU G 337 -29.13 22.58 33.19
N LEU G 338 -28.64 21.47 33.77
CA LEU G 338 -29.31 20.16 33.76
C LEU G 338 -30.28 20.22 34.93
N LYS G 339 -31.36 21.00 34.80
CA LYS G 339 -32.40 21.20 35.80
C LYS G 339 -33.33 22.25 35.26
N GLU G 340 -32.82 23.46 34.97
CA GLU G 340 -33.61 24.54 34.39
C GLU G 340 -34.22 24.13 33.04
N ARG G 341 -33.55 23.19 32.34
CA ARG G 341 -33.96 22.63 31.06
C ARG G 341 -34.92 21.44 31.27
N LEU G 342 -34.65 20.60 32.29
CA LEU G 342 -35.44 19.41 32.60
C LEU G 342 -36.64 19.66 33.52
N THR G 343 -36.77 20.90 34.07
CA THR G 343 -37.84 21.34 34.97
C THR G 343 -38.84 22.25 34.21
N ALA G 344 -38.35 22.95 33.15
CA ALA G 344 -39.15 23.84 32.31
C ALA G 344 -40.34 23.12 31.64
N PRO G 345 -41.57 23.70 31.71
CA PRO G 345 -42.72 23.03 31.09
C PRO G 345 -42.92 23.43 29.63
N PRO H 28 17.28 1.68 69.05
CA PRO H 28 17.90 2.58 68.05
C PRO H 28 19.42 2.41 67.95
N PRO H 29 20.06 2.59 66.76
CA PRO H 29 19.50 2.94 65.44
C PRO H 29 18.99 1.75 64.64
N LYS H 30 18.25 1.99 63.54
CA LYS H 30 17.72 0.92 62.69
C LYS H 30 18.70 0.45 61.61
N LYS H 31 18.78 -0.89 61.44
CA LYS H 31 19.65 -1.53 60.44
C LYS H 31 19.06 -1.32 59.05
N VAL H 32 19.91 -0.89 58.10
CA VAL H 32 19.47 -0.57 56.74
C VAL H 32 20.38 -1.21 55.66
N ILE H 33 19.75 -1.85 54.65
CA ILE H 33 20.40 -2.41 53.46
C ILE H 33 19.87 -1.56 52.29
N ILE H 34 20.76 -1.04 51.44
CA ILE H 34 20.33 -0.20 50.33
C ILE H 34 20.57 -0.78 48.94
N ASP H 35 19.46 -1.16 48.23
CA ASP H 35 19.48 -1.70 46.87
C ASP H 35 19.61 -0.50 45.93
N THR H 36 20.83 -0.28 45.40
CA THR H 36 21.14 0.90 44.60
C THR H 36 21.77 0.67 43.22
N ASP H 37 21.65 1.70 42.35
CA ASP H 37 22.22 1.80 41.01
C ASP H 37 22.91 3.19 40.91
N PRO H 38 24.05 3.42 41.61
CA PRO H 38 24.67 4.75 41.60
C PRO H 38 25.29 5.23 40.28
N GLY H 39 24.79 6.32 39.69
CA GLY H 39 23.66 7.12 40.16
C GLY H 39 24.04 8.30 41.03
N ILE H 40 23.81 9.53 40.51
CA ILE H 40 24.08 10.81 41.19
C ILE H 40 23.13 10.96 42.37
N ASP H 41 21.81 10.79 42.13
CA ASP H 41 20.76 10.87 43.14
C ASP H 41 20.89 9.74 44.16
N ASP H 42 21.39 8.57 43.70
CA ASP H 42 21.63 7.40 44.55
C ASP H 42 22.78 7.71 45.51
N ALA H 43 23.86 8.35 45.00
CA ALA H 43 25.04 8.77 45.78
C ALA H 43 24.62 9.74 46.89
N MET H 44 23.68 10.67 46.58
CA MET H 44 23.12 11.65 47.50
C MET H 44 22.45 10.95 48.67
N ALA H 45 21.61 9.93 48.35
CA ALA H 45 20.87 9.11 49.32
C ALA H 45 21.82 8.29 50.19
N ILE H 46 22.85 7.67 49.56
CA ILE H 46 23.88 6.87 50.25
C ILE H 46 24.59 7.75 51.28
N PHE H 47 25.10 8.93 50.85
CA PHE H 47 25.79 9.90 51.70
C PHE H 47 24.93 10.41 52.85
N PHE H 48 23.65 10.72 52.57
CA PHE H 48 22.69 11.20 53.57
C PHE H 48 22.43 10.13 54.64
N ALA H 49 22.33 8.84 54.22
CA ALA H 49 22.13 7.72 55.12
C ALA H 49 23.33 7.54 56.04
N LEU H 50 24.54 7.78 55.50
CA LEU H 50 25.81 7.69 56.22
C LEU H 50 26.01 8.86 57.18
N LYS H 51 25.28 9.97 56.96
CA LYS H 51 25.32 11.17 57.79
C LYS H 51 24.14 11.22 58.79
N SER H 52 23.21 10.24 58.70
CA SER H 52 22.05 10.16 59.60
C SER H 52 22.29 9.16 60.74
N PRO H 53 22.45 9.65 62.00
CA PRO H 53 22.71 8.74 63.14
C PRO H 53 21.60 7.72 63.45
N GLU H 54 20.35 8.00 63.04
CA GLU H 54 19.19 7.12 63.27
C GLU H 54 19.19 5.86 62.39
N LEU H 55 20.09 5.79 61.40
CA LEU H 55 20.25 4.64 60.51
C LEU H 55 21.62 4.03 60.68
N ASP H 56 21.71 2.70 60.58
CA ASP H 56 22.95 1.94 60.61
C ASP H 56 23.03 1.18 59.29
N VAL H 57 23.85 1.69 58.35
CA VAL H 57 24.02 1.08 57.04
C VAL H 57 24.83 -0.22 57.20
N ILE H 58 24.10 -1.34 57.34
CA ILE H 58 24.69 -2.66 57.52
C ILE H 58 25.35 -3.22 56.25
N ALA H 59 24.79 -2.87 55.05
CA ALA H 59 25.28 -3.30 53.73
C ALA H 59 24.67 -2.52 52.56
N LEU H 60 25.24 -2.66 51.35
CA LEU H 60 24.79 -2.06 50.10
C LEU H 60 24.70 -3.13 49.03
N THR H 61 23.55 -3.25 48.35
CA THR H 61 23.38 -4.22 47.27
C THR H 61 23.22 -3.50 45.93
N THR H 62 23.99 -3.93 44.92
CA THR H 62 23.95 -3.28 43.61
C THR H 62 23.00 -3.92 42.61
N ILE H 63 22.46 -3.08 41.71
CA ILE H 63 21.51 -3.45 40.66
C ILE H 63 21.71 -2.53 39.43
N TYR H 64 21.16 -2.93 38.28
CA TYR H 64 21.18 -2.15 37.03
C TYR H 64 20.17 -0.98 37.13
N GLY H 65 20.04 -0.19 36.08
CA GLY H 65 19.11 0.93 36.04
C GLY H 65 19.73 2.15 35.42
N ASN H 66 20.33 3.02 36.25
CA ASN H 66 21.03 4.23 35.80
C ASN H 66 22.32 3.78 35.08
N VAL H 67 22.97 2.75 35.66
CA VAL H 67 24.21 2.14 35.18
C VAL H 67 24.06 0.62 35.14
N ARG H 68 25.01 -0.07 34.47
CA ARG H 68 25.08 -1.52 34.39
C ARG H 68 25.46 -2.03 35.78
N THR H 69 25.01 -3.24 36.16
CA THR H 69 25.32 -3.83 37.47
C THR H 69 26.83 -3.79 37.84
N PRO H 70 27.79 -4.14 36.95
CA PRO H 70 29.20 -4.03 37.34
C PRO H 70 29.64 -2.59 37.62
N THR H 71 29.12 -1.61 36.85
CA THR H 71 29.40 -0.17 37.01
C THR H 71 28.87 0.31 38.36
N ALA H 72 27.64 -0.13 38.73
CA ALA H 72 26.98 0.19 40.00
C ALA H 72 27.83 -0.27 41.18
N THR H 73 28.41 -1.48 41.09
CA THR H 73 29.27 -2.08 42.12
C THR H 73 30.53 -1.24 42.32
N VAL H 74 31.21 -0.90 41.22
CA VAL H 74 32.42 -0.08 41.16
C VAL H 74 32.16 1.27 41.84
N ASN H 75 31.05 1.93 41.48
CA ASN H 75 30.63 3.22 42.02
C ASN H 75 30.28 3.13 43.50
N ALA H 76 29.52 2.09 43.92
CA ALA H 76 29.12 1.87 45.32
C ALA H 76 30.33 1.64 46.23
N LEU H 77 31.33 0.86 45.73
CA LEU H 77 32.58 0.59 46.45
C LEU H 77 33.35 1.89 46.62
N HIS H 78 33.41 2.71 45.54
CA HIS H 78 34.07 4.01 45.51
C HIS H 78 33.45 5.02 46.48
N LEU H 79 32.09 5.09 46.51
CA LEU H 79 31.36 6.01 47.38
C LEU H 79 31.61 5.72 48.86
N LEU H 80 31.67 4.43 49.23
CA LEU H 80 31.94 4.00 50.61
C LEU H 80 33.38 4.27 51.01
N GLU H 81 34.32 4.24 50.05
CA GLU H 81 35.74 4.55 50.25
C GLU H 81 35.87 6.03 50.59
N PHE H 82 35.17 6.89 49.79
CA PHE H 82 35.14 8.34 49.95
C PHE H 82 34.52 8.71 51.29
N ALA H 83 33.44 8.02 51.69
CA ALA H 83 32.74 8.21 52.96
C ALA H 83 33.55 7.73 54.15
N GLY H 84 34.57 6.90 53.89
CA GLY H 84 35.45 6.35 54.91
C GLY H 84 34.92 5.03 55.47
N ARG H 85 33.60 4.80 55.33
CA ARG H 85 32.92 3.60 55.80
C ARG H 85 33.22 2.39 54.88
N GLU H 86 34.50 1.97 54.89
CA GLU H 86 35.01 0.84 54.12
C GLU H 86 34.59 -0.50 54.72
N ASP H 87 34.12 -0.48 55.99
CA ASP H 87 33.61 -1.62 56.75
C ASP H 87 32.34 -2.20 56.12
N ILE H 88 31.55 -1.34 55.45
CA ILE H 88 30.29 -1.70 54.80
C ILE H 88 30.51 -2.60 53.58
N PRO H 89 29.93 -3.83 53.59
CA PRO H 89 30.08 -4.73 52.43
C PRO H 89 29.22 -4.31 51.24
N VAL H 90 29.71 -4.63 50.01
CA VAL H 90 29.01 -4.35 48.76
C VAL H 90 28.69 -5.72 48.14
N SER H 91 27.39 -6.02 47.96
CA SER H 91 26.97 -7.31 47.39
C SER H 91 26.36 -7.09 45.99
N GLU H 92 27.03 -7.63 44.95
CA GLU H 92 26.54 -7.48 43.57
C GLU H 92 25.30 -8.33 43.31
N GLY H 93 24.35 -7.75 42.61
CA GLY H 93 23.08 -8.40 42.27
C GLY H 93 22.92 -8.71 40.80
N PHE H 94 21.65 -8.79 40.37
CA PHE H 94 21.24 -9.13 39.00
C PHE H 94 21.80 -8.18 37.95
N ARG H 95 22.37 -8.76 36.88
CA ARG H 95 22.94 -8.05 35.73
C ARG H 95 21.88 -7.90 34.62
N THR H 96 20.79 -8.69 34.73
CA THR H 96 19.64 -8.73 33.82
C THR H 96 18.37 -8.62 34.65
N SER H 97 17.20 -8.55 33.98
CA SER H 97 15.91 -8.55 34.68
C SER H 97 15.67 -9.95 35.29
N LEU H 98 14.63 -10.11 36.12
CA LEU H 98 14.32 -11.39 36.76
C LEU H 98 14.16 -12.51 35.75
N ARG H 99 13.50 -12.22 34.60
CA ARG H 99 13.29 -13.21 33.55
C ARG H 99 14.36 -13.16 32.43
N GLY H 100 15.58 -12.82 32.82
CA GLY H 100 16.76 -12.77 31.95
C GLY H 100 16.78 -11.75 30.84
N GLU H 101 15.99 -10.67 30.93
CA GLU H 101 16.00 -9.61 29.91
C GLU H 101 17.29 -8.81 30.09
N LEU H 102 18.17 -8.85 29.08
CA LEU H 102 19.48 -8.20 29.08
C LEU H 102 19.46 -6.71 29.37
N LYS H 103 20.22 -6.29 30.39
CA LYS H 103 20.30 -4.90 30.81
C LYS H 103 21.63 -4.22 30.48
N GLU H 104 22.28 -4.72 29.41
CA GLU H 104 23.53 -4.18 28.87
C GLU H 104 23.09 -3.11 27.87
N ARG H 105 23.93 -2.08 27.68
CA ARG H 105 23.66 -0.93 26.82
C ARG H 105 22.45 -0.13 27.27
N ILE H 106 22.68 0.80 28.22
CA ILE H 106 21.65 1.66 28.82
C ILE H 106 22.03 3.14 28.81
N ALA H 107 21.01 4.00 28.62
CA ALA H 107 21.07 5.46 28.51
C ALA H 107 21.98 6.17 29.52
N ASP H 108 22.84 7.08 29.01
CA ASP H 108 23.80 7.85 29.80
C ASP H 108 23.52 9.37 29.80
N PHE H 109 22.39 9.80 29.20
CA PHE H 109 22.02 11.22 29.14
C PHE H 109 21.60 11.83 30.48
N VAL H 110 21.33 10.98 31.49
CA VAL H 110 20.89 11.42 32.81
C VAL H 110 22.01 11.39 33.88
N HIS H 111 22.79 10.29 33.95
CA HIS H 111 23.86 10.13 34.95
C HIS H 111 25.32 10.13 34.42
N GLY H 112 25.48 10.16 33.10
CA GLY H 112 26.79 10.18 32.46
C GLY H 112 27.30 8.79 32.12
N ALA H 113 28.44 8.74 31.42
CA ALA H 113 29.10 7.49 31.01
C ALA H 113 29.56 6.68 32.23
N ASP H 114 30.21 7.35 33.20
CA ASP H 114 30.71 6.74 34.44
C ASP H 114 29.59 6.43 35.44
N GLY H 115 28.47 7.15 35.31
CA GLY H 115 27.31 7.03 36.19
C GLY H 115 27.32 8.00 37.35
N LEU H 116 28.42 8.77 37.48
CA LEU H 116 28.60 9.76 38.52
C LEU H 116 28.79 11.18 37.93
N GLY H 117 27.93 11.52 36.98
CA GLY H 117 27.90 12.81 36.30
C GLY H 117 29.16 13.21 35.54
N ASN H 118 29.82 12.22 34.90
CA ASN H 118 31.06 12.38 34.12
C ASN H 118 32.22 13.02 34.88
N THR H 119 32.31 12.73 36.20
CA THR H 119 33.37 13.23 37.08
C THR H 119 34.61 12.35 36.95
N TYR H 120 34.41 11.08 36.52
CA TYR H 120 35.44 10.04 36.32
C TYR H 120 36.35 9.90 37.55
N PRO H 121 35.88 9.27 38.65
CA PRO H 121 36.71 9.16 39.85
C PRO H 121 37.86 8.18 39.72
N THR H 122 38.91 8.38 40.55
CA THR H 122 40.11 7.56 40.56
C THR H 122 39.94 6.22 41.32
N LEU H 123 39.01 5.36 40.85
CA LEU H 123 38.74 4.02 41.39
C LEU H 123 39.99 3.08 41.07
N SER H 124 40.50 2.14 41.91
CA SER H 124 40.25 1.38 43.16
C SER H 124 40.28 -0.10 42.80
N ASP H 125 40.90 -0.91 43.68
CA ASP H 125 40.98 -2.36 43.51
C ASP H 125 40.03 -3.13 44.44
N ARG H 126 39.27 -2.40 45.29
CA ARG H 126 38.31 -2.97 46.23
C ARG H 126 37.25 -3.78 45.48
N LYS H 127 36.95 -4.98 45.97
CA LYS H 127 36.03 -5.90 45.29
C LYS H 127 34.77 -6.25 46.11
N PRO H 128 33.63 -6.60 45.45
CA PRO H 128 32.41 -6.96 46.23
C PRO H 128 32.55 -8.24 47.07
N ILE H 129 31.71 -8.38 48.09
CA ILE H 129 31.72 -9.50 49.05
C ILE H 129 31.36 -10.92 48.53
N ASP H 130 31.65 -11.21 47.25
CA ASP H 130 31.44 -12.51 46.57
C ASP H 130 30.06 -13.22 46.68
N THR H 131 29.24 -12.86 47.68
CA THR H 131 27.89 -13.40 47.90
C THR H 131 26.94 -12.62 46.99
N PHE H 132 26.00 -13.31 46.35
CA PHE H 132 25.00 -12.70 45.46
C PHE H 132 23.98 -11.93 46.28
N ALA H 133 23.62 -10.71 45.84
CA ALA H 133 22.66 -9.83 46.53
C ALA H 133 21.36 -10.48 47.04
N PRO H 134 20.56 -11.24 46.23
CA PRO H 134 19.35 -11.87 46.80
C PRO H 134 19.67 -12.90 47.88
N ASP H 135 20.74 -13.69 47.67
CA ASP H 135 21.23 -14.70 48.61
C ASP H 135 21.66 -14.03 49.93
N TYR H 136 22.37 -12.88 49.83
CA TYR H 136 22.83 -12.08 50.95
C TYR H 136 21.66 -11.44 51.71
N LEU H 137 20.63 -10.98 50.96
CA LEU H 137 19.42 -10.37 51.50
C LEU H 137 18.68 -11.34 52.41
N ILE H 138 18.53 -12.61 51.97
CA ILE H 138 17.88 -13.67 52.74
C ILE H 138 18.73 -13.97 53.99
N GLN H 139 20.07 -14.09 53.82
CA GLN H 139 21.04 -14.35 54.89
C GLN H 139 20.94 -13.33 56.03
N LYS H 140 21.01 -12.02 55.68
CA LYS H 140 20.96 -10.94 56.67
C LYS H 140 19.60 -10.74 57.32
N VAL H 141 18.51 -11.10 56.62
CA VAL H 141 17.17 -10.97 57.19
C VAL H 141 16.84 -12.10 58.19
N ASN H 142 17.40 -13.30 57.98
CA ASN H 142 17.22 -14.44 58.89
C ASN H 142 18.05 -14.17 60.14
N GLU H 143 19.22 -13.53 59.96
CA GLU H 143 20.17 -13.12 61.00
C GLU H 143 19.51 -12.10 61.95
N PHE H 144 18.76 -11.13 61.39
CA PHE H 144 18.05 -10.10 62.16
C PHE H 144 16.59 -9.99 61.70
N PRO H 145 15.69 -10.88 62.17
CA PRO H 145 14.29 -10.82 61.72
C PRO H 145 13.52 -9.63 62.27
N GLY H 146 12.86 -8.88 61.38
CA GLY H 146 12.07 -7.69 61.69
C GLY H 146 12.88 -6.49 62.12
N GLU H 147 14.20 -6.49 61.85
CA GLU H 147 15.13 -5.41 62.20
C GLU H 147 15.63 -4.67 60.96
N ILE H 148 15.89 -5.42 59.87
CA ILE H 148 16.41 -4.92 58.59
C ILE H 148 15.36 -4.13 57.82
N THR H 149 15.73 -2.92 57.37
CA THR H 149 14.89 -2.04 56.56
C THR H 149 15.57 -1.91 55.20
N ILE H 150 14.97 -2.51 54.15
CA ILE H 150 15.57 -2.43 52.80
C ILE H 150 15.05 -1.21 52.05
N VAL H 151 15.97 -0.31 51.67
CA VAL H 151 15.63 0.88 50.91
C VAL H 151 15.98 0.62 49.44
N ALA H 152 14.95 0.32 48.63
CA ALA H 152 15.10 0.02 47.20
C ALA H 152 15.12 1.33 46.41
N LEU H 153 16.32 1.68 45.91
CA LEU H 153 16.59 2.90 45.14
C LEU H 153 16.75 2.61 43.64
N GLY H 154 16.53 1.36 43.26
CA GLY H 154 16.60 0.88 41.89
C GLY H 154 15.55 -0.18 41.61
N PRO H 155 15.61 -0.87 40.44
CA PRO H 155 14.62 -1.93 40.14
C PRO H 155 14.57 -3.04 41.21
N LEU H 156 13.36 -3.54 41.48
CA LEU H 156 13.09 -4.53 42.54
C LEU H 156 13.50 -5.98 42.25
N THR H 157 14.36 -6.20 41.23
CA THR H 157 14.86 -7.51 40.79
C THR H 157 15.52 -8.33 41.90
N ASN H 158 16.47 -7.73 42.65
CA ASN H 158 17.18 -8.39 43.74
C ASN H 158 16.25 -8.83 44.85
N LEU H 159 15.26 -7.98 45.19
CA LEU H 159 14.28 -8.24 46.24
C LEU H 159 13.28 -9.31 45.83
N ALA H 160 12.82 -9.29 44.55
CA ALA H 160 11.86 -10.25 44.02
C ALA H 160 12.45 -11.64 43.94
N ALA H 161 13.76 -11.74 43.61
CA ALA H 161 14.50 -13.00 43.54
C ALA H 161 14.57 -13.63 44.92
N ALA H 162 14.78 -12.80 45.97
CA ALA H 162 14.83 -13.19 47.37
C ALA H 162 13.47 -13.72 47.84
N VAL H 163 12.37 -13.08 47.36
CA VAL H 163 10.98 -13.46 47.66
C VAL H 163 10.65 -14.79 46.99
N GLU H 164 11.04 -14.95 45.70
CA GLU H 164 10.83 -16.16 44.92
C GLU H 164 11.61 -17.35 45.48
N CYS H 165 12.83 -17.08 46.00
CA CYS H 165 13.71 -18.07 46.58
C CYS H 165 13.18 -18.55 47.94
N ASP H 166 13.07 -17.62 48.92
CA ASP H 166 12.56 -17.91 50.26
C ASP H 166 11.17 -17.27 50.45
N PRO H 167 10.09 -18.07 50.59
CA PRO H 167 8.75 -17.47 50.77
C PRO H 167 8.53 -16.78 52.12
N THR H 168 9.37 -17.09 53.12
CA THR H 168 9.30 -16.51 54.47
C THR H 168 10.05 -15.16 54.59
N PHE H 169 10.75 -14.74 53.51
CA PHE H 169 11.51 -13.50 53.42
C PHE H 169 10.65 -12.26 53.66
N ALA H 170 9.48 -12.19 53.00
CA ALA H 170 8.52 -11.08 53.09
C ALA H 170 8.08 -10.77 54.53
N LYS H 171 7.78 -11.81 55.32
CA LYS H 171 7.36 -11.62 56.71
C LYS H 171 8.54 -11.41 57.66
N LYS H 172 9.77 -11.76 57.22
CA LYS H 172 10.98 -11.59 58.00
C LYS H 172 11.60 -10.19 57.91
N VAL H 173 11.35 -9.46 56.79
CA VAL H 173 11.88 -8.10 56.61
C VAL H 173 11.15 -7.11 57.52
N GLY H 174 11.90 -6.18 58.09
CA GLY H 174 11.36 -5.14 58.95
C GLY H 174 10.43 -4.22 58.18
N GLN H 175 10.95 -3.63 57.08
CA GLN H 175 10.23 -2.76 56.17
C GLN H 175 10.96 -2.63 54.84
N ILE H 176 10.20 -2.42 53.74
CA ILE H 176 10.75 -2.21 52.41
C ILE H 176 10.31 -0.82 51.95
N ILE H 177 11.26 0.12 51.83
CA ILE H 177 10.97 1.46 51.35
C ILE H 177 11.37 1.52 49.87
N ILE H 178 10.37 1.64 48.99
CA ILE H 178 10.58 1.62 47.54
C ILE H 178 10.47 2.98 46.90
N LEU H 179 11.50 3.36 46.12
CA LEU H 179 11.46 4.53 45.26
C LEU H 179 11.03 3.93 43.93
N GLY H 180 9.82 4.27 43.51
CA GLY H 180 9.26 3.75 42.27
C GLY H 180 7.79 3.99 42.12
N GLY H 181 7.36 4.04 40.87
CA GLY H 181 5.96 4.22 40.49
C GLY H 181 5.55 5.66 40.29
N ALA H 182 4.43 5.83 39.58
CA ALA H 182 3.80 7.11 39.29
C ALA H 182 2.33 6.87 39.63
N PHE H 183 1.91 7.33 40.81
CA PHE H 183 0.56 7.12 41.32
C PHE H 183 -0.36 8.27 40.97
N GLN H 184 -1.25 8.02 39.98
CA GLN H 184 -2.22 8.97 39.41
C GLN H 184 -1.52 10.25 38.89
N VAL H 185 -0.39 10.03 38.20
CA VAL H 185 0.47 11.04 37.59
C VAL H 185 1.23 10.36 36.42
N ASN H 186 1.72 11.15 35.45
CA ASN H 186 2.46 10.61 34.32
C ASN H 186 3.86 10.13 34.73
N GLY H 187 4.37 9.11 34.03
CA GLY H 187 5.68 8.54 34.31
C GLY H 187 6.83 9.36 33.77
N ASN H 188 8.08 8.97 34.13
CA ASN H 188 9.30 9.67 33.69
C ASN H 188 10.02 8.98 32.52
N VAL H 189 9.86 7.65 32.36
CA VAL H 189 10.46 6.88 31.26
C VAL H 189 9.61 7.10 30.00
N ASN H 190 8.30 6.89 30.14
CA ASN H 190 7.26 7.08 29.13
C ASN H 190 6.06 7.66 29.87
N PRO H 191 5.00 8.20 29.20
CA PRO H 191 3.89 8.79 29.96
C PRO H 191 3.21 7.88 31.00
N ALA H 192 3.35 6.55 30.86
CA ALA H 192 2.73 5.59 31.76
C ALA H 192 3.59 5.10 32.91
N ALA H 193 4.89 4.88 32.68
CA ALA H 193 5.79 4.29 33.68
C ALA H 193 6.96 5.09 34.22
N GLU H 194 7.34 4.75 35.46
CA GLU H 194 8.48 5.28 36.20
C GLU H 194 9.66 4.31 35.99
N ALA H 195 10.88 4.87 35.87
CA ALA H 195 12.16 4.18 35.65
C ALA H 195 12.36 2.81 36.33
N ASN H 196 12.46 2.80 37.69
CA ASN H 196 12.71 1.60 38.49
C ASN H 196 11.69 0.48 38.28
N ILE H 197 10.40 0.83 38.13
CA ILE H 197 9.32 -0.13 37.89
C ILE H 197 9.36 -0.62 36.43
N TYR H 198 9.64 0.30 35.47
CA TYR H 198 9.75 -0.05 34.05
C TYR H 198 10.93 -0.99 33.80
N GLY H 199 11.97 -0.88 34.63
CA GLY H 199 13.17 -1.72 34.59
C GLY H 199 12.84 -3.19 34.72
N ASP H 200 11.94 -3.53 35.66
CA ASP H 200 11.47 -4.91 35.87
C ASP H 200 10.03 -4.89 36.40
N PRO H 201 9.01 -4.90 35.50
CA PRO H 201 7.61 -4.89 35.95
C PRO H 201 7.18 -6.18 36.64
N GLU H 202 7.78 -7.33 36.25
CA GLU H 202 7.50 -8.65 36.81
C GLU H 202 7.94 -8.68 38.27
N ALA H 203 9.16 -8.17 38.53
CA ALA H 203 9.76 -8.09 39.87
C ALA H 203 9.00 -7.13 40.77
N ALA H 204 8.52 -6.01 40.21
CA ALA H 204 7.76 -4.99 40.94
C ALA H 204 6.45 -5.57 41.43
N ASP H 205 5.69 -6.27 40.55
CA ASP H 205 4.42 -6.89 40.89
C ASP H 205 4.59 -7.98 41.95
N ILE H 206 5.73 -8.70 41.94
CA ILE H 206 6.06 -9.73 42.93
C ILE H 206 6.18 -9.10 44.33
N ILE H 207 6.90 -7.97 44.42
CA ILE H 207 7.13 -7.21 45.65
C ILE H 207 5.85 -6.57 46.20
N PHE H 208 5.08 -5.86 45.35
CA PHE H 208 3.83 -5.21 45.78
C PHE H 208 2.75 -6.19 46.26
N THR H 209 2.92 -7.50 45.94
CA THR H 209 2.01 -8.59 46.30
C THR H 209 2.60 -9.52 47.38
N CYS H 210 3.94 -9.48 47.61
CA CYS H 210 4.64 -10.32 48.57
C CYS H 210 4.11 -10.32 50.03
N GLY H 211 3.49 -9.22 50.45
CA GLY H 211 2.90 -9.10 51.78
C GLY H 211 3.76 -8.54 52.88
N ALA H 212 4.90 -7.95 52.53
CA ALA H 212 5.84 -7.35 53.48
C ALA H 212 5.39 -5.94 53.88
N ASP H 213 6.05 -5.35 54.91
CA ASP H 213 5.77 -3.97 55.36
C ASP H 213 6.38 -3.09 54.27
N ILE H 214 5.54 -2.56 53.39
CA ILE H 214 6.00 -1.76 52.26
C ILE H 214 5.57 -0.30 52.32
N LEU H 215 6.53 0.59 52.04
CA LEU H 215 6.34 2.03 51.98
C LEU H 215 6.77 2.49 50.56
N VAL H 216 5.78 2.91 49.74
CA VAL H 216 6.05 3.32 48.35
C VAL H 216 6.14 4.83 48.20
N VAL H 217 7.28 5.29 47.69
CA VAL H 217 7.56 6.70 47.42
C VAL H 217 7.63 6.84 45.89
N GLY H 218 6.54 7.32 45.30
CA GLY H 218 6.45 7.48 43.86
C GLY H 218 6.88 8.85 43.37
N ILE H 219 7.05 8.99 42.03
CA ILE H 219 7.44 10.26 41.40
C ILE H 219 6.42 11.37 41.58
N ASN H 220 5.18 11.00 41.96
CA ASN H 220 4.09 11.90 42.28
C ASN H 220 4.47 12.76 43.50
N ILE H 221 5.29 12.20 44.41
CA ILE H 221 5.77 12.92 45.59
C ILE H 221 7.23 13.41 45.46
N THR H 222 8.08 12.71 44.69
CA THR H 222 9.49 13.12 44.52
C THR H 222 9.62 14.35 43.62
N HIS H 223 8.63 14.59 42.74
CA HIS H 223 8.61 15.75 41.86
C HIS H 223 8.28 17.04 42.64
N GLN H 224 7.85 16.89 43.89
CA GLN H 224 7.54 17.97 44.82
C GLN H 224 8.81 18.37 45.59
N VAL H 225 9.75 17.42 45.75
CA VAL H 225 11.03 17.61 46.45
C VAL H 225 12.14 17.90 45.42
N TYR H 226 12.56 19.16 45.32
CA TYR H 226 13.58 19.60 44.37
C TYR H 226 14.56 20.61 44.95
N TRP H 227 15.75 20.71 44.33
CA TRP H 227 16.82 21.62 44.73
C TRP H 227 17.14 22.53 43.55
N THR H 228 17.07 23.85 43.76
CA THR H 228 17.39 24.85 42.73
C THR H 228 18.91 24.94 42.51
N GLY H 229 19.33 25.70 41.49
CA GLY H 229 20.73 25.92 41.18
C GLY H 229 21.47 26.54 42.35
N LYS H 230 20.78 27.42 43.10
CA LYS H 230 21.27 28.10 44.30
C LYS H 230 21.46 27.10 45.45
N ASP H 231 20.55 26.11 45.59
CA ASP H 231 20.64 25.06 46.62
C ASP H 231 21.90 24.22 46.40
N LEU H 232 22.20 23.91 45.12
CA LEU H 232 23.37 23.16 44.68
C LEU H 232 24.62 24.00 44.93
N GLU H 233 24.54 25.32 44.64
CA GLU H 233 25.62 26.29 44.84
C GLU H 233 25.96 26.37 46.34
N ASP H 234 24.94 26.36 47.22
CA ASP H 234 25.08 26.38 48.68
C ASP H 234 25.80 25.13 49.18
N LEU H 235 25.54 23.98 48.52
CA LEU H 235 26.14 22.69 48.81
C LEU H 235 27.61 22.67 48.37
N GLY H 236 27.92 23.37 47.28
CA GLY H 236 29.26 23.49 46.74
C GLY H 236 30.14 24.43 47.56
N ARG H 237 29.55 25.53 48.05
CA ARG H 237 30.22 26.54 48.88
C ARG H 237 30.50 26.03 50.28
N SER H 238 29.67 25.09 50.77
CA SER H 238 29.77 24.47 52.11
C SER H 238 31.09 23.77 52.34
N ASP H 239 31.55 23.75 53.61
CA ASP H 239 32.81 23.12 54.01
C ASP H 239 32.62 21.63 54.38
N SER H 240 31.79 20.93 53.58
CA SER H 240 31.47 19.51 53.73
C SER H 240 32.08 18.70 52.60
N LYS H 241 32.76 17.58 52.95
CA LYS H 241 33.41 16.64 52.03
C LYS H 241 32.40 16.08 51.01
N PHE H 242 31.21 15.69 51.50
CA PHE H 242 30.12 15.12 50.72
C PHE H 242 29.42 16.16 49.87
N GLY H 243 29.09 17.31 50.47
CA GLY H 243 28.41 18.41 49.80
C GLY H 243 29.16 18.90 48.57
N LYS H 244 30.48 19.09 48.71
CA LYS H 244 31.38 19.51 47.63
C LYS H 244 31.45 18.44 46.54
N TYR H 245 31.50 17.14 46.93
CA TYR H 245 31.54 15.99 46.01
C TYR H 245 30.27 15.92 45.18
N LEU H 246 29.10 15.97 45.86
CA LEU H 246 27.79 15.89 45.22
C LEU H 246 27.53 17.03 44.26
N TYR H 247 28.07 18.24 44.57
CA TYR H 247 27.94 19.43 43.72
C TYR H 247 28.63 19.19 42.36
N ALA H 248 29.81 18.54 42.36
CA ALA H 248 30.59 18.21 41.17
C ALA H 248 29.84 17.24 40.25
N ALA H 249 29.23 16.19 40.83
CA ALA H 249 28.45 15.19 40.11
C ALA H 249 27.12 15.75 39.61
N SER H 250 26.55 16.72 40.35
CA SER H 250 25.28 17.39 40.07
C SER H 250 25.21 18.14 38.75
N HIS H 251 26.34 18.71 38.29
CA HIS H 251 26.44 19.50 37.06
C HIS H 251 25.79 18.85 35.83
N PHE H 252 26.09 17.55 35.59
CA PHE H 252 25.52 16.78 34.48
C PHE H 252 24.03 16.51 34.68
N TYR H 253 23.62 16.19 35.93
CA TYR H 253 22.24 15.92 36.33
C TYR H 253 21.37 17.18 36.18
N ALA H 254 21.98 18.36 36.45
CA ALA H 254 21.34 19.68 36.33
C ALA H 254 21.09 20.05 34.88
N THR H 255 22.06 19.77 33.98
CA THR H 255 21.95 20.04 32.54
C THR H 255 20.84 19.20 31.90
N TYR H 256 20.60 17.97 32.43
CA TYR H 256 19.54 17.08 31.96
C TYR H 256 18.16 17.66 32.27
N HIS H 257 17.92 18.04 33.54
CA HIS H 257 16.67 18.63 34.02
C HIS H 257 16.33 19.93 33.29
N ARG H 258 17.38 20.70 32.92
CA ARG H 258 17.28 21.97 32.20
C ARG H 258 16.85 21.80 30.73
N GLU H 259 17.14 20.62 30.13
CA GLU H 259 16.77 20.33 28.74
C GLU H 259 15.55 19.41 28.60
N ALA H 260 15.31 18.54 29.60
CA ALA H 260 14.18 17.60 29.59
C ALA H 260 12.91 18.22 30.21
N TYR H 261 13.04 18.83 31.41
CA TYR H 261 11.92 19.45 32.14
C TYR H 261 11.90 20.98 32.01
N ASP H 262 13.02 21.58 31.54
CA ASP H 262 13.22 23.03 31.39
C ASP H 262 13.00 23.79 32.72
N ILE H 263 13.81 23.41 33.72
CA ILE H 263 13.78 23.92 35.09
C ILE H 263 15.22 24.09 35.62
N ASP H 264 15.48 25.15 36.43
CA ASP H 264 16.79 25.40 37.03
C ASP H 264 16.81 24.72 38.42
N ALA H 265 16.45 23.43 38.44
CA ALA H 265 16.35 22.60 39.65
C ALA H 265 16.43 21.10 39.31
N ILE H 266 16.85 20.29 40.29
CA ILE H 266 16.94 18.83 40.14
C ILE H 266 15.99 18.12 41.11
N TYR H 267 15.25 17.11 40.60
CA TYR H 267 14.34 16.35 41.44
C TYR H 267 15.13 15.38 42.31
N LEU H 268 14.90 15.45 43.62
CA LEU H 268 15.58 14.61 44.60
C LEU H 268 14.77 13.32 44.80
N HIS H 269 14.92 12.37 43.87
CA HIS H 269 14.19 11.11 43.87
C HIS H 269 14.65 10.19 45.00
N ASP H 270 15.84 9.60 44.86
CA ASP H 270 16.47 8.69 45.81
C ASP H 270 16.70 9.30 47.21
N PRO H 271 17.21 10.55 47.36
CA PRO H 271 17.40 11.10 48.73
C PRO H 271 16.12 11.35 49.52
N ALA H 272 14.97 11.65 48.83
CA ALA H 272 13.68 11.86 49.49
C ALA H 272 13.15 10.55 50.07
N THR H 273 13.45 9.42 49.41
CA THR H 273 13.10 8.06 49.81
C THR H 273 13.89 7.71 51.08
N MET H 274 15.15 8.18 51.16
CA MET H 274 16.03 7.98 52.31
C MET H 274 15.51 8.76 53.54
N VAL H 275 14.85 9.91 53.31
CA VAL H 275 14.26 10.74 54.34
C VAL H 275 13.12 9.98 55.03
N ALA H 276 12.32 9.21 54.27
CA ALA H 276 11.23 8.38 54.79
C ALA H 276 11.76 7.32 55.77
N ALA H 277 12.99 6.82 55.54
CA ALA H 277 13.67 5.86 56.41
C ALA H 277 14.10 6.54 57.72
N VAL H 278 14.58 7.80 57.60
CA VAL H 278 15.04 8.65 58.71
C VAL H 278 13.83 9.08 59.55
N ASP H 279 12.88 9.83 58.94
CA ASP H 279 11.68 10.33 59.60
C ASP H 279 10.47 10.15 58.68
N PRO H 280 9.64 9.11 58.91
CA PRO H 280 8.46 8.88 58.06
C PRO H 280 7.32 9.87 58.26
N SER H 281 7.35 10.65 59.37
CA SER H 281 6.34 11.65 59.72
C SER H 281 6.23 12.79 58.69
N LEU H 282 7.30 13.00 57.91
CA LEU H 282 7.36 14.05 56.88
C LEU H 282 6.50 13.74 55.65
N MET H 283 5.84 12.55 55.63
CA MET H 283 4.98 12.09 54.55
C MET H 283 3.66 11.51 55.06
N THR H 284 2.58 11.68 54.28
CA THR H 284 1.25 11.14 54.58
C THR H 284 1.05 9.92 53.69
N TYR H 285 0.58 8.82 54.27
CA TYR H 285 0.41 7.57 53.53
C TYR H 285 -1.02 7.10 53.42
N ALA H 286 -1.33 6.40 52.31
CA ALA H 286 -2.62 5.78 52.03
C ALA H 286 -2.40 4.28 51.93
N THR H 287 -3.20 3.48 52.66
CA THR H 287 -3.08 2.03 52.66
C THR H 287 -4.02 1.41 51.64
N GLY H 288 -3.48 0.50 50.84
CA GLY H 288 -4.21 -0.22 49.80
C GLY H 288 -3.33 -1.10 48.93
N ALA H 289 -3.95 -1.80 47.96
CA ALA H 289 -3.26 -2.73 47.05
C ALA H 289 -2.66 -2.04 45.82
N VAL H 290 -1.45 -2.48 45.42
CA VAL H 290 -0.73 -1.97 44.25
C VAL H 290 -0.45 -3.12 43.28
N ARG H 291 -0.80 -2.93 42.00
CA ARG H 291 -0.55 -3.89 40.94
C ARG H 291 0.21 -3.22 39.80
N VAL H 292 1.07 -4.00 39.11
CA VAL H 292 1.91 -3.49 38.01
C VAL H 292 1.56 -4.17 36.68
N GLN H 293 1.30 -3.37 35.64
CA GLN H 293 1.03 -3.86 34.30
C GLN H 293 2.37 -4.29 33.68
N LYS H 294 2.51 -5.59 33.33
CA LYS H 294 3.77 -6.12 32.80
C LYS H 294 3.98 -6.01 31.28
N ASP H 295 2.88 -5.92 30.50
CA ASP H 295 2.95 -5.84 29.03
C ASP H 295 2.44 -4.49 28.54
N GLY H 296 3.15 -3.90 27.57
CA GLY H 296 2.86 -2.60 26.98
C GLY H 296 1.48 -2.48 26.33
N ILE H 297 1.01 -1.28 25.93
CA ILE H 297 1.59 0.07 25.96
C ILE H 297 1.91 0.60 27.37
N CYS H 298 1.09 0.23 28.37
CA CYS H 298 1.23 0.66 29.75
C CYS H 298 2.15 -0.22 30.61
N LYS H 299 3.20 -0.81 30.00
CA LYS H 299 4.19 -1.63 30.69
C LYS H 299 4.85 -0.77 31.79
N GLY H 300 4.89 -1.30 33.01
CA GLY H 300 5.48 -0.64 34.17
C GLY H 300 4.58 0.32 34.92
N LEU H 301 3.27 0.35 34.59
CA LEU H 301 2.32 1.24 35.25
C LEU H 301 1.97 0.69 36.64
N THR H 302 2.03 1.56 37.65
CA THR H 302 1.70 1.21 39.03
C THR H 302 0.29 1.71 39.34
N LEU H 303 -0.63 0.79 39.65
CA LEU H 303 -1.99 1.18 39.99
C LEU H 303 -2.36 0.86 41.42
N PHE H 304 -2.73 1.90 42.18
CA PHE H 304 -3.10 1.82 43.58
C PHE H 304 -4.60 1.86 43.78
N ASN H 305 -5.10 0.94 44.61
CA ASN H 305 -6.52 0.84 44.97
C ASN H 305 -6.69 1.24 46.44
N ASN H 306 -7.24 2.44 46.67
CA ASN H 306 -7.47 3.07 47.98
C ASN H 306 -7.92 2.23 49.21
N SER H 307 -8.30 0.94 49.00
CA SER H 307 -8.75 -0.07 49.99
C SER H 307 -10.19 0.08 50.51
N ASN H 308 -10.62 1.32 50.81
CA ASN H 308 -11.97 1.63 51.27
C ASN H 308 -13.01 1.49 50.13
N LYS H 309 -12.64 0.76 49.06
CA LYS H 309 -13.46 0.54 47.87
C LYS H 309 -14.23 -0.78 47.90
N VAL H 310 -15.57 -0.68 47.80
CA VAL H 310 -16.52 -1.82 47.77
C VAL H 310 -16.58 -2.30 46.32
N TRP H 311 -16.19 -3.56 46.06
CA TRP H 311 -16.16 -4.12 44.72
C TRP H 311 -17.13 -5.29 44.55
N HIS H 312 -18.28 -5.02 43.92
CA HIS H 312 -19.39 -5.93 43.63
C HIS H 312 -19.02 -7.39 43.14
N ASP H 313 -17.90 -7.56 42.44
CA ASP H 313 -17.32 -8.81 41.96
C ASP H 313 -15.80 -8.64 42.12
N PRO H 314 -15.02 -9.67 42.57
CA PRO H 314 -13.59 -9.46 42.81
C PRO H 314 -12.75 -8.98 41.62
N THR H 315 -11.83 -8.06 41.91
CA THR H 315 -10.89 -7.45 40.96
C THR H 315 -9.49 -8.02 41.18
N ASP H 316 -8.51 -7.64 40.34
CA ASP H 316 -7.13 -8.09 40.48
C ASP H 316 -6.39 -7.38 41.63
N TRP H 317 -7.11 -6.50 42.36
CA TRP H 317 -6.62 -5.77 43.52
C TRP H 317 -7.25 -6.34 44.80
N CYS H 318 -8.30 -7.16 44.64
CA CYS H 318 -9.01 -7.82 45.75
C CYS H 318 -8.20 -9.01 46.25
N GLY H 319 -8.04 -9.09 47.57
CA GLY H 319 -7.28 -10.15 48.23
C GLY H 319 -5.78 -9.99 48.15
N ILE H 320 -5.32 -8.80 47.73
CA ILE H 320 -3.90 -8.46 47.60
C ILE H 320 -3.46 -7.75 48.89
N PRO H 321 -2.31 -8.15 49.51
CA PRO H 321 -1.87 -7.49 50.75
C PRO H 321 -1.69 -5.97 50.59
N PRO H 322 -2.26 -5.17 51.52
CA PRO H 322 -2.14 -3.70 51.38
C PRO H 322 -0.74 -3.18 51.69
N VAL H 323 -0.39 -2.05 51.05
CA VAL H 323 0.90 -1.36 51.21
C VAL H 323 0.68 0.13 51.47
N LYS H 324 1.63 0.80 52.13
CA LYS H 324 1.53 2.24 52.42
C LYS H 324 2.11 3.00 51.23
N VAL H 325 1.31 3.90 50.64
CA VAL H 325 1.72 4.70 49.49
C VAL H 325 1.73 6.18 49.88
N ALA H 326 2.89 6.84 49.74
CA ALA H 326 3.08 8.26 50.05
C ALA H 326 2.20 9.13 49.17
N VAL H 327 1.35 9.97 49.80
CA VAL H 327 0.40 10.86 49.13
C VAL H 327 0.87 12.32 49.17
N THR H 328 1.27 12.83 50.36
CA THR H 328 1.76 14.20 50.52
C THR H 328 3.11 14.27 51.22
N VAL H 329 3.90 15.31 50.87
CA VAL H 329 5.24 15.58 51.42
C VAL H 329 5.30 16.94 52.07
N ASP H 330 6.26 17.10 53.00
CA ASP H 330 6.55 18.39 53.61
C ASP H 330 7.82 18.88 52.92
N ARG H 331 7.70 19.16 51.61
CA ARG H 331 8.78 19.57 50.71
C ARG H 331 9.86 20.48 51.30
N GLU H 332 9.46 21.45 52.14
CA GLU H 332 10.37 22.38 52.82
C GLU H 332 11.23 21.65 53.83
N ARG H 333 10.62 20.82 54.71
CA ARG H 333 11.31 20.05 55.74
C ARG H 333 12.17 18.92 55.20
N VAL H 334 11.78 18.34 54.03
CA VAL H 334 12.54 17.25 53.39
C VAL H 334 13.82 17.84 52.79
N ALA H 335 13.69 18.95 52.02
CA ALA H 335 14.82 19.64 51.39
C ALA H 335 15.74 20.34 52.40
N SER H 336 15.22 20.70 53.59
CA SER H 336 16.04 21.35 54.63
C SER H 336 16.92 20.30 55.34
N LEU H 337 16.35 19.10 55.60
CA LEU H 337 17.05 17.97 56.22
C LEU H 337 18.14 17.45 55.27
N LEU H 338 17.81 17.38 53.96
CA LEU H 338 18.76 17.01 52.90
C LEU H 338 19.46 18.31 52.55
N LYS H 339 20.34 18.80 53.43
CA LYS H 339 21.11 20.04 53.29
C LYS H 339 21.85 20.24 54.57
N GLU H 340 21.12 20.36 55.71
CA GLU H 340 21.74 20.50 57.04
C GLU H 340 22.66 19.31 57.36
N ARG H 341 22.35 18.14 56.78
CA ARG H 341 23.11 16.90 56.91
C ARG H 341 24.28 16.84 55.91
N LEU H 342 24.03 17.31 54.67
CA LEU H 342 25.02 17.31 53.58
C LEU H 342 25.93 18.55 53.54
N THR H 343 25.65 19.56 54.39
CA THR H 343 26.42 20.82 54.50
C THR H 343 27.29 20.80 55.78
N ALA H 344 26.87 20.02 56.81
CA ALA H 344 27.55 19.87 58.09
C ALA H 344 28.99 19.31 57.92
N PRO H 345 30.01 19.93 58.56
CA PRO H 345 31.37 19.43 58.41
C PRO H 345 31.73 18.37 59.45
CA CA I . 34.31 3.47 2.29
CA CA J . 1.72 32.93 -0.23
CA CA K . -22.32 17.07 -24.30
CA CA L . 1.04 -14.40 -44.37
CA CA M . 17.46 -29.23 -5.26
CA CA N . -25.33 -20.85 1.53
CA CA O . -24.17 5.32 28.67
CA CA P . 18.23 5.05 41.55
#